data_3ETW
# 
_entry.id   3ETW 
# 
_audit_conform.dict_name       mmcif_pdbx.dic 
_audit_conform.dict_version    5.383 
_audit_conform.dict_location   http://mmcif.pdb.org/dictionaries/ascii/mmcif_pdbx.dic 
# 
loop_
_database_2.database_id 
_database_2.database_code 
_database_2.pdbx_database_accession 
_database_2.pdbx_DOI 
PDB   3ETW         pdb_00003etw 10.2210/pdb3etw/pdb 
RCSB  RCSB049761   ?            ?                   
WWPDB D_1000049761 ?            ?                   
# 
loop_
_pdbx_audit_revision_history.ordinal 
_pdbx_audit_revision_history.data_content_type 
_pdbx_audit_revision_history.major_revision 
_pdbx_audit_revision_history.minor_revision 
_pdbx_audit_revision_history.revision_date 
1 'Structure model' 1 0 2008-12-02 
2 'Structure model' 1 1 2011-07-13 
3 'Structure model' 1 2 2017-10-25 
4 'Structure model' 1 3 2023-12-27 
# 
_pdbx_audit_revision_details.ordinal             1 
_pdbx_audit_revision_details.revision_ordinal    1 
_pdbx_audit_revision_details.data_content_type   'Structure model' 
_pdbx_audit_revision_details.provider            repository 
_pdbx_audit_revision_details.type                'Initial release' 
_pdbx_audit_revision_details.description         ? 
_pdbx_audit_revision_details.details             ? 
# 
loop_
_pdbx_audit_revision_group.ordinal 
_pdbx_audit_revision_group.revision_ordinal 
_pdbx_audit_revision_group.data_content_type 
_pdbx_audit_revision_group.group 
1 2 'Structure model' 'Version format compliance' 
2 3 'Structure model' 'Refinement description'    
3 4 'Structure model' 'Data collection'           
4 4 'Structure model' 'Database references'       
5 4 'Structure model' 'Derived calculations'      
# 
loop_
_pdbx_audit_revision_category.ordinal 
_pdbx_audit_revision_category.revision_ordinal 
_pdbx_audit_revision_category.data_content_type 
_pdbx_audit_revision_category.category 
1 3 'Structure model' software           
2 4 'Structure model' chem_comp_atom     
3 4 'Structure model' chem_comp_bond     
4 4 'Structure model' database_2         
5 4 'Structure model' struct_ref_seq_dif 
6 4 'Structure model' struct_site        
# 
loop_
_pdbx_audit_revision_item.ordinal 
_pdbx_audit_revision_item.revision_ordinal 
_pdbx_audit_revision_item.data_content_type 
_pdbx_audit_revision_item.item 
1  3 'Structure model' '_software.classification'            
2  3 'Structure model' '_software.contact_author'            
3  3 'Structure model' '_software.contact_author_email'      
4  3 'Structure model' '_software.date'                      
5  3 'Structure model' '_software.language'                  
6  3 'Structure model' '_software.location'                  
7  3 'Structure model' '_software.name'                      
8  3 'Structure model' '_software.type'                      
9  3 'Structure model' '_software.version'                   
10 4 'Structure model' '_database_2.pdbx_DOI'                
11 4 'Structure model' '_database_2.pdbx_database_accession' 
12 4 'Structure model' '_struct_ref_seq_dif.details'         
13 4 'Structure model' '_struct_site.pdbx_auth_asym_id'      
14 4 'Structure model' '_struct_site.pdbx_auth_comp_id'      
15 4 'Structure model' '_struct_site.pdbx_auth_seq_id'       
# 
_pdbx_database_PDB_obs_spr.id               SPRSDE 
_pdbx_database_PDB_obs_spr.date             2008-12-02 
_pdbx_database_PDB_obs_spr.pdb_id           3ETW 
_pdbx_database_PDB_obs_spr.replace_pdb_id   2AVR 
_pdbx_database_PDB_obs_spr.details          ? 
# 
_pdbx_database_status.entry_id                        3ETW 
_pdbx_database_status.deposit_site                    RCSB 
_pdbx_database_status.process_site                    RCSB 
_pdbx_database_status.recvd_initial_deposition_date   2008-10-08 
_pdbx_database_status.status_code                     REL 
_pdbx_database_status.status_code_sf                  REL 
_pdbx_database_status.status_code_mr                  ? 
_pdbx_database_status.SG_entry                        . 
_pdbx_database_status.pdb_format_compatible           Y 
_pdbx_database_status.status_code_cs                  ? 
_pdbx_database_status.methods_development_category    ? 
_pdbx_database_status.status_code_nmr_data            ? 
# 
loop_
_pdbx_database_related.db_name 
_pdbx_database_related.db_id 
_pdbx_database_related.details 
_pdbx_database_related.content_type 
PDB 3ETX 'Crystal Structure of bacterial adhesin FadA L14A mutant' unspecified 
PDB 3ETY 'Crystal Structure of bacterial adhesin FadA L14A mutant' unspecified 
PDB 3ETZ 'Crystal Structure of bacterial adhesin FadA L76A mutant' unspecified 
# 
loop_
_audit_author.name 
_audit_author.pdbx_ordinal 
'Nithianantham, S.' 1 
'Xu, M.'            2 
'Wu, N.'            3 
'Shoham, M.'        4 
'Han, Y.W.'         5 
# 
loop_
_citation.id 
_citation.title 
_citation.journal_abbrev 
_citation.journal_volume 
_citation.page_first 
_citation.page_last 
_citation.year 
_citation.journal_id_ASTM 
_citation.country 
_citation.journal_id_ISSN 
_citation.journal_id_CSD 
_citation.book_publisher 
_citation.pdbx_database_id_PubMed 
_citation.pdbx_database_id_DOI 
primary 'Crystal Structure of FadA Adhesin from Fusobacterium nucleatum Reveals a Novel Oligomerization Motif, the Leucine Chain.' 
J.Biol.Chem.               284 3865 3872 2009 JBCHA3 US 0021-9258 0071 ? 18996848 10.1074/jbc.M805503200 
1       'Crystallization and preliminary X-ray data of the FadA adhesin from Fusobacterium nucleatum'                              
'Acta Crystallogr.,Sect.F' 62  1215 1217 2006 ?      DK 1744-3091 ?    ? ?        ?                      
# 
loop_
_citation_author.citation_id 
_citation_author.name 
_citation_author.ordinal 
_citation_author.identifier_ORCID 
primary 'Nithianantham, S.' 1  ? 
primary 'Xu, M.'            2  ? 
primary 'Yamada, M.'        3  ? 
primary 'Ikegami, A.'       4  ? 
primary 'Shoham, M.'        5  ? 
primary 'Han, Y.W.'         6  ? 
1       'Nithianantham, S.' 7  ? 
1       'Xu, M.'            8  ? 
1       'Wu, N.'            9  ? 
1       'Han, Y.W.'         10 ? 
1       'Shoham, M.'        11 ? 
# 
loop_
_entity.id 
_entity.type 
_entity.src_method 
_entity.pdbx_description 
_entity.formula_weight 
_entity.pdbx_number_of_molecules 
_entity.pdbx_ec 
_entity.pdbx_mutation 
_entity.pdbx_fragment 
_entity.details 
1 polymer     man 'Adhesin A'       13669.839 1   ? ? ? ? 
2 non-polymer syn 'THIOCYANATE ION' 58.082    1   ? ? ? ? 
3 water       nat water             18.015    162 ? ? ? ? 
# 
_entity_poly.entity_id                      1 
_entity_poly.type                           'polypeptide(L)' 
_entity_poly.nstd_linkage                   no 
_entity_poly.nstd_monomer                   no 
_entity_poly.pdbx_seq_one_letter_code       
;ATDAASLVGELQALDAEYQNLANQEEARFNEERAQADAARQALAQNEQVYNELSQRAQRLQAEANTRFYKSQYQELASKY
EDALKKLEAEMEQQKAVISDFEKIQALRAGNLEHHHHHH
;
_entity_poly.pdbx_seq_one_letter_code_can   
;ATDAASLVGELQALDAEYQNLANQEEARFNEERAQADAARQALAQNEQVYNELSQRAQRLQAEANTRFYKSQYQELASKY
EDALKKLEAEMEQQKAVISDFEKIQALRAGNLEHHHHHH
;
_entity_poly.pdbx_strand_id                 A 
_entity_poly.pdbx_target_identifier         ? 
# 
loop_
_pdbx_entity_nonpoly.entity_id 
_pdbx_entity_nonpoly.name 
_pdbx_entity_nonpoly.comp_id 
2 'THIOCYANATE ION' SCN 
3 water             HOH 
# 
loop_
_entity_poly_seq.entity_id 
_entity_poly_seq.num 
_entity_poly_seq.mon_id 
_entity_poly_seq.hetero 
1 1   ALA n 
1 2   THR n 
1 3   ASP n 
1 4   ALA n 
1 5   ALA n 
1 6   SER n 
1 7   LEU n 
1 8   VAL n 
1 9   GLY n 
1 10  GLU n 
1 11  LEU n 
1 12  GLN n 
1 13  ALA n 
1 14  LEU n 
1 15  ASP n 
1 16  ALA n 
1 17  GLU n 
1 18  TYR n 
1 19  GLN n 
1 20  ASN n 
1 21  LEU n 
1 22  ALA n 
1 23  ASN n 
1 24  GLN n 
1 25  GLU n 
1 26  GLU n 
1 27  ALA n 
1 28  ARG n 
1 29  PHE n 
1 30  ASN n 
1 31  GLU n 
1 32  GLU n 
1 33  ARG n 
1 34  ALA n 
1 35  GLN n 
1 36  ALA n 
1 37  ASP n 
1 38  ALA n 
1 39  ALA n 
1 40  ARG n 
1 41  GLN n 
1 42  ALA n 
1 43  LEU n 
1 44  ALA n 
1 45  GLN n 
1 46  ASN n 
1 47  GLU n 
1 48  GLN n 
1 49  VAL n 
1 50  TYR n 
1 51  ASN n 
1 52  GLU n 
1 53  LEU n 
1 54  SER n 
1 55  GLN n 
1 56  ARG n 
1 57  ALA n 
1 58  GLN n 
1 59  ARG n 
1 60  LEU n 
1 61  GLN n 
1 62  ALA n 
1 63  GLU n 
1 64  ALA n 
1 65  ASN n 
1 66  THR n 
1 67  ARG n 
1 68  PHE n 
1 69  TYR n 
1 70  LYS n 
1 71  SER n 
1 72  GLN n 
1 73  TYR n 
1 74  GLN n 
1 75  GLU n 
1 76  LEU n 
1 77  ALA n 
1 78  SER n 
1 79  LYS n 
1 80  TYR n 
1 81  GLU n 
1 82  ASP n 
1 83  ALA n 
1 84  LEU n 
1 85  LYS n 
1 86  LYS n 
1 87  LEU n 
1 88  GLU n 
1 89  ALA n 
1 90  GLU n 
1 91  MET n 
1 92  GLU n 
1 93  GLN n 
1 94  GLN n 
1 95  LYS n 
1 96  ALA n 
1 97  VAL n 
1 98  ILE n 
1 99  SER n 
1 100 ASP n 
1 101 PHE n 
1 102 GLU n 
1 103 LYS n 
1 104 ILE n 
1 105 GLN n 
1 106 ALA n 
1 107 LEU n 
1 108 ARG n 
1 109 ALA n 
1 110 GLY n 
1 111 ASN n 
1 112 LEU n 
1 113 GLU n 
1 114 HIS n 
1 115 HIS n 
1 116 HIS n 
1 117 HIS n 
1 118 HIS n 
1 119 HIS n 
# 
_entity_src_gen.entity_id                          1 
_entity_src_gen.pdbx_src_id                        1 
_entity_src_gen.pdbx_alt_source_flag               sample 
_entity_src_gen.pdbx_seq_type                      ? 
_entity_src_gen.pdbx_beg_seq_num                   ? 
_entity_src_gen.pdbx_end_seq_num                   ? 
_entity_src_gen.gene_src_common_name               ? 
_entity_src_gen.gene_src_genus                     ? 
_entity_src_gen.pdbx_gene_src_gene                 fadA 
_entity_src_gen.gene_src_species                   ? 
_entity_src_gen.gene_src_strain                    ? 
_entity_src_gen.gene_src_tissue                    ? 
_entity_src_gen.gene_src_tissue_fraction           ? 
_entity_src_gen.gene_src_details                   ? 
_entity_src_gen.pdbx_gene_src_fragment             ? 
_entity_src_gen.pdbx_gene_src_scientific_name      'Fusobacterium nucleatum' 
_entity_src_gen.pdbx_gene_src_ncbi_taxonomy_id     851 
_entity_src_gen.pdbx_gene_src_variant              ? 
_entity_src_gen.pdbx_gene_src_cell_line            ? 
_entity_src_gen.pdbx_gene_src_atcc                 ? 
_entity_src_gen.pdbx_gene_src_organ                ? 
_entity_src_gen.pdbx_gene_src_organelle            ? 
_entity_src_gen.pdbx_gene_src_cell                 ? 
_entity_src_gen.pdbx_gene_src_cellular_location    ? 
_entity_src_gen.host_org_common_name               ? 
_entity_src_gen.pdbx_host_org_scientific_name      'Escherichia coli' 
_entity_src_gen.pdbx_host_org_ncbi_taxonomy_id     562 
_entity_src_gen.host_org_genus                     ? 
_entity_src_gen.pdbx_host_org_gene                 ? 
_entity_src_gen.pdbx_host_org_organ                ? 
_entity_src_gen.host_org_species                   ? 
_entity_src_gen.pdbx_host_org_tissue               ? 
_entity_src_gen.pdbx_host_org_tissue_fraction      ? 
_entity_src_gen.pdbx_host_org_strain               BL21 
_entity_src_gen.pdbx_host_org_variant              ? 
_entity_src_gen.pdbx_host_org_cell_line            ? 
_entity_src_gen.pdbx_host_org_atcc                 ? 
_entity_src_gen.pdbx_host_org_culture_collection   ? 
_entity_src_gen.pdbx_host_org_cell                 ? 
_entity_src_gen.pdbx_host_org_organelle            ? 
_entity_src_gen.pdbx_host_org_cellular_location    ? 
_entity_src_gen.pdbx_host_org_vector_type          Plasmid 
_entity_src_gen.pdbx_host_org_vector               ? 
_entity_src_gen.host_org_details                   ? 
_entity_src_gen.expression_system_id               ? 
_entity_src_gen.plasmid_name                       'pET21(b)' 
_entity_src_gen.plasmid_details                    ? 
_entity_src_gen.pdbx_description                   ? 
# 
loop_
_chem_comp.id 
_chem_comp.type 
_chem_comp.mon_nstd_flag 
_chem_comp.name 
_chem_comp.pdbx_synonyms 
_chem_comp.formula 
_chem_comp.formula_weight 
ALA 'L-peptide linking' y ALANINE           ? 'C3 H7 N O2'     89.093  
ARG 'L-peptide linking' y ARGININE          ? 'C6 H15 N4 O2 1' 175.209 
ASN 'L-peptide linking' y ASPARAGINE        ? 'C4 H8 N2 O3'    132.118 
ASP 'L-peptide linking' y 'ASPARTIC ACID'   ? 'C4 H7 N O4'     133.103 
GLN 'L-peptide linking' y GLUTAMINE         ? 'C5 H10 N2 O3'   146.144 
GLU 'L-peptide linking' y 'GLUTAMIC ACID'   ? 'C5 H9 N O4'     147.129 
GLY 'peptide linking'   y GLYCINE           ? 'C2 H5 N O2'     75.067  
HIS 'L-peptide linking' y HISTIDINE         ? 'C6 H10 N3 O2 1' 156.162 
HOH non-polymer         . WATER             ? 'H2 O'           18.015  
ILE 'L-peptide linking' y ISOLEUCINE        ? 'C6 H13 N O2'    131.173 
LEU 'L-peptide linking' y LEUCINE           ? 'C6 H13 N O2'    131.173 
LYS 'L-peptide linking' y LYSINE            ? 'C6 H15 N2 O2 1' 147.195 
MET 'L-peptide linking' y METHIONINE        ? 'C5 H11 N O2 S'  149.211 
PHE 'L-peptide linking' y PHENYLALANINE     ? 'C9 H11 N O2'    165.189 
SCN non-polymer         . 'THIOCYANATE ION' ? 'C N S -1'       58.082  
SER 'L-peptide linking' y SERINE            ? 'C3 H7 N O3'     105.093 
THR 'L-peptide linking' y THREONINE         ? 'C4 H9 N O3'     119.119 
TYR 'L-peptide linking' y TYROSINE          ? 'C9 H11 N O3'    181.189 
VAL 'L-peptide linking' y VALINE            ? 'C5 H11 N O2'    117.146 
# 
loop_
_pdbx_poly_seq_scheme.asym_id 
_pdbx_poly_seq_scheme.entity_id 
_pdbx_poly_seq_scheme.seq_id 
_pdbx_poly_seq_scheme.mon_id 
_pdbx_poly_seq_scheme.ndb_seq_num 
_pdbx_poly_seq_scheme.pdb_seq_num 
_pdbx_poly_seq_scheme.auth_seq_num 
_pdbx_poly_seq_scheme.pdb_mon_id 
_pdbx_poly_seq_scheme.auth_mon_id 
_pdbx_poly_seq_scheme.pdb_strand_id 
_pdbx_poly_seq_scheme.pdb_ins_code 
_pdbx_poly_seq_scheme.hetero 
A 1 1   ALA 1   1   ?   ?   ?   A . n 
A 1 2   THR 2   2   ?   ?   ?   A . n 
A 1 3   ASP 3   3   ?   ?   ?   A . n 
A 1 4   ALA 4   4   4   ALA ALA A . n 
A 1 5   ALA 5   5   5   ALA ALA A . n 
A 1 6   SER 6   6   6   SER SER A . n 
A 1 7   LEU 7   7   7   LEU LEU A . n 
A 1 8   VAL 8   8   8   VAL VAL A . n 
A 1 9   GLY 9   9   9   GLY GLY A . n 
A 1 10  GLU 10  10  10  GLU GLU A . n 
A 1 11  LEU 11  11  11  LEU LEU A . n 
A 1 12  GLN 12  12  12  GLN GLN A . n 
A 1 13  ALA 13  13  13  ALA ALA A . n 
A 1 14  LEU 14  14  14  LEU LEU A . n 
A 1 15  ASP 15  15  15  ASP ASP A . n 
A 1 16  ALA 16  16  16  ALA ALA A . n 
A 1 17  GLU 17  17  17  GLU GLU A . n 
A 1 18  TYR 18  18  18  TYR TYR A . n 
A 1 19  GLN 19  19  19  GLN GLN A . n 
A 1 20  ASN 20  20  20  ASN ASN A . n 
A 1 21  LEU 21  21  21  LEU LEU A . n 
A 1 22  ALA 22  22  22  ALA ALA A . n 
A 1 23  ASN 23  23  23  ASN ASN A . n 
A 1 24  GLN 24  24  24  GLN GLN A . n 
A 1 25  GLU 25  25  25  GLU GLU A . n 
A 1 26  GLU 26  26  26  GLU GLU A . n 
A 1 27  ALA 27  27  27  ALA ALA A . n 
A 1 28  ARG 28  28  28  ARG ARG A . n 
A 1 29  PHE 29  29  29  PHE PHE A . n 
A 1 30  ASN 30  30  30  ASN ASN A . n 
A 1 31  GLU 31  31  31  GLU GLU A . n 
A 1 32  GLU 32  32  32  GLU GLU A . n 
A 1 33  ARG 33  33  33  ARG ARG A . n 
A 1 34  ALA 34  34  34  ALA ALA A . n 
A 1 35  GLN 35  35  35  GLN GLN A . n 
A 1 36  ALA 36  36  36  ALA ALA A . n 
A 1 37  ASP 37  37  37  ASP ASP A . n 
A 1 38  ALA 38  38  38  ALA ALA A . n 
A 1 39  ALA 39  39  39  ALA ALA A . n 
A 1 40  ARG 40  40  40  ARG ARG A . n 
A 1 41  GLN 41  41  41  GLN GLN A . n 
A 1 42  ALA 42  42  42  ALA ALA A . n 
A 1 43  LEU 43  43  43  LEU LEU A . n 
A 1 44  ALA 44  44  44  ALA ALA A . n 
A 1 45  GLN 45  45  45  GLN GLN A . n 
A 1 46  ASN 46  46  46  ASN ASN A . n 
A 1 47  GLU 47  47  47  GLU GLU A . n 
A 1 48  GLN 48  48  48  GLN GLN A . n 
A 1 49  VAL 49  49  49  VAL VAL A . n 
A 1 50  TYR 50  50  50  TYR TYR A . n 
A 1 51  ASN 51  51  51  ASN ASN A . n 
A 1 52  GLU 52  52  52  GLU GLU A . n 
A 1 53  LEU 53  53  53  LEU LEU A . n 
A 1 54  SER 54  54  54  SER SER A . n 
A 1 55  GLN 55  55  55  GLN GLN A . n 
A 1 56  ARG 56  56  56  ARG ARG A . n 
A 1 57  ALA 57  57  57  ALA ALA A . n 
A 1 58  GLN 58  58  58  GLN GLN A . n 
A 1 59  ARG 59  59  59  ARG ARG A . n 
A 1 60  LEU 60  60  60  LEU LEU A . n 
A 1 61  GLN 61  61  61  GLN GLN A . n 
A 1 62  ALA 62  62  62  ALA ALA A . n 
A 1 63  GLU 63  63  63  GLU GLU A . n 
A 1 64  ALA 64  64  64  ALA ALA A . n 
A 1 65  ASN 65  65  65  ASN ASN A . n 
A 1 66  THR 66  66  66  THR THR A . n 
A 1 67  ARG 67  67  67  ARG ARG A . n 
A 1 68  PHE 68  68  68  PHE PHE A . n 
A 1 69  TYR 69  69  69  TYR TYR A . n 
A 1 70  LYS 70  70  70  LYS LYS A . n 
A 1 71  SER 71  71  71  SER SER A . n 
A 1 72  GLN 72  72  72  GLN GLN A . n 
A 1 73  TYR 73  73  73  TYR TYR A . n 
A 1 74  GLN 74  74  74  GLN GLN A . n 
A 1 75  GLU 75  75  75  GLU GLU A . n 
A 1 76  LEU 76  76  76  LEU LEU A . n 
A 1 77  ALA 77  77  77  ALA ALA A . n 
A 1 78  SER 78  78  78  SER SER A . n 
A 1 79  LYS 79  79  79  LYS LYS A . n 
A 1 80  TYR 80  80  80  TYR TYR A . n 
A 1 81  GLU 81  81  81  GLU GLU A . n 
A 1 82  ASP 82  82  82  ASP ASP A . n 
A 1 83  ALA 83  83  83  ALA ALA A . n 
A 1 84  LEU 84  84  84  LEU LEU A . n 
A 1 85  LYS 85  85  85  LYS LYS A . n 
A 1 86  LYS 86  86  86  LYS LYS A . n 
A 1 87  LEU 87  87  87  LEU LEU A . n 
A 1 88  GLU 88  88  88  GLU GLU A . n 
A 1 89  ALA 89  89  89  ALA ALA A . n 
A 1 90  GLU 90  90  90  GLU GLU A . n 
A 1 91  MET 91  91  91  MET MET A . n 
A 1 92  GLU 92  92  92  GLU GLU A . n 
A 1 93  GLN 93  93  93  GLN GLN A . n 
A 1 94  GLN 94  94  94  GLN GLN A . n 
A 1 95  LYS 95  95  95  LYS LYS A . n 
A 1 96  ALA 96  96  96  ALA ALA A . n 
A 1 97  VAL 97  97  97  VAL VAL A . n 
A 1 98  ILE 98  98  98  ILE ILE A . n 
A 1 99  SER 99  99  99  SER SER A . n 
A 1 100 ASP 100 100 100 ASP ASP A . n 
A 1 101 PHE 101 101 101 PHE PHE A . n 
A 1 102 GLU 102 102 102 GLU GLU A . n 
A 1 103 LYS 103 103 103 LYS LYS A . n 
A 1 104 ILE 104 104 104 ILE ILE A . n 
A 1 105 GLN 105 105 105 GLN GLN A . n 
A 1 106 ALA 106 106 106 ALA ALA A . n 
A 1 107 LEU 107 107 107 LEU LEU A . n 
A 1 108 ARG 108 108 108 ARG ARG A . n 
A 1 109 ALA 109 109 109 ALA ALA A . n 
A 1 110 GLY 110 110 110 GLY GLY A . n 
A 1 111 ASN 111 111 111 ASN ASN A . n 
A 1 112 LEU 112 112 112 LEU LEU A . n 
A 1 113 GLU 113 113 ?   ?   ?   A . n 
A 1 114 HIS 114 114 ?   ?   ?   A . n 
A 1 115 HIS 115 115 ?   ?   ?   A . n 
A 1 116 HIS 116 116 ?   ?   ?   A . n 
A 1 117 HIS 117 117 ?   ?   ?   A . n 
A 1 118 HIS 118 118 ?   ?   ?   A . n 
A 1 119 HIS 119 119 ?   ?   ?   A . n 
# 
loop_
_pdbx_nonpoly_scheme.asym_id 
_pdbx_nonpoly_scheme.entity_id 
_pdbx_nonpoly_scheme.mon_id 
_pdbx_nonpoly_scheme.ndb_seq_num 
_pdbx_nonpoly_scheme.pdb_seq_num 
_pdbx_nonpoly_scheme.auth_seq_num 
_pdbx_nonpoly_scheme.pdb_mon_id 
_pdbx_nonpoly_scheme.auth_mon_id 
_pdbx_nonpoly_scheme.pdb_strand_id 
_pdbx_nonpoly_scheme.pdb_ins_code 
B 2 SCN 1   130 130 SCN SCN A . 
C 3 HOH 1   131 1   HOH WAT A . 
C 3 HOH 2   132 2   HOH WAT A . 
C 3 HOH 3   133 3   HOH WAT A . 
C 3 HOH 4   134 4   HOH WAT A . 
C 3 HOH 5   135 5   HOH WAT A . 
C 3 HOH 6   136 6   HOH WAT A . 
C 3 HOH 7   137 7   HOH WAT A . 
C 3 HOH 8   138 8   HOH WAT A . 
C 3 HOH 9   139 9   HOH WAT A . 
C 3 HOH 10  140 10  HOH WAT A . 
C 3 HOH 11  141 11  HOH WAT A . 
C 3 HOH 12  142 12  HOH WAT A . 
C 3 HOH 13  143 13  HOH WAT A . 
C 3 HOH 14  144 14  HOH WAT A . 
C 3 HOH 15  145 15  HOH WAT A . 
C 3 HOH 16  146 16  HOH WAT A . 
C 3 HOH 17  147 17  HOH WAT A . 
C 3 HOH 18  148 18  HOH WAT A . 
C 3 HOH 19  149 19  HOH WAT A . 
C 3 HOH 20  150 20  HOH WAT A . 
C 3 HOH 21  151 21  HOH WAT A . 
C 3 HOH 22  152 22  HOH WAT A . 
C 3 HOH 23  153 23  HOH WAT A . 
C 3 HOH 24  154 24  HOH WAT A . 
C 3 HOH 25  155 25  HOH WAT A . 
C 3 HOH 26  156 26  HOH WAT A . 
C 3 HOH 27  157 27  HOH WAT A . 
C 3 HOH 28  158 28  HOH WAT A . 
C 3 HOH 29  159 29  HOH WAT A . 
C 3 HOH 30  160 30  HOH WAT A . 
C 3 HOH 31  161 31  HOH WAT A . 
C 3 HOH 32  162 32  HOH WAT A . 
C 3 HOH 33  163 33  HOH WAT A . 
C 3 HOH 34  164 34  HOH WAT A . 
C 3 HOH 35  165 35  HOH WAT A . 
C 3 HOH 36  166 36  HOH WAT A . 
C 3 HOH 37  167 37  HOH WAT A . 
C 3 HOH 38  168 38  HOH WAT A . 
C 3 HOH 39  169 39  HOH WAT A . 
C 3 HOH 40  170 40  HOH WAT A . 
C 3 HOH 41  171 41  HOH WAT A . 
C 3 HOH 42  172 42  HOH WAT A . 
C 3 HOH 43  173 43  HOH WAT A . 
C 3 HOH 44  174 44  HOH WAT A . 
C 3 HOH 45  175 45  HOH WAT A . 
C 3 HOH 46  176 46  HOH WAT A . 
C 3 HOH 47  177 47  HOH WAT A . 
C 3 HOH 48  178 48  HOH WAT A . 
C 3 HOH 49  179 49  HOH WAT A . 
C 3 HOH 50  180 50  HOH WAT A . 
C 3 HOH 51  181 51  HOH WAT A . 
C 3 HOH 52  182 52  HOH WAT A . 
C 3 HOH 53  183 53  HOH WAT A . 
C 3 HOH 54  184 54  HOH WAT A . 
C 3 HOH 55  185 55  HOH WAT A . 
C 3 HOH 56  186 56  HOH WAT A . 
C 3 HOH 57  187 57  HOH WAT A . 
C 3 HOH 58  188 58  HOH WAT A . 
C 3 HOH 59  189 59  HOH WAT A . 
C 3 HOH 60  190 60  HOH WAT A . 
C 3 HOH 61  191 61  HOH WAT A . 
C 3 HOH 62  192 62  HOH WAT A . 
C 3 HOH 63  193 63  HOH WAT A . 
C 3 HOH 64  194 64  HOH WAT A . 
C 3 HOH 65  195 65  HOH WAT A . 
C 3 HOH 66  196 66  HOH WAT A . 
C 3 HOH 67  197 67  HOH WAT A . 
C 3 HOH 68  198 68  HOH WAT A . 
C 3 HOH 69  199 69  HOH WAT A . 
C 3 HOH 70  200 70  HOH WAT A . 
C 3 HOH 71  201 71  HOH WAT A . 
C 3 HOH 72  202 72  HOH WAT A . 
C 3 HOH 73  203 73  HOH WAT A . 
C 3 HOH 74  204 74  HOH WAT A . 
C 3 HOH 75  205 75  HOH WAT A . 
C 3 HOH 76  206 76  HOH WAT A . 
C 3 HOH 77  207 77  HOH WAT A . 
C 3 HOH 78  208 78  HOH WAT A . 
C 3 HOH 79  209 79  HOH WAT A . 
C 3 HOH 80  210 80  HOH WAT A . 
C 3 HOH 81  211 81  HOH WAT A . 
C 3 HOH 82  212 82  HOH WAT A . 
C 3 HOH 83  213 83  HOH WAT A . 
C 3 HOH 84  214 84  HOH WAT A . 
C 3 HOH 85  215 85  HOH WAT A . 
C 3 HOH 86  216 86  HOH WAT A . 
C 3 HOH 87  217 87  HOH WAT A . 
C 3 HOH 88  218 88  HOH WAT A . 
C 3 HOH 89  219 89  HOH WAT A . 
C 3 HOH 90  220 90  HOH WAT A . 
C 3 HOH 91  221 91  HOH WAT A . 
C 3 HOH 92  222 92  HOH WAT A . 
C 3 HOH 93  223 93  HOH WAT A . 
C 3 HOH 94  224 94  HOH WAT A . 
C 3 HOH 95  225 95  HOH WAT A . 
C 3 HOH 96  226 96  HOH WAT A . 
C 3 HOH 97  227 97  HOH WAT A . 
C 3 HOH 98  228 98  HOH WAT A . 
C 3 HOH 99  229 99  HOH WAT A . 
C 3 HOH 100 230 100 HOH WAT A . 
C 3 HOH 101 231 101 HOH WAT A . 
C 3 HOH 102 232 102 HOH WAT A . 
C 3 HOH 103 233 103 HOH WAT A . 
C 3 HOH 104 234 104 HOH WAT A . 
C 3 HOH 105 235 105 HOH WAT A . 
C 3 HOH 106 236 106 HOH WAT A . 
C 3 HOH 107 237 107 HOH WAT A . 
C 3 HOH 108 238 108 HOH WAT A . 
C 3 HOH 109 239 109 HOH WAT A . 
C 3 HOH 110 240 110 HOH WAT A . 
C 3 HOH 111 241 111 HOH WAT A . 
C 3 HOH 112 242 112 HOH WAT A . 
C 3 HOH 113 243 113 HOH WAT A . 
C 3 HOH 114 244 114 HOH WAT A . 
C 3 HOH 115 245 115 HOH WAT A . 
C 3 HOH 116 246 116 HOH WAT A . 
C 3 HOH 117 247 117 HOH WAT A . 
C 3 HOH 118 248 118 HOH WAT A . 
C 3 HOH 119 249 119 HOH WAT A . 
C 3 HOH 120 250 120 HOH WAT A . 
C 3 HOH 121 251 121 HOH WAT A . 
C 3 HOH 122 252 122 HOH WAT A . 
C 3 HOH 123 253 123 HOH WAT A . 
C 3 HOH 124 254 124 HOH WAT A . 
C 3 HOH 125 255 125 HOH WAT A . 
C 3 HOH 126 256 126 HOH WAT A . 
C 3 HOH 127 257 127 HOH WAT A . 
C 3 HOH 128 258 128 HOH WAT A . 
C 3 HOH 129 259 129 HOH WAT A . 
C 3 HOH 130 260 130 HOH WAT A . 
C 3 HOH 131 261 131 HOH WAT A . 
C 3 HOH 132 262 132 HOH WAT A . 
C 3 HOH 133 263 133 HOH WAT A . 
C 3 HOH 134 264 134 HOH WAT A . 
C 3 HOH 135 265 135 HOH WAT A . 
C 3 HOH 136 266 136 HOH WAT A . 
C 3 HOH 137 267 137 HOH WAT A . 
C 3 HOH 138 268 138 HOH WAT A . 
C 3 HOH 139 269 139 HOH WAT A . 
C 3 HOH 140 270 140 HOH WAT A . 
C 3 HOH 141 271 141 HOH WAT A . 
C 3 HOH 142 272 142 HOH WAT A . 
C 3 HOH 143 273 143 HOH WAT A . 
C 3 HOH 144 274 144 HOH WAT A . 
C 3 HOH 145 275 145 HOH WAT A . 
C 3 HOH 146 276 146 HOH WAT A . 
C 3 HOH 147 277 147 HOH WAT A . 
C 3 HOH 148 278 148 HOH WAT A . 
C 3 HOH 149 279 149 HOH WAT A . 
C 3 HOH 150 280 150 HOH WAT A . 
C 3 HOH 151 281 151 HOH WAT A . 
C 3 HOH 152 282 152 HOH WAT A . 
C 3 HOH 153 283 153 HOH WAT A . 
C 3 HOH 154 284 154 HOH WAT A . 
C 3 HOH 155 285 155 HOH WAT A . 
C 3 HOH 156 286 156 HOH WAT A . 
C 3 HOH 157 287 157 HOH WAT A . 
C 3 HOH 158 288 158 HOH WAT A . 
C 3 HOH 159 289 159 HOH WAT A . 
C 3 HOH 160 290 160 HOH WAT A . 
C 3 HOH 161 291 161 HOH WAT A . 
C 3 HOH 162 292 162 HOH WAT A . 
# 
loop_
_software.name 
_software.version 
_software.date 
_software.type 
_software.contact_author 
_software.contact_author_email 
_software.classification 
_software.location 
_software.language 
_software.citation_id 
_software.pdbx_ordinal 
DENZO       .     ?               package 'Zbyszek Otwinowski' hkl@hkl-xray.com      'data reduction'  http://www.hkl-xray.com/ ? 
? 1 
SCALEPACK   .     ?               package 'Zbyszek Otwinowski' hkl@hkl-xray.com      'data scaling'    http://www.hkl-xray.com/ ? 
? 2 
SOLVE       2.06  28-Dec-2003     program 'Tom Terwilliger'    terwilliger@LANL.gov  phasing           http://www.solve.lanl.gov/ 
?          ? 3 
CNS         .     ?               package 'Axel T. Brunger'    axel.brunger@yale.edu refinement        http://cns-online.org/ 
Fortran_77 ? 4 
PDB_EXTRACT 3.006 'June 11, 2008' package PDB                  help@deposit.rcsb.org 'data extraction' 
http://sw-tools.pdb.org/apps/PDB_EXTRACT/ C++        ? 5 
HKL-2000    .     ?               ?       ?                    ?                     'data collection' ? ?          ? 6 
HKL-2000    .     ?               ?       ?                    ?                     'data reduction'  ? ?          ? 7 
# 
_cell.length_a           59.340 
_cell.length_b           59.340 
_cell.length_c           126.374 
_cell.angle_alpha        90.000 
_cell.angle_beta         90.000 
_cell.angle_gamma        120.000 
_cell.entry_id           3ETW 
_cell.pdbx_unique_axis   ? 
_cell.Z_PDB              6 
_cell.length_a_esd       ? 
_cell.length_b_esd       ? 
_cell.length_c_esd       ? 
_cell.angle_alpha_esd    ? 
_cell.angle_beta_esd     ? 
_cell.angle_gamma_esd    ? 
# 
_symmetry.space_group_name_H-M             'P 61' 
_symmetry.entry_id                         3ETW 
_symmetry.Int_Tables_number                169 
_symmetry.pdbx_full_space_group_name_H-M   ? 
_symmetry.cell_setting                     ? 
_symmetry.space_group_name_Hall            ? 
# 
_exptl.crystals_number   1 
_exptl.entry_id          3ETW 
_exptl.method            'X-RAY DIFFRACTION' 
# 
_exptl_crystal.id                    1 
_exptl_crystal.density_Matthews      4.70 
_exptl_crystal.density_meas          ? 
_exptl_crystal.density_percent_sol   73.82 
_exptl_crystal.description           ? 
_exptl_crystal.F_000                 ? 
_exptl_crystal.preparation           ? 
# 
_exptl_crystal_grow.crystal_id      1 
_exptl_crystal_grow.method          'VAPOR DIFFUSION, SITTING DROP' 
_exptl_crystal_grow.pH              5.6 
_exptl_crystal_grow.temp            295 
_exptl_crystal_grow.temp_details    ? 
_exptl_crystal_grow.pdbx_details    
'0.1M Sodium citrate pH 5.6, 0.5M potassium thiocyanate, 5% dioxane, VAPOR DIFFUSION, SITTING DROP, temperature 295K' 
_exptl_crystal_grow.pdbx_pH_range   . 
# 
loop_
_diffrn.id 
_diffrn.ambient_temp 
_diffrn.ambient_temp_details 
_diffrn.crystal_id 
1 100 ? 1 
2 100 ? 1 
# 
loop_
_diffrn_detector.diffrn_id 
_diffrn_detector.detector 
_diffrn_detector.type 
_diffrn_detector.pdbx_collection_date 
_diffrn_detector.details 
1 CCD SBC-2  2005-08-03 '3 x 3 mosaic' 
2 CCD NOIR-1 2005-01-14 ?              
# 
loop_
_diffrn_radiation.diffrn_id 
_diffrn_radiation.wavelength_id 
_diffrn_radiation.pdbx_diffrn_protocol 
_diffrn_radiation.monochromator 
_diffrn_radiation.pdbx_monochromatic_or_laue_m_l 
_diffrn_radiation.pdbx_scattering_type 
1 1 'SINGLE WAVELENGTH' 'Double crystal (Si-111)' M x-ray 
2 1 MAD                 'Double crystal (Si-111)' M x-ray 
# 
loop_
_diffrn_radiation_wavelength.id 
_diffrn_radiation_wavelength.wavelength 
_diffrn_radiation_wavelength.wt 
1 1.0332  1.0 
2 0.92871 1.0 
3 0.91999 1.0 
4 0.91979 1.0 
# 
loop_
_diffrn_source.diffrn_id 
_diffrn_source.source 
_diffrn_source.type 
_diffrn_source.pdbx_wavelength 
_diffrn_source.pdbx_wavelength_list 
_diffrn_source.pdbx_synchrotron_site 
_diffrn_source.pdbx_synchrotron_beamline 
1 SYNCHROTRON 'APS BEAMLINE 19-BM' ? 1.0332                      APS 19-BM 
2 SYNCHROTRON 'ALS BEAMLINE 4.2.2' ? '0.92871, 0.91999, 0.91979' ALS 4.2.2 
# 
_reflns.entry_id                     3ETW 
_reflns.d_resolution_high            2.000 
_reflns.d_resolution_low             29.7 
_reflns.number_obs                   15871 
_reflns.pdbx_Rmerge_I_obs            0.045 
_reflns.pdbx_chi_squared             0.677 
_reflns.pdbx_redundancy              6.600 
_reflns.percent_possible_obs         93.000 
_reflns.observed_criterion_sigma_F   0 
_reflns.observed_criterion_sigma_I   0 
_reflns.number_all                   17075 
_reflns.pdbx_Rsym_value              ? 
_reflns.B_iso_Wilson_estimate        36.8 
_reflns.R_free_details               ? 
_reflns.limit_h_max                  ? 
_reflns.limit_h_min                  ? 
_reflns.limit_k_max                  ? 
_reflns.limit_k_min                  ? 
_reflns.limit_l_max                  ? 
_reflns.limit_l_min                  ? 
_reflns.observed_criterion_F_max     ? 
_reflns.observed_criterion_F_min     ? 
_reflns.pdbx_scaling_rejects         ? 
_reflns.pdbx_netI_over_sigmaI        ? 
_reflns.pdbx_diffrn_id               1,2 
_reflns.pdbx_ordinal                 1 
# 
_reflns_shell.d_res_high             2.00 
_reflns_shell.d_res_low              2.07 
_reflns_shell.number_measured_obs    ? 
_reflns_shell.number_measured_all    ? 
_reflns_shell.number_unique_obs      ? 
_reflns_shell.Rmerge_I_obs           0.275 
_reflns_shell.meanI_over_sigI_obs    2.813 
_reflns_shell.pdbx_Rsym_value        ? 
_reflns_shell.pdbx_chi_squared       0.475 
_reflns_shell.pdbx_redundancy        4.90 
_reflns_shell.percent_possible_obs   ? 
_reflns_shell.number_unique_all      1068 
_reflns_shell.percent_possible_all   63.00 
_reflns_shell.pdbx_diffrn_id         ? 
_reflns_shell.pdbx_ordinal           1 
# 
_refine.entry_id                                 3ETW 
_refine.ls_d_res_high                            2.000 
_refine.ls_d_res_low                             29.7 
_refine.pdbx_ls_sigma_F                          0.00 
_refine.ls_percent_reflns_obs                    93.000 
_refine.ls_number_reflns_obs                     15819 
_refine.ls_R_factor_R_work                       0.225 
_refine.ls_R_factor_R_free                       0.254 
_refine.ls_percent_reflns_R_free                 9.200 
_refine.ls_number_reflns_R_free                  1563 
_refine.B_iso_mean                               49.109 
_refine.solvent_model_param_bsol                 58.706 
_refine.aniso_B[1][1]                            12.055 
_refine.aniso_B[2][2]                            12.055 
_refine.aniso_B[3][3]                            -24.111 
_refine.aniso_B[1][2]                            2.459 
_refine.aniso_B[1][3]                            0.000 
_refine.aniso_B[2][3]                            0.000 
_refine.pdbx_method_to_determine_struct          MAD 
_refine.overall_FOM_work_R_set                   0.796 
_refine.B_iso_max                                88.12 
_refine.B_iso_min                                29.19 
_refine.occupancy_max                            1.00 
_refine.occupancy_min                            1.00 
_refine.pdbx_ls_sigma_I                          0.00 
_refine.ls_number_reflns_all                     17075 
_refine.ls_R_factor_all                          0.251 
_refine.ls_R_factor_obs                          0.247 
_refine.ls_redundancy_reflns_obs                 ? 
_refine.pdbx_data_cutoff_high_absF               ? 
_refine.pdbx_data_cutoff_low_absF                ? 
_refine.ls_number_parameters                     ? 
_refine.ls_number_restraints                     ? 
_refine.ls_R_factor_R_free_error                 ? 
_refine.ls_R_factor_R_free_error_details         ? 
_refine.pdbx_starting_model                      ? 
_refine.pdbx_ls_cross_valid_method               THROUGHOUT 
_refine.pdbx_R_Free_selection_details            Random 
_refine.pdbx_stereochem_target_val_spec_case     ? 
_refine.pdbx_stereochemistry_target_values       'Engh & Huber' 
_refine.solvent_model_details                    ? 
_refine.solvent_model_param_ksol                 ? 
_refine.pdbx_isotropic_thermal_model             restrained 
_refine.details                                  ? 
_refine.correlation_coeff_Fo_to_Fc               ? 
_refine.correlation_coeff_Fo_to_Fc_free          ? 
_refine.pdbx_solvent_vdw_probe_radii             ? 
_refine.pdbx_solvent_ion_probe_radii             ? 
_refine.pdbx_solvent_shrinkage_radii             ? 
_refine.overall_SU_R_Cruickshank_DPI             ? 
_refine.overall_SU_R_free                        ? 
_refine.overall_SU_ML                            ? 
_refine.overall_SU_B                             ? 
_refine.pdbx_overall_ESU_R_Free                  ? 
_refine.pdbx_data_cutoff_high_rms_absF           ? 
_refine.pdbx_overall_ESU_R                       ? 
_refine.ls_wR_factor_R_free                      ? 
_refine.ls_wR_factor_R_work                      ? 
_refine.overall_FOM_free_R_set                   ? 
_refine.pdbx_overall_phase_error                 ? 
_refine.pdbx_refine_id                           'X-RAY DIFFRACTION' 
_refine.pdbx_diffrn_id                           1 
_refine.pdbx_TLS_residual_ADP_flag               ? 
_refine.pdbx_overall_SU_R_free_Cruickshank_DPI   ? 
_refine.pdbx_overall_SU_R_Blow_DPI               ? 
_refine.pdbx_overall_SU_R_free_Blow_DPI          ? 
# 
_refine_analyze.entry_id                        3ETW 
_refine_analyze.Luzzati_coordinate_error_obs    0.27 
_refine_analyze.Luzzati_sigma_a_obs             0.35 
_refine_analyze.Luzzati_d_res_low_obs           5.00 
_refine_analyze.Luzzati_coordinate_error_free   0.32 
_refine_analyze.Luzzati_sigma_a_free            0.39 
_refine_analyze.Luzzati_d_res_low_free          ? 
_refine_analyze.number_disordered_residues      ? 
_refine_analyze.occupancy_sum_non_hydrogen      ? 
_refine_analyze.occupancy_sum_hydrogen          ? 
_refine_analyze.pdbx_Luzzati_d_res_high_obs     ? 
_refine_analyze.pdbx_refine_id                  'X-RAY DIFFRACTION' 
# 
_refine_hist.pdbx_refine_id                   'X-RAY DIFFRACTION' 
_refine_hist.cycle_id                         LAST 
_refine_hist.pdbx_number_atoms_protein        873 
_refine_hist.pdbx_number_atoms_nucleic_acid   0 
_refine_hist.pdbx_number_atoms_ligand         3 
_refine_hist.number_atoms_solvent             162 
_refine_hist.number_atoms_total               1038 
_refine_hist.d_res_high                       2.000 
_refine_hist.d_res_low                        29.7 
# 
loop_
_refine_ls_restr.type 
_refine_ls_restr.number 
_refine_ls_restr.dev_ideal 
_refine_ls_restr.dev_ideal_target 
_refine_ls_restr.weight 
_refine_ls_restr.pdbx_refine_id 
_refine_ls_restr.pdbx_restraint_function 
c_bond_d     ? 0.012 ?     ? 'X-RAY DIFFRACTION' ? 
c_angle_deg  ? 1.140 ?     ? 'X-RAY DIFFRACTION' ? 
c_mcbond_it  ? 1.985 1.500 ? 'X-RAY DIFFRACTION' ? 
c_scbond_it  ? 3.687 2.000 ? 'X-RAY DIFFRACTION' ? 
c_mcangle_it ? 2.775 2.000 ? 'X-RAY DIFFRACTION' ? 
c_scangle_it ? 5.625 2.500 ? 'X-RAY DIFFRACTION' ? 
# 
_refine_ls_shell.d_res_high                       2.00 
_refine_ls_shell.d_res_low                        2.02 
_refine_ls_shell.number_reflns_obs                278 
_refine_ls_shell.number_reflns_R_free             28 
_refine_ls_shell.R_factor_R_work                  0.338 
_refine_ls_shell.R_factor_R_free                  0.312 
_refine_ls_shell.R_factor_R_free_error            ? 
_refine_ls_shell.percent_reflns_obs               ? 
_refine_ls_shell.percent_reflns_R_free            ? 
_refine_ls_shell.pdbx_total_number_of_bins_used   ? 
_refine_ls_shell.number_reflns_R_work             ? 
_refine_ls_shell.redundancy_reflns_obs            ? 
_refine_ls_shell.number_reflns_all                ? 
_refine_ls_shell.R_factor_all                     ? 
_refine_ls_shell.pdbx_refine_id                   'X-RAY DIFFRACTION' 
# 
loop_
_pdbx_xplor_file.serial_no 
_pdbx_xplor_file.param_file 
_pdbx_xplor_file.topol_file 
_pdbx_xplor_file.pdbx_refine_id 
1 CNS_TOPPAR:protein_rep.param CNS_TOPPAR:protein.top 'X-RAY DIFFRACTION' 
2 scn.param                    scn.top                'X-RAY DIFFRACTION' 
3 CNS_TOPPAR:water_rep.param   CNS_TOPPAR:water.top   'X-RAY DIFFRACTION' 
# 
_struct.entry_id                  3ETW 
_struct.title                     'Crystal Structure of bacterial adhesin FadA' 
_struct.pdbx_model_details        ? 
_struct.pdbx_CASP_flag            ? 
_struct.pdbx_model_type_details   ? 
# 
_struct_keywords.entry_id        3ETW 
_struct_keywords.pdbx_keywords   'CELL ADHESION' 
_struct_keywords.text            'antiparallel helix-loop-helix, Leucine chain, cell adhesin, CELL ADHESION' 
# 
loop_
_struct_asym.id 
_struct_asym.pdbx_blank_PDB_chainid_flag 
_struct_asym.pdbx_modified 
_struct_asym.entity_id 
_struct_asym.details 
A N N 1 ? 
B N N 2 ? 
C N N 3 ? 
# 
_struct_ref.id                         1 
_struct_ref.db_name                    UNP 
_struct_ref.db_code                    Q5I6B0_FUSNU 
_struct_ref.pdbx_db_accession          Q5I6B0 
_struct_ref.entity_id                  1 
_struct_ref.pdbx_seq_one_letter_code   
;ATDAASLVGELQALDAEYQNLANQEEARFNEERAQADAARQALAQNEQVYNELSQRAQRLQAEANTRFYKSQYQELASKY
EDALKKLEAEMEQQKAVISDFEKIQALRAGN
;
_struct_ref.pdbx_align_begin           19 
_struct_ref.pdbx_db_isoform            ? 
# 
_struct_ref_seq.align_id                      1 
_struct_ref_seq.ref_id                        1 
_struct_ref_seq.pdbx_PDB_id_code              3ETW 
_struct_ref_seq.pdbx_strand_id                A 
_struct_ref_seq.seq_align_beg                 1 
_struct_ref_seq.pdbx_seq_align_beg_ins_code   ? 
_struct_ref_seq.seq_align_end                 111 
_struct_ref_seq.pdbx_seq_align_end_ins_code   ? 
_struct_ref_seq.pdbx_db_accession             Q5I6B0 
_struct_ref_seq.db_align_beg                  19 
_struct_ref_seq.pdbx_db_align_beg_ins_code    ? 
_struct_ref_seq.db_align_end                  129 
_struct_ref_seq.pdbx_db_align_end_ins_code    ? 
_struct_ref_seq.pdbx_auth_seq_align_beg       1 
_struct_ref_seq.pdbx_auth_seq_align_end       111 
# 
loop_
_struct_ref_seq_dif.align_id 
_struct_ref_seq_dif.pdbx_pdb_id_code 
_struct_ref_seq_dif.mon_id 
_struct_ref_seq_dif.pdbx_pdb_strand_id 
_struct_ref_seq_dif.seq_num 
_struct_ref_seq_dif.pdbx_pdb_ins_code 
_struct_ref_seq_dif.pdbx_seq_db_name 
_struct_ref_seq_dif.pdbx_seq_db_accession_code 
_struct_ref_seq_dif.db_mon_id 
_struct_ref_seq_dif.pdbx_seq_db_seq_num 
_struct_ref_seq_dif.details 
_struct_ref_seq_dif.pdbx_auth_seq_num 
_struct_ref_seq_dif.pdbx_ordinal 
1 3ETW LEU A 112 ? UNP Q5I6B0 ? ? 'expression tag' 112 1 
1 3ETW GLU A 113 ? UNP Q5I6B0 ? ? 'expression tag' 113 2 
1 3ETW HIS A 114 ? UNP Q5I6B0 ? ? 'expression tag' 114 3 
1 3ETW HIS A 115 ? UNP Q5I6B0 ? ? 'expression tag' 115 4 
1 3ETW HIS A 116 ? UNP Q5I6B0 ? ? 'expression tag' 116 5 
1 3ETW HIS A 117 ? UNP Q5I6B0 ? ? 'expression tag' 117 6 
1 3ETW HIS A 118 ? UNP Q5I6B0 ? ? 'expression tag' 118 7 
1 3ETW HIS A 119 ? UNP Q5I6B0 ? ? 'expression tag' 119 8 
# 
_pdbx_struct_assembly.id                   1 
_pdbx_struct_assembly.details              author_and_software_defined_assembly 
_pdbx_struct_assembly.method_details       PISA 
_pdbx_struct_assembly.oligomeric_details   monomeric 
_pdbx_struct_assembly.oligomeric_count     1 
# 
_pdbx_struct_assembly_gen.assembly_id       1 
_pdbx_struct_assembly_gen.oper_expression   1 
_pdbx_struct_assembly_gen.asym_id_list      A,B,C 
# 
_pdbx_struct_oper_list.id                   1 
_pdbx_struct_oper_list.type                 'identity operation' 
_pdbx_struct_oper_list.name                 1_555 
_pdbx_struct_oper_list.symmetry_operation   x,y,z 
_pdbx_struct_oper_list.matrix[1][1]         1.0000000000 
_pdbx_struct_oper_list.matrix[1][2]         0.0000000000 
_pdbx_struct_oper_list.matrix[1][3]         0.0000000000 
_pdbx_struct_oper_list.vector[1]            0.0000000000 
_pdbx_struct_oper_list.matrix[2][1]         0.0000000000 
_pdbx_struct_oper_list.matrix[2][2]         1.0000000000 
_pdbx_struct_oper_list.matrix[2][3]         0.0000000000 
_pdbx_struct_oper_list.vector[2]            0.0000000000 
_pdbx_struct_oper_list.matrix[3][1]         0.0000000000 
_pdbx_struct_oper_list.matrix[3][2]         0.0000000000 
_pdbx_struct_oper_list.matrix[3][3]         1.0000000000 
_pdbx_struct_oper_list.vector[3]            0.0000000000 
# 
_struct_biol.id   1 
# 
loop_
_struct_conf.conf_type_id 
_struct_conf.id 
_struct_conf.pdbx_PDB_helix_id 
_struct_conf.beg_label_comp_id 
_struct_conf.beg_label_asym_id 
_struct_conf.beg_label_seq_id 
_struct_conf.pdbx_beg_PDB_ins_code 
_struct_conf.end_label_comp_id 
_struct_conf.end_label_asym_id 
_struct_conf.end_label_seq_id 
_struct_conf.pdbx_end_PDB_ins_code 
_struct_conf.beg_auth_comp_id 
_struct_conf.beg_auth_asym_id 
_struct_conf.beg_auth_seq_id 
_struct_conf.end_auth_comp_id 
_struct_conf.end_auth_asym_id 
_struct_conf.end_auth_seq_id 
_struct_conf.pdbx_PDB_helix_class 
_struct_conf.details 
_struct_conf.pdbx_PDB_helix_length 
HELX_P HELX_P1 1 ALA A 4  ? ALA A 64  ? ALA A 4  ALA A 64  1 ? 61 
HELX_P HELX_P2 2 TYR A 69 ? GLY A 110 ? TYR A 69 GLY A 110 1 ? 42 
# 
_struct_conf_type.id          HELX_P 
_struct_conf_type.criteria    ? 
_struct_conf_type.reference   ? 
# 
_struct_site.id                   AC1 
_struct_site.pdbx_evidence_code   Software 
_struct_site.pdbx_auth_asym_id    A 
_struct_site.pdbx_auth_comp_id    SCN 
_struct_site.pdbx_auth_seq_id     130 
_struct_site.pdbx_auth_ins_code   ? 
_struct_site.pdbx_num_residues    5 
_struct_site.details              'BINDING SITE FOR RESIDUE SCN A 130' 
# 
loop_
_struct_site_gen.id 
_struct_site_gen.site_id 
_struct_site_gen.pdbx_num_res 
_struct_site_gen.label_comp_id 
_struct_site_gen.label_asym_id 
_struct_site_gen.label_seq_id 
_struct_site_gen.pdbx_auth_ins_code 
_struct_site_gen.auth_comp_id 
_struct_site_gen.auth_asym_id 
_struct_site_gen.auth_seq_id 
_struct_site_gen.label_atom_id 
_struct_site_gen.label_alt_id 
_struct_site_gen.symmetry 
_struct_site_gen.details 
1 AC1 5 PHE A 29  ? PHE A 29  . ? 1_555 ? 
2 AC1 5 ARG A 33  ? ARG A 33  . ? 1_555 ? 
3 AC1 5 GLU A 75  ? GLU A 75  . ? 6_655 ? 
4 AC1 5 SER A 78  ? SER A 78  . ? 6_655 ? 
5 AC1 5 GLN A 105 ? GLN A 105 . ? 1_555 ? 
# 
_pdbx_validate_torsion.id              1 
_pdbx_validate_torsion.PDB_model_num   1 
_pdbx_validate_torsion.auth_comp_id    ALA 
_pdbx_validate_torsion.auth_asym_id    A 
_pdbx_validate_torsion.auth_seq_id     64 
_pdbx_validate_torsion.PDB_ins_code    ? 
_pdbx_validate_torsion.label_alt_id    ? 
_pdbx_validate_torsion.phi             -48.40 
_pdbx_validate_torsion.psi             -19.15 
# 
loop_
_pdbx_phasing_MAD_set_site.id 
_pdbx_phasing_MAD_set_site.atom_type_symbol 
_pdbx_phasing_MAD_set_site.occupancy 
_pdbx_phasing_MAD_set_site.fract_x 
_pdbx_phasing_MAD_set_site.fract_y 
_pdbx_phasing_MAD_set_site.fract_z 
_pdbx_phasing_MAD_set_site.b_iso 
1 Br 1.178 0.148 0.379 0.163 60.000 
2 Br 0.415 0.268 0.326 0.139 17.845 
3 Br 0.647 0.263 0.322 0.014 27.308 
4 Br 0.309 0.461 0.318 0.139 10.428 
# 
_phasing.method   MAD 
# 
_phasing_MAD_clust.id           1 
_phasing_MAD_clust.expt_id      '3 wavelength' 
_phasing_MAD_clust.number_set   ? 
# 
_phasing_MAD_expt.id         '3 wavelength' 
_phasing_MAD_expt.mean_fom   ? 
# 
loop_
_phasing_MAD_set.clust_id 
_phasing_MAD_set.expt_id 
_phasing_MAD_set.set_id 
_phasing_MAD_set.wavelength 
_phasing_MAD_set.pdbx_f_prime_refined 
_phasing_MAD_set.pdbx_f_double_prime_refined 
1 '3 wavelength' 1 0.9287 -5.03 1.83 
1 '3 wavelength' 2 0.9200 -9.96 4.52 
1 '3 wavelength' 3 0.9198 -9.01 4.75 
# 
loop_
_phasing_set.id 
_phasing_set.pdbx_d_res_high 
_phasing_set.pdbx_d_res_low 
1 . . 
2 . . 
3 . . 
# 
loop_
_pdbx_unobs_or_zero_occ_residues.id 
_pdbx_unobs_or_zero_occ_residues.PDB_model_num 
_pdbx_unobs_or_zero_occ_residues.polymer_flag 
_pdbx_unobs_or_zero_occ_residues.occupancy_flag 
_pdbx_unobs_or_zero_occ_residues.auth_asym_id 
_pdbx_unobs_or_zero_occ_residues.auth_comp_id 
_pdbx_unobs_or_zero_occ_residues.auth_seq_id 
_pdbx_unobs_or_zero_occ_residues.PDB_ins_code 
_pdbx_unobs_or_zero_occ_residues.label_asym_id 
_pdbx_unobs_or_zero_occ_residues.label_comp_id 
_pdbx_unobs_or_zero_occ_residues.label_seq_id 
1  1 Y 1 A ALA 1   ? A ALA 1   
2  1 Y 1 A THR 2   ? A THR 2   
3  1 Y 1 A ASP 3   ? A ASP 3   
4  1 Y 1 A GLU 113 ? A GLU 113 
5  1 Y 1 A HIS 114 ? A HIS 114 
6  1 Y 1 A HIS 115 ? A HIS 115 
7  1 Y 1 A HIS 116 ? A HIS 116 
8  1 Y 1 A HIS 117 ? A HIS 117 
9  1 Y 1 A HIS 118 ? A HIS 118 
10 1 Y 1 A HIS 119 ? A HIS 119 
# 
loop_
_chem_comp_atom.comp_id 
_chem_comp_atom.atom_id 
_chem_comp_atom.type_symbol 
_chem_comp_atom.pdbx_aromatic_flag 
_chem_comp_atom.pdbx_stereo_config 
_chem_comp_atom.pdbx_ordinal 
ALA N    N N N 1   
ALA CA   C N S 2   
ALA C    C N N 3   
ALA O    O N N 4   
ALA CB   C N N 5   
ALA OXT  O N N 6   
ALA H    H N N 7   
ALA H2   H N N 8   
ALA HA   H N N 9   
ALA HB1  H N N 10  
ALA HB2  H N N 11  
ALA HB3  H N N 12  
ALA HXT  H N N 13  
ARG N    N N N 14  
ARG CA   C N S 15  
ARG C    C N N 16  
ARG O    O N N 17  
ARG CB   C N N 18  
ARG CG   C N N 19  
ARG CD   C N N 20  
ARG NE   N N N 21  
ARG CZ   C N N 22  
ARG NH1  N N N 23  
ARG NH2  N N N 24  
ARG OXT  O N N 25  
ARG H    H N N 26  
ARG H2   H N N 27  
ARG HA   H N N 28  
ARG HB2  H N N 29  
ARG HB3  H N N 30  
ARG HG2  H N N 31  
ARG HG3  H N N 32  
ARG HD2  H N N 33  
ARG HD3  H N N 34  
ARG HE   H N N 35  
ARG HH11 H N N 36  
ARG HH12 H N N 37  
ARG HH21 H N N 38  
ARG HH22 H N N 39  
ARG HXT  H N N 40  
ASN N    N N N 41  
ASN CA   C N S 42  
ASN C    C N N 43  
ASN O    O N N 44  
ASN CB   C N N 45  
ASN CG   C N N 46  
ASN OD1  O N N 47  
ASN ND2  N N N 48  
ASN OXT  O N N 49  
ASN H    H N N 50  
ASN H2   H N N 51  
ASN HA   H N N 52  
ASN HB2  H N N 53  
ASN HB3  H N N 54  
ASN HD21 H N N 55  
ASN HD22 H N N 56  
ASN HXT  H N N 57  
ASP N    N N N 58  
ASP CA   C N S 59  
ASP C    C N N 60  
ASP O    O N N 61  
ASP CB   C N N 62  
ASP CG   C N N 63  
ASP OD1  O N N 64  
ASP OD2  O N N 65  
ASP OXT  O N N 66  
ASP H    H N N 67  
ASP H2   H N N 68  
ASP HA   H N N 69  
ASP HB2  H N N 70  
ASP HB3  H N N 71  
ASP HD2  H N N 72  
ASP HXT  H N N 73  
GLN N    N N N 74  
GLN CA   C N S 75  
GLN C    C N N 76  
GLN O    O N N 77  
GLN CB   C N N 78  
GLN CG   C N N 79  
GLN CD   C N N 80  
GLN OE1  O N N 81  
GLN NE2  N N N 82  
GLN OXT  O N N 83  
GLN H    H N N 84  
GLN H2   H N N 85  
GLN HA   H N N 86  
GLN HB2  H N N 87  
GLN HB3  H N N 88  
GLN HG2  H N N 89  
GLN HG3  H N N 90  
GLN HE21 H N N 91  
GLN HE22 H N N 92  
GLN HXT  H N N 93  
GLU N    N N N 94  
GLU CA   C N S 95  
GLU C    C N N 96  
GLU O    O N N 97  
GLU CB   C N N 98  
GLU CG   C N N 99  
GLU CD   C N N 100 
GLU OE1  O N N 101 
GLU OE2  O N N 102 
GLU OXT  O N N 103 
GLU H    H N N 104 
GLU H2   H N N 105 
GLU HA   H N N 106 
GLU HB2  H N N 107 
GLU HB3  H N N 108 
GLU HG2  H N N 109 
GLU HG3  H N N 110 
GLU HE2  H N N 111 
GLU HXT  H N N 112 
GLY N    N N N 113 
GLY CA   C N N 114 
GLY C    C N N 115 
GLY O    O N N 116 
GLY OXT  O N N 117 
GLY H    H N N 118 
GLY H2   H N N 119 
GLY HA2  H N N 120 
GLY HA3  H N N 121 
GLY HXT  H N N 122 
HIS N    N N N 123 
HIS CA   C N S 124 
HIS C    C N N 125 
HIS O    O N N 126 
HIS CB   C N N 127 
HIS CG   C Y N 128 
HIS ND1  N Y N 129 
HIS CD2  C Y N 130 
HIS CE1  C Y N 131 
HIS NE2  N Y N 132 
HIS OXT  O N N 133 
HIS H    H N N 134 
HIS H2   H N N 135 
HIS HA   H N N 136 
HIS HB2  H N N 137 
HIS HB3  H N N 138 
HIS HD1  H N N 139 
HIS HD2  H N N 140 
HIS HE1  H N N 141 
HIS HE2  H N N 142 
HIS HXT  H N N 143 
HOH O    O N N 144 
HOH H1   H N N 145 
HOH H2   H N N 146 
ILE N    N N N 147 
ILE CA   C N S 148 
ILE C    C N N 149 
ILE O    O N N 150 
ILE CB   C N S 151 
ILE CG1  C N N 152 
ILE CG2  C N N 153 
ILE CD1  C N N 154 
ILE OXT  O N N 155 
ILE H    H N N 156 
ILE H2   H N N 157 
ILE HA   H N N 158 
ILE HB   H N N 159 
ILE HG12 H N N 160 
ILE HG13 H N N 161 
ILE HG21 H N N 162 
ILE HG22 H N N 163 
ILE HG23 H N N 164 
ILE HD11 H N N 165 
ILE HD12 H N N 166 
ILE HD13 H N N 167 
ILE HXT  H N N 168 
LEU N    N N N 169 
LEU CA   C N S 170 
LEU C    C N N 171 
LEU O    O N N 172 
LEU CB   C N N 173 
LEU CG   C N N 174 
LEU CD1  C N N 175 
LEU CD2  C N N 176 
LEU OXT  O N N 177 
LEU H    H N N 178 
LEU H2   H N N 179 
LEU HA   H N N 180 
LEU HB2  H N N 181 
LEU HB3  H N N 182 
LEU HG   H N N 183 
LEU HD11 H N N 184 
LEU HD12 H N N 185 
LEU HD13 H N N 186 
LEU HD21 H N N 187 
LEU HD22 H N N 188 
LEU HD23 H N N 189 
LEU HXT  H N N 190 
LYS N    N N N 191 
LYS CA   C N S 192 
LYS C    C N N 193 
LYS O    O N N 194 
LYS CB   C N N 195 
LYS CG   C N N 196 
LYS CD   C N N 197 
LYS CE   C N N 198 
LYS NZ   N N N 199 
LYS OXT  O N N 200 
LYS H    H N N 201 
LYS H2   H N N 202 
LYS HA   H N N 203 
LYS HB2  H N N 204 
LYS HB3  H N N 205 
LYS HG2  H N N 206 
LYS HG3  H N N 207 
LYS HD2  H N N 208 
LYS HD3  H N N 209 
LYS HE2  H N N 210 
LYS HE3  H N N 211 
LYS HZ1  H N N 212 
LYS HZ2  H N N 213 
LYS HZ3  H N N 214 
LYS HXT  H N N 215 
MET N    N N N 216 
MET CA   C N S 217 
MET C    C N N 218 
MET O    O N N 219 
MET CB   C N N 220 
MET CG   C N N 221 
MET SD   S N N 222 
MET CE   C N N 223 
MET OXT  O N N 224 
MET H    H N N 225 
MET H2   H N N 226 
MET HA   H N N 227 
MET HB2  H N N 228 
MET HB3  H N N 229 
MET HG2  H N N 230 
MET HG3  H N N 231 
MET HE1  H N N 232 
MET HE2  H N N 233 
MET HE3  H N N 234 
MET HXT  H N N 235 
PHE N    N N N 236 
PHE CA   C N S 237 
PHE C    C N N 238 
PHE O    O N N 239 
PHE CB   C N N 240 
PHE CG   C Y N 241 
PHE CD1  C Y N 242 
PHE CD2  C Y N 243 
PHE CE1  C Y N 244 
PHE CE2  C Y N 245 
PHE CZ   C Y N 246 
PHE OXT  O N N 247 
PHE H    H N N 248 
PHE H2   H N N 249 
PHE HA   H N N 250 
PHE HB2  H N N 251 
PHE HB3  H N N 252 
PHE HD1  H N N 253 
PHE HD2  H N N 254 
PHE HE1  H N N 255 
PHE HE2  H N N 256 
PHE HZ   H N N 257 
PHE HXT  H N N 258 
SCN S    S N N 259 
SCN C    C N N 260 
SCN N    N N N 261 
SER N    N N N 262 
SER CA   C N S 263 
SER C    C N N 264 
SER O    O N N 265 
SER CB   C N N 266 
SER OG   O N N 267 
SER OXT  O N N 268 
SER H    H N N 269 
SER H2   H N N 270 
SER HA   H N N 271 
SER HB2  H N N 272 
SER HB3  H N N 273 
SER HG   H N N 274 
SER HXT  H N N 275 
THR N    N N N 276 
THR CA   C N S 277 
THR C    C N N 278 
THR O    O N N 279 
THR CB   C N R 280 
THR OG1  O N N 281 
THR CG2  C N N 282 
THR OXT  O N N 283 
THR H    H N N 284 
THR H2   H N N 285 
THR HA   H N N 286 
THR HB   H N N 287 
THR HG1  H N N 288 
THR HG21 H N N 289 
THR HG22 H N N 290 
THR HG23 H N N 291 
THR HXT  H N N 292 
TYR N    N N N 293 
TYR CA   C N S 294 
TYR C    C N N 295 
TYR O    O N N 296 
TYR CB   C N N 297 
TYR CG   C Y N 298 
TYR CD1  C Y N 299 
TYR CD2  C Y N 300 
TYR CE1  C Y N 301 
TYR CE2  C Y N 302 
TYR CZ   C Y N 303 
TYR OH   O N N 304 
TYR OXT  O N N 305 
TYR H    H N N 306 
TYR H2   H N N 307 
TYR HA   H N N 308 
TYR HB2  H N N 309 
TYR HB3  H N N 310 
TYR HD1  H N N 311 
TYR HD2  H N N 312 
TYR HE1  H N N 313 
TYR HE2  H N N 314 
TYR HH   H N N 315 
TYR HXT  H N N 316 
VAL N    N N N 317 
VAL CA   C N S 318 
VAL C    C N N 319 
VAL O    O N N 320 
VAL CB   C N N 321 
VAL CG1  C N N 322 
VAL CG2  C N N 323 
VAL OXT  O N N 324 
VAL H    H N N 325 
VAL H2   H N N 326 
VAL HA   H N N 327 
VAL HB   H N N 328 
VAL HG11 H N N 329 
VAL HG12 H N N 330 
VAL HG13 H N N 331 
VAL HG21 H N N 332 
VAL HG22 H N N 333 
VAL HG23 H N N 334 
VAL HXT  H N N 335 
# 
loop_
_chem_comp_bond.comp_id 
_chem_comp_bond.atom_id_1 
_chem_comp_bond.atom_id_2 
_chem_comp_bond.value_order 
_chem_comp_bond.pdbx_aromatic_flag 
_chem_comp_bond.pdbx_stereo_config 
_chem_comp_bond.pdbx_ordinal 
ALA N   CA   sing N N 1   
ALA N   H    sing N N 2   
ALA N   H2   sing N N 3   
ALA CA  C    sing N N 4   
ALA CA  CB   sing N N 5   
ALA CA  HA   sing N N 6   
ALA C   O    doub N N 7   
ALA C   OXT  sing N N 8   
ALA CB  HB1  sing N N 9   
ALA CB  HB2  sing N N 10  
ALA CB  HB3  sing N N 11  
ALA OXT HXT  sing N N 12  
ARG N   CA   sing N N 13  
ARG N   H    sing N N 14  
ARG N   H2   sing N N 15  
ARG CA  C    sing N N 16  
ARG CA  CB   sing N N 17  
ARG CA  HA   sing N N 18  
ARG C   O    doub N N 19  
ARG C   OXT  sing N N 20  
ARG CB  CG   sing N N 21  
ARG CB  HB2  sing N N 22  
ARG CB  HB3  sing N N 23  
ARG CG  CD   sing N N 24  
ARG CG  HG2  sing N N 25  
ARG CG  HG3  sing N N 26  
ARG CD  NE   sing N N 27  
ARG CD  HD2  sing N N 28  
ARG CD  HD3  sing N N 29  
ARG NE  CZ   sing N N 30  
ARG NE  HE   sing N N 31  
ARG CZ  NH1  sing N N 32  
ARG CZ  NH2  doub N N 33  
ARG NH1 HH11 sing N N 34  
ARG NH1 HH12 sing N N 35  
ARG NH2 HH21 sing N N 36  
ARG NH2 HH22 sing N N 37  
ARG OXT HXT  sing N N 38  
ASN N   CA   sing N N 39  
ASN N   H    sing N N 40  
ASN N   H2   sing N N 41  
ASN CA  C    sing N N 42  
ASN CA  CB   sing N N 43  
ASN CA  HA   sing N N 44  
ASN C   O    doub N N 45  
ASN C   OXT  sing N N 46  
ASN CB  CG   sing N N 47  
ASN CB  HB2  sing N N 48  
ASN CB  HB3  sing N N 49  
ASN CG  OD1  doub N N 50  
ASN CG  ND2  sing N N 51  
ASN ND2 HD21 sing N N 52  
ASN ND2 HD22 sing N N 53  
ASN OXT HXT  sing N N 54  
ASP N   CA   sing N N 55  
ASP N   H    sing N N 56  
ASP N   H2   sing N N 57  
ASP CA  C    sing N N 58  
ASP CA  CB   sing N N 59  
ASP CA  HA   sing N N 60  
ASP C   O    doub N N 61  
ASP C   OXT  sing N N 62  
ASP CB  CG   sing N N 63  
ASP CB  HB2  sing N N 64  
ASP CB  HB3  sing N N 65  
ASP CG  OD1  doub N N 66  
ASP CG  OD2  sing N N 67  
ASP OD2 HD2  sing N N 68  
ASP OXT HXT  sing N N 69  
GLN N   CA   sing N N 70  
GLN N   H    sing N N 71  
GLN N   H2   sing N N 72  
GLN CA  C    sing N N 73  
GLN CA  CB   sing N N 74  
GLN CA  HA   sing N N 75  
GLN C   O    doub N N 76  
GLN C   OXT  sing N N 77  
GLN CB  CG   sing N N 78  
GLN CB  HB2  sing N N 79  
GLN CB  HB3  sing N N 80  
GLN CG  CD   sing N N 81  
GLN CG  HG2  sing N N 82  
GLN CG  HG3  sing N N 83  
GLN CD  OE1  doub N N 84  
GLN CD  NE2  sing N N 85  
GLN NE2 HE21 sing N N 86  
GLN NE2 HE22 sing N N 87  
GLN OXT HXT  sing N N 88  
GLU N   CA   sing N N 89  
GLU N   H    sing N N 90  
GLU N   H2   sing N N 91  
GLU CA  C    sing N N 92  
GLU CA  CB   sing N N 93  
GLU CA  HA   sing N N 94  
GLU C   O    doub N N 95  
GLU C   OXT  sing N N 96  
GLU CB  CG   sing N N 97  
GLU CB  HB2  sing N N 98  
GLU CB  HB3  sing N N 99  
GLU CG  CD   sing N N 100 
GLU CG  HG2  sing N N 101 
GLU CG  HG3  sing N N 102 
GLU CD  OE1  doub N N 103 
GLU CD  OE2  sing N N 104 
GLU OE2 HE2  sing N N 105 
GLU OXT HXT  sing N N 106 
GLY N   CA   sing N N 107 
GLY N   H    sing N N 108 
GLY N   H2   sing N N 109 
GLY CA  C    sing N N 110 
GLY CA  HA2  sing N N 111 
GLY CA  HA3  sing N N 112 
GLY C   O    doub N N 113 
GLY C   OXT  sing N N 114 
GLY OXT HXT  sing N N 115 
HIS N   CA   sing N N 116 
HIS N   H    sing N N 117 
HIS N   H2   sing N N 118 
HIS CA  C    sing N N 119 
HIS CA  CB   sing N N 120 
HIS CA  HA   sing N N 121 
HIS C   O    doub N N 122 
HIS C   OXT  sing N N 123 
HIS CB  CG   sing N N 124 
HIS CB  HB2  sing N N 125 
HIS CB  HB3  sing N N 126 
HIS CG  ND1  sing Y N 127 
HIS CG  CD2  doub Y N 128 
HIS ND1 CE1  doub Y N 129 
HIS ND1 HD1  sing N N 130 
HIS CD2 NE2  sing Y N 131 
HIS CD2 HD2  sing N N 132 
HIS CE1 NE2  sing Y N 133 
HIS CE1 HE1  sing N N 134 
HIS NE2 HE2  sing N N 135 
HIS OXT HXT  sing N N 136 
HOH O   H1   sing N N 137 
HOH O   H2   sing N N 138 
ILE N   CA   sing N N 139 
ILE N   H    sing N N 140 
ILE N   H2   sing N N 141 
ILE CA  C    sing N N 142 
ILE CA  CB   sing N N 143 
ILE CA  HA   sing N N 144 
ILE C   O    doub N N 145 
ILE C   OXT  sing N N 146 
ILE CB  CG1  sing N N 147 
ILE CB  CG2  sing N N 148 
ILE CB  HB   sing N N 149 
ILE CG1 CD1  sing N N 150 
ILE CG1 HG12 sing N N 151 
ILE CG1 HG13 sing N N 152 
ILE CG2 HG21 sing N N 153 
ILE CG2 HG22 sing N N 154 
ILE CG2 HG23 sing N N 155 
ILE CD1 HD11 sing N N 156 
ILE CD1 HD12 sing N N 157 
ILE CD1 HD13 sing N N 158 
ILE OXT HXT  sing N N 159 
LEU N   CA   sing N N 160 
LEU N   H    sing N N 161 
LEU N   H2   sing N N 162 
LEU CA  C    sing N N 163 
LEU CA  CB   sing N N 164 
LEU CA  HA   sing N N 165 
LEU C   O    doub N N 166 
LEU C   OXT  sing N N 167 
LEU CB  CG   sing N N 168 
LEU CB  HB2  sing N N 169 
LEU CB  HB3  sing N N 170 
LEU CG  CD1  sing N N 171 
LEU CG  CD2  sing N N 172 
LEU CG  HG   sing N N 173 
LEU CD1 HD11 sing N N 174 
LEU CD1 HD12 sing N N 175 
LEU CD1 HD13 sing N N 176 
LEU CD2 HD21 sing N N 177 
LEU CD2 HD22 sing N N 178 
LEU CD2 HD23 sing N N 179 
LEU OXT HXT  sing N N 180 
LYS N   CA   sing N N 181 
LYS N   H    sing N N 182 
LYS N   H2   sing N N 183 
LYS CA  C    sing N N 184 
LYS CA  CB   sing N N 185 
LYS CA  HA   sing N N 186 
LYS C   O    doub N N 187 
LYS C   OXT  sing N N 188 
LYS CB  CG   sing N N 189 
LYS CB  HB2  sing N N 190 
LYS CB  HB3  sing N N 191 
LYS CG  CD   sing N N 192 
LYS CG  HG2  sing N N 193 
LYS CG  HG3  sing N N 194 
LYS CD  CE   sing N N 195 
LYS CD  HD2  sing N N 196 
LYS CD  HD3  sing N N 197 
LYS CE  NZ   sing N N 198 
LYS CE  HE2  sing N N 199 
LYS CE  HE3  sing N N 200 
LYS NZ  HZ1  sing N N 201 
LYS NZ  HZ2  sing N N 202 
LYS NZ  HZ3  sing N N 203 
LYS OXT HXT  sing N N 204 
MET N   CA   sing N N 205 
MET N   H    sing N N 206 
MET N   H2   sing N N 207 
MET CA  C    sing N N 208 
MET CA  CB   sing N N 209 
MET CA  HA   sing N N 210 
MET C   O    doub N N 211 
MET C   OXT  sing N N 212 
MET CB  CG   sing N N 213 
MET CB  HB2  sing N N 214 
MET CB  HB3  sing N N 215 
MET CG  SD   sing N N 216 
MET CG  HG2  sing N N 217 
MET CG  HG3  sing N N 218 
MET SD  CE   sing N N 219 
MET CE  HE1  sing N N 220 
MET CE  HE2  sing N N 221 
MET CE  HE3  sing N N 222 
MET OXT HXT  sing N N 223 
PHE N   CA   sing N N 224 
PHE N   H    sing N N 225 
PHE N   H2   sing N N 226 
PHE CA  C    sing N N 227 
PHE CA  CB   sing N N 228 
PHE CA  HA   sing N N 229 
PHE C   O    doub N N 230 
PHE C   OXT  sing N N 231 
PHE CB  CG   sing N N 232 
PHE CB  HB2  sing N N 233 
PHE CB  HB3  sing N N 234 
PHE CG  CD1  doub Y N 235 
PHE CG  CD2  sing Y N 236 
PHE CD1 CE1  sing Y N 237 
PHE CD1 HD1  sing N N 238 
PHE CD2 CE2  doub Y N 239 
PHE CD2 HD2  sing N N 240 
PHE CE1 CZ   doub Y N 241 
PHE CE1 HE1  sing N N 242 
PHE CE2 CZ   sing Y N 243 
PHE CE2 HE2  sing N N 244 
PHE CZ  HZ   sing N N 245 
PHE OXT HXT  sing N N 246 
SCN S   C    sing N N 247 
SCN C   N    trip N N 248 
SER N   CA   sing N N 249 
SER N   H    sing N N 250 
SER N   H2   sing N N 251 
SER CA  C    sing N N 252 
SER CA  CB   sing N N 253 
SER CA  HA   sing N N 254 
SER C   O    doub N N 255 
SER C   OXT  sing N N 256 
SER CB  OG   sing N N 257 
SER CB  HB2  sing N N 258 
SER CB  HB3  sing N N 259 
SER OG  HG   sing N N 260 
SER OXT HXT  sing N N 261 
THR N   CA   sing N N 262 
THR N   H    sing N N 263 
THR N   H2   sing N N 264 
THR CA  C    sing N N 265 
THR CA  CB   sing N N 266 
THR CA  HA   sing N N 267 
THR C   O    doub N N 268 
THR C   OXT  sing N N 269 
THR CB  OG1  sing N N 270 
THR CB  CG2  sing N N 271 
THR CB  HB   sing N N 272 
THR OG1 HG1  sing N N 273 
THR CG2 HG21 sing N N 274 
THR CG2 HG22 sing N N 275 
THR CG2 HG23 sing N N 276 
THR OXT HXT  sing N N 277 
TYR N   CA   sing N N 278 
TYR N   H    sing N N 279 
TYR N   H2   sing N N 280 
TYR CA  C    sing N N 281 
TYR CA  CB   sing N N 282 
TYR CA  HA   sing N N 283 
TYR C   O    doub N N 284 
TYR C   OXT  sing N N 285 
TYR CB  CG   sing N N 286 
TYR CB  HB2  sing N N 287 
TYR CB  HB3  sing N N 288 
TYR CG  CD1  doub Y N 289 
TYR CG  CD2  sing Y N 290 
TYR CD1 CE1  sing Y N 291 
TYR CD1 HD1  sing N N 292 
TYR CD2 CE2  doub Y N 293 
TYR CD2 HD2  sing N N 294 
TYR CE1 CZ   doub Y N 295 
TYR CE1 HE1  sing N N 296 
TYR CE2 CZ   sing Y N 297 
TYR CE2 HE2  sing N N 298 
TYR CZ  OH   sing N N 299 
TYR OH  HH   sing N N 300 
TYR OXT HXT  sing N N 301 
VAL N   CA   sing N N 302 
VAL N   H    sing N N 303 
VAL N   H2   sing N N 304 
VAL CA  C    sing N N 305 
VAL CA  CB   sing N N 306 
VAL CA  HA   sing N N 307 
VAL C   O    doub N N 308 
VAL C   OXT  sing N N 309 
VAL CB  CG1  sing N N 310 
VAL CB  CG2  sing N N 311 
VAL CB  HB   sing N N 312 
VAL CG1 HG11 sing N N 313 
VAL CG1 HG12 sing N N 314 
VAL CG1 HG13 sing N N 315 
VAL CG2 HG21 sing N N 316 
VAL CG2 HG22 sing N N 317 
VAL CG2 HG23 sing N N 318 
VAL OXT HXT  sing N N 319 
# 
_atom_sites.entry_id                    3ETW 
_atom_sites.fract_transf_matrix[1][1]   0.01079378 
_atom_sites.fract_transf_matrix[1][2]   -0.01233797 
_atom_sites.fract_transf_matrix[1][3]   -0.01048482 
_atom_sites.fract_transf_matrix[2][1]   0.01418942 
_atom_sites.fract_transf_matrix[2][2]   0.00679790 
_atom_sites.fract_transf_matrix[2][3]   -0.01144996 
_atom_sites.fract_transf_matrix[3][1]   0.00512883 
_atom_sites.fract_transf_matrix[3][2]   -0.00060774 
_atom_sites.fract_transf_matrix[3][3]   0.00599511 
_atom_sites.fract_transf_vector[1]      0.333549 
_atom_sites.fract_transf_vector[2]      0.423691 
_atom_sites.fract_transf_vector[3]      0.474809 
# 
loop_
_atom_type.symbol 
C 
N 
O 
S 
# 
loop_
_atom_site.group_PDB 
_atom_site.id 
_atom_site.type_symbol 
_atom_site.label_atom_id 
_atom_site.label_alt_id 
_atom_site.label_comp_id 
_atom_site.label_asym_id 
_atom_site.label_entity_id 
_atom_site.label_seq_id 
_atom_site.pdbx_PDB_ins_code 
_atom_site.Cartn_x 
_atom_site.Cartn_y 
_atom_site.Cartn_z 
_atom_site.occupancy 
_atom_site.B_iso_or_equiv 
_atom_site.pdbx_formal_charge 
_atom_site.auth_seq_id 
_atom_site.auth_comp_id 
_atom_site.auth_asym_id 
_atom_site.auth_atom_id 
_atom_site.pdbx_PDB_model_num 
ATOM   1    N N   . ALA A 1 4   ? -29.330 -41.619 10.147  1.00 73.58 ? 4   ALA A N   1 
ATOM   2    C CA  . ALA A 1 4   ? -28.151 -42.085 10.942  1.00 73.82 ? 4   ALA A CA  1 
ATOM   3    C C   . ALA A 1 4   ? -26.924 -42.200 10.054  1.00 72.89 ? 4   ALA A C   1 
ATOM   4    O O   . ALA A 1 4   ? -25.877 -41.620 10.347  1.00 72.53 ? 4   ALA A O   1 
ATOM   5    C CB  . ALA A 1 4   ? -28.443 -43.444 11.602  1.00 73.36 ? 4   ALA A CB  1 
ATOM   6    N N   . ALA A 1 5   ? -27.055 -42.963 8.976   1.00 72.59 ? 5   ALA A N   1 
ATOM   7    C CA  . ALA A 1 5   ? -25.952 -43.150 8.033   1.00 71.98 ? 5   ALA A CA  1 
ATOM   8    C C   . ALA A 1 5   ? -25.793 -41.864 7.229   1.00 70.13 ? 5   ALA A C   1 
ATOM   9    O O   . ALA A 1 5   ? -24.687 -41.465 6.861   1.00 69.10 ? 5   ALA A O   1 
ATOM   10   C CB  . ALA A 1 5   ? -26.243 -44.332 7.100   1.00 71.73 ? 5   ALA A CB  1 
ATOM   11   N N   . SER A 1 6   ? -26.921 -41.223 6.961   1.00 68.87 ? 6   SER A N   1 
ATOM   12   C CA  . SER A 1 6   ? -26.919 -39.982 6.225   1.00 68.43 ? 6   SER A CA  1 
ATOM   13   C C   . SER A 1 6   ? -26.243 -38.935 7.103   1.00 66.99 ? 6   SER A C   1 
ATOM   14   O O   . SER A 1 6   ? -25.378 -38.195 6.634   1.00 67.26 ? 6   SER A O   1 
ATOM   15   C CB  . SER A 1 6   ? -28.349 -39.537 5.915   1.00 69.05 ? 6   SER A CB  1 
ATOM   16   O OG  . SER A 1 6   ? -29.029 -40.497 5.127   1.00 74.68 ? 6   SER A OG  1 
ATOM   17   N N   . LEU A 1 7   ? -26.637 -38.881 8.373   1.00 62.91 ? 7   LEU A N   1 
ATOM   18   C CA  . LEU A 1 7   ? -26.072 -37.907 9.288   1.00 60.72 ? 7   LEU A CA  1 
ATOM   19   C C   . LEU A 1 7   ? -24.559 -38.045 9.295   1.00 59.74 ? 7   LEU A C   1 
ATOM   20   O O   . LEU A 1 7   ? -23.844 -37.050 9.240   1.00 59.91 ? 7   LEU A O   1 
ATOM   21   C CB  . LEU A 1 7   ? -26.622 -38.091 10.705  1.00 59.20 ? 7   LEU A CB  1 
ATOM   22   C CG  . LEU A 1 7   ? -27.051 -36.821 11.466  1.00 58.78 ? 7   LEU A CG  1 
ATOM   23   C CD1 . LEU A 1 7   ? -27.091 -37.126 12.963  1.00 53.94 ? 7   LEU A CD1 1 
ATOM   24   C CD2 . LEU A 1 7   ? -26.103 -35.658 11.190  1.00 55.20 ? 7   LEU A CD2 1 
ATOM   25   N N   . VAL A 1 8   ? -24.062 -39.272 9.340   1.00 58.12 ? 8   VAL A N   1 
ATOM   26   C CA  . VAL A 1 8   ? -22.622 -39.471 9.345   1.00 57.97 ? 8   VAL A CA  1 
ATOM   27   C C   . VAL A 1 8   ? -21.938 -38.889 8.103   1.00 59.21 ? 8   VAL A C   1 
ATOM   28   O O   . VAL A 1 8   ? -20.836 -38.328 8.194   1.00 59.77 ? 8   VAL A O   1 
ATOM   29   C CB  . VAL A 1 8   ? -22.268 -40.956 9.463   1.00 58.26 ? 8   VAL A CB  1 
ATOM   30   C CG1 . VAL A 1 8   ? -20.784 -41.157 9.233   1.00 56.99 ? 8   VAL A CG1 1 
ATOM   31   C CG2 . VAL A 1 8   ? -22.629 -41.456 10.856  1.00 58.67 ? 8   VAL A CG2 1 
ATOM   32   N N   . GLY A 1 9   ? -22.583 -39.026 6.945   1.00 57.01 ? 9   GLY A N   1 
ATOM   33   C CA  . GLY A 1 9   ? -22.004 -38.506 5.725   1.00 54.64 ? 9   GLY A CA  1 
ATOM   34   C C   . GLY A 1 9   ? -22.089 -36.994 5.732   1.00 54.35 ? 9   GLY A C   1 
ATOM   35   O O   . GLY A 1 9   ? -21.220 -36.315 5.207   1.00 54.89 ? 9   GLY A O   1 
ATOM   36   N N   . GLU A 1 10  ? -23.152 -36.465 6.321   1.00 52.73 ? 10  GLU A N   1 
ATOM   37   C CA  . GLU A 1 10  ? -23.327 -35.027 6.400   1.00 52.31 ? 10  GLU A CA  1 
ATOM   38   C C   . GLU A 1 10  ? -22.165 -34.420 7.205   1.00 51.39 ? 10  GLU A C   1 
ATOM   39   O O   . GLU A 1 10  ? -21.533 -33.446 6.786   1.00 49.39 ? 10  GLU A O   1 
ATOM   40   C CB  . GLU A 1 10  ? -24.651 -34.719 7.081   1.00 54.10 ? 10  GLU A CB  1 
ATOM   41   C CG  . GLU A 1 10  ? -25.106 -33.289 6.948   1.00 60.05 ? 10  GLU A CG  1 
ATOM   42   C CD  . GLU A 1 10  ? -26.356 -33.002 7.752   1.00 65.83 ? 10  GLU A CD  1 
ATOM   43   O OE1 . GLU A 1 10  ? -26.322 -33.217 8.981   1.00 71.01 ? 10  GLU A OE1 1 
ATOM   44   O OE2 . GLU A 1 10  ? -27.374 -32.562 7.169   1.00 69.67 ? 10  GLU A OE2 1 
ATOM   45   N N   . LEU A 1 11  ? -21.870 -35.024 8.350   1.00 49.23 ? 11  LEU A N   1 
ATOM   46   C CA  . LEU A 1 11  ? -20.811 -34.549 9.223   1.00 46.58 ? 11  LEU A CA  1 
ATOM   47   C C   . LEU A 1 11  ? -19.440 -34.570 8.586   1.00 47.75 ? 11  LEU A C   1 
ATOM   48   O O   . LEU A 1 11  ? -18.659 -33.628 8.761   1.00 48.57 ? 11  LEU A O   1 
ATOM   49   C CB  . LEU A 1 11  ? -20.815 -35.350 10.522  1.00 42.12 ? 11  LEU A CB  1 
ATOM   50   C CG  . LEU A 1 11  ? -22.118 -35.164 11.307  1.00 40.98 ? 11  LEU A CG  1 
ATOM   51   C CD1 . LEU A 1 11  ? -22.103 -36.036 12.583  1.00 41.05 ? 11  LEU A CD1 1 
ATOM   52   C CD2 . LEU A 1 11  ? -22.314 -33.695 11.632  1.00 38.05 ? 11  LEU A CD2 1 
ATOM   53   N N   . GLN A 1 12  ? -19.135 -35.634 7.852   1.00 48.46 ? 12  GLN A N   1 
ATOM   54   C CA  . GLN A 1 12  ? -17.852 -35.748 7.189   1.00 50.81 ? 12  GLN A CA  1 
ATOM   55   C C   . GLN A 1 12  ? -17.759 -34.709 6.073   1.00 50.23 ? 12  GLN A C   1 
ATOM   56   O O   . GLN A 1 12  ? -16.692 -34.180 5.813   1.00 51.84 ? 12  GLN A O   1 
ATOM   57   C CB  . GLN A 1 12  ? -17.673 -37.145 6.603   1.00 53.08 ? 12  GLN A CB  1 
ATOM   58   C CG  . GLN A 1 12  ? -17.859 -38.230 7.646   1.00 59.39 ? 12  GLN A CG  1 
ATOM   59   C CD  . GLN A 1 12  ? -17.688 -39.629 7.086   1.00 62.15 ? 12  GLN A CD  1 
ATOM   60   O OE1 . GLN A 1 12  ? -18.337 -40.004 6.101   1.00 60.49 ? 12  GLN A OE1 1 
ATOM   61   N NE2 . GLN A 1 12  ? -16.815 -40.415 7.719   1.00 63.31 ? 12  GLN A NE2 1 
ATOM   62   N N   . ALA A 1 13  ? -18.877 -34.425 5.416   1.00 47.96 ? 13  ALA A N   1 
ATOM   63   C CA  . ALA A 1 13  ? -18.886 -33.428 4.350   1.00 47.19 ? 13  ALA A CA  1 
ATOM   64   C C   . ALA A 1 13  ? -18.668 -32.043 4.969   1.00 46.37 ? 13  ALA A C   1 
ATOM   65   O O   . ALA A 1 13  ? -17.907 -31.225 4.433   1.00 45.65 ? 13  ALA A O   1 
ATOM   66   C CB  . ALA A 1 13  ? -20.224 -33.451 3.602   1.00 44.10 ? 13  ALA A CB  1 
ATOM   67   N N   . LEU A 1 14  ? -19.350 -31.774 6.082   1.00 43.43 ? 14  LEU A N   1 
ATOM   68   C CA  . LEU A 1 14  ? -19.199 -30.488 6.722   1.00 42.54 ? 14  LEU A CA  1 
ATOM   69   C C   . LEU A 1 14  ? -17.753 -30.329 7.214   1.00 42.97 ? 14  LEU A C   1 
ATOM   70   O O   . LEU A 1 14  ? -17.206 -29.222 7.195   1.00 40.11 ? 14  LEU A O   1 
ATOM   71   C CB  . LEU A 1 14  ? -20.194 -30.332 7.873   1.00 41.40 ? 14  LEU A CB  1 
ATOM   72   C CG  . LEU A 1 14  ? -21.672 -30.227 7.474   1.00 42.58 ? 14  LEU A CG  1 
ATOM   73   C CD1 . LEU A 1 14  ? -22.502 -29.987 8.736   1.00 38.35 ? 14  LEU A CD1 1 
ATOM   74   C CD2 . LEU A 1 14  ? -21.892 -29.076 6.472   1.00 35.62 ? 14  LEU A CD2 1 
ATOM   75   N N   . ASP A 1 15  ? -17.118 -31.426 7.612   1.00 42.31 ? 15  ASP A N   1 
ATOM   76   C CA  . ASP A 1 15  ? -15.739 -31.340 8.075   1.00 43.10 ? 15  ASP A CA  1 
ATOM   77   C C   . ASP A 1 15  ? -14.785 -31.034 6.934   1.00 45.68 ? 15  ASP A C   1 
ATOM   78   O O   . ASP A 1 15  ? -13.789 -30.343 7.130   1.00 44.59 ? 15  ASP A O   1 
ATOM   79   C CB  . ASP A 1 15  ? -15.292 -32.630 8.742   1.00 45.70 ? 15  ASP A CB  1 
ATOM   80   C CG  . ASP A 1 15  ? -13.978 -32.456 9.480   1.00 48.73 ? 15  ASP A CG  1 
ATOM   81   O OD1 . ASP A 1 15  ? -13.941 -31.723 10.493  1.00 51.89 ? 15  ASP A OD1 1 
ATOM   82   O OD2 . ASP A 1 15  ? -12.977 -33.037 9.039   1.00 52.52 ? 15  ASP A OD2 1 
ATOM   83   N N   . ALA A 1 16  ? -15.077 -31.575 5.749   1.00 45.42 ? 16  ALA A N   1 
ATOM   84   C CA  . ALA A 1 16  ? -14.258 -31.336 4.575   1.00 44.91 ? 16  ALA A CA  1 
ATOM   85   C C   . ALA A 1 16  ? -14.407 -29.858 4.217   1.00 44.59 ? 16  ALA A C   1 
ATOM   86   O O   . ALA A 1 16  ? -13.436 -29.217 3.837   1.00 45.17 ? 16  ALA A O   1 
ATOM   87   C CB  . ALA A 1 16  ? -14.733 -32.196 3.413   1.00 46.79 ? 16  ALA A CB  1 
ATOM   88   N N   . GLU A 1 17  ? -15.622 -29.337 4.350   1.00 41.96 ? 17  GLU A N   1 
ATOM   89   C CA  . GLU A 1 17  ? -15.909 -27.933 4.057   1.00 43.06 ? 17  GLU A CA  1 
ATOM   90   C C   . GLU A 1 17  ? -15.152 -27.036 5.032   1.00 44.17 ? 17  GLU A C   1 
ATOM   91   O O   . GLU A 1 17  ? -14.562 -26.027 4.637   1.00 42.34 ? 17  GLU A O   1 
ATOM   92   C CB  . GLU A 1 17  ? -17.401 -27.640 4.205   1.00 44.98 ? 17  GLU A CB  1 
ATOM   93   C CG  . GLU A 1 17  ? -18.269 -28.052 2.990   1.00 52.55 ? 17  GLU A CG  1 
ATOM   94   C CD  . GLU A 1 17  ? -19.763 -27.782 3.202   1.00 55.17 ? 17  GLU A CD  1 
ATOM   95   O OE1 . GLU A 1 17  ? -20.127 -26.689 3.701   1.00 60.14 ? 17  GLU A OE1 1 
ATOM   96   O OE2 . GLU A 1 17  ? -20.581 -28.663 2.866   1.00 59.86 ? 17  GLU A OE2 1 
ATOM   97   N N   . TYR A 1 18  ? -15.189 -27.412 6.309   1.00 41.77 ? 18  TYR A N   1 
ATOM   98   C CA  . TYR A 1 18  ? -14.525 -26.661 7.354   1.00 41.62 ? 18  TYR A CA  1 
ATOM   99   C C   . TYR A 1 18  ? -13.025 -26.564 7.076   1.00 42.04 ? 18  TYR A C   1 
ATOM   100  O O   . TYR A 1 18  ? -12.466 -25.480 7.091   1.00 41.48 ? 18  TYR A O   1 
ATOM   101  C CB  . TYR A 1 18  ? -14.814 -27.309 8.710   1.00 38.90 ? 18  TYR A CB  1 
ATOM   102  C CG  . TYR A 1 18  ? -13.956 -26.822 9.861   1.00 39.23 ? 18  TYR A CG  1 
ATOM   103  C CD1 . TYR A 1 18  ? -12.867 -27.579 10.316  1.00 43.43 ? 18  TYR A CD1 1 
ATOM   104  C CD2 . TYR A 1 18  ? -14.268 -25.658 10.544  1.00 40.24 ? 18  TYR A CD2 1 
ATOM   105  C CE1 . TYR A 1 18  ? -12.113 -27.179 11.453  1.00 44.88 ? 18  TYR A CE1 1 
ATOM   106  C CE2 . TYR A 1 18  ? -13.527 -25.249 11.673  1.00 43.22 ? 18  TYR A CE2 1 
ATOM   107  C CZ  . TYR A 1 18  ? -12.461 -26.016 12.122  1.00 45.52 ? 18  TYR A CZ  1 
ATOM   108  O OH  . TYR A 1 18  ? -11.789 -25.645 13.278  1.00 49.97 ? 18  TYR A OH  1 
ATOM   109  N N   . GLN A 1 19  ? -12.396 -27.695 6.796   1.00 43.00 ? 19  GLN A N   1 
ATOM   110  C CA  . GLN A 1 19  ? -10.967 -27.769 6.502   1.00 44.81 ? 19  GLN A CA  1 
ATOM   111  C C   . GLN A 1 19  ? -10.575 -26.950 5.278   1.00 44.53 ? 19  GLN A C   1 
ATOM   112  O O   . GLN A 1 19  ? -9.578  -26.247 5.301   1.00 44.75 ? 19  GLN A O   1 
ATOM   113  C CB  . GLN A 1 19  ? -10.577 -29.208 6.257   1.00 45.93 ? 19  GLN A CB  1 
ATOM   114  C CG  . GLN A 1 19  ? -10.894 -30.079 7.416   1.00 56.02 ? 19  GLN A CG  1 
ATOM   115  C CD  . GLN A 1 19  ? -9.693  -30.284 8.297   1.00 62.26 ? 19  GLN A CD  1 
ATOM   116  O OE1 . GLN A 1 19  ? -9.224  -29.349 8.972   1.00 64.04 ? 19  GLN A OE1 1 
ATOM   117  N NE2 . GLN A 1 19  ? -9.155  -31.514 8.278   1.00 64.09 ? 19  GLN A NE2 1 
ATOM   118  N N   . ASN A 1 20  ? -11.347 -27.070 4.202   1.00 42.33 ? 20  ASN A N   1 
ATOM   119  C CA  . ASN A 1 20  ? -11.071 -26.326 2.983   1.00 44.09 ? 20  ASN A CA  1 
ATOM   120  C C   . ASN A 1 20  ? -11.255 -24.825 3.175   1.00 41.61 ? 20  ASN A C   1 
ATOM   121  O O   . ASN A 1 20  ? -10.481 -24.041 2.626   1.00 42.88 ? 20  ASN A O   1 
ATOM   122  C CB  . ASN A 1 20  ? -11.973 -26.811 1.834   1.00 49.42 ? 20  ASN A CB  1 
ATOM   123  C CG  . ASN A 1 20  ? -11.662 -28.243 1.423   1.00 54.63 ? 20  ASN A CG  1 
ATOM   124  O OD1 . ASN A 1 20  ? -10.568 -28.768 1.713   1.00 55.40 ? 20  ASN A OD1 1 
ATOM   125  N ND2 . ASN A 1 20  ? -12.611 -28.882 0.735   1.00 54.30 ? 20  ASN A ND2 1 
ATOM   126  N N   . LEU A 1 21  ? -12.292 -24.428 3.910   1.00 36.16 ? 21  LEU A N   1 
ATOM   127  C CA  . LEU A 1 21  ? -12.529 -23.020 4.185   1.00 37.89 ? 21  LEU A CA  1 
ATOM   128  C C   . LEU A 1 21  ? -11.331 -22.458 5.023   1.00 38.78 ? 21  LEU A C   1 
ATOM   129  O O   . LEU A 1 21  ? -10.758 -21.412 4.695   1.00 38.95 ? 21  LEU A O   1 
ATOM   130  C CB  . LEU A 1 21  ? -13.852 -22.866 4.935   1.00 35.61 ? 21  LEU A CB  1 
ATOM   131  C CG  . LEU A 1 21  ? -14.291 -21.457 5.301   1.00 38.67 ? 21  LEU A CG  1 
ATOM   132  C CD1 . LEU A 1 21  ? -14.325 -20.598 4.023   1.00 43.25 ? 21  LEU A CD1 1 
ATOM   133  C CD2 . LEU A 1 21  ? -15.647 -21.502 5.974   1.00 40.71 ? 21  LEU A CD2 1 
ATOM   134  N N   . ALA A 1 22  ? -10.950 -23.152 6.089   1.00 36.16 ? 22  ALA A N   1 
ATOM   135  C CA  . ALA A 1 22  ? -9.824  -22.700 6.917   1.00 39.88 ? 22  ALA A CA  1 
ATOM   136  C C   . ALA A 1 22  ? -8.578  -22.547 6.066   1.00 38.38 ? 22  ALA A C   1 
ATOM   137  O O   . ALA A 1 22  ? -7.852  -21.582 6.210   1.00 40.75 ? 22  ALA A O   1 
ATOM   138  C CB  . ALA A 1 22  ? -9.548  -23.685 8.078   1.00 35.81 ? 22  ALA A CB  1 
ATOM   139  N N   . ASN A 1 23  ? -8.318  -23.497 5.176   1.00 41.22 ? 23  ASN A N   1 
ATOM   140  C CA  . ASN A 1 23  ? -7.139  -23.377 4.328   1.00 41.28 ? 23  ASN A CA  1 
ATOM   141  C C   . ASN A 1 23  ? -7.198  -22.186 3.362   1.00 40.90 ? 23  ASN A C   1 
ATOM   142  O O   . ASN A 1 23  ? -6.180  -21.526 3.130   1.00 39.28 ? 23  ASN A O   1 
ATOM   143  C CB  . ASN A 1 23  ? -6.899  -24.673 3.551   1.00 40.67 ? 23  ASN A CB  1 
ATOM   144  C CG  . ASN A 1 23  ? -6.477  -25.825 4.465   1.00 46.52 ? 23  ASN A CG  1 
ATOM   145  O OD1 . ASN A 1 23  ? -5.785  -25.621 5.474   1.00 45.92 ? 23  ASN A OD1 1 
ATOM   146  N ND2 . ASN A 1 23  ? -6.881  -27.038 4.110   1.00 47.17 ? 23  ASN A ND2 1 
ATOM   147  N N   . GLN A 1 24  ? -8.375  -21.906 2.809   1.00 39.39 ? 24  GLN A N   1 
ATOM   148  C CA  . GLN A 1 24  ? -8.517  -20.787 1.886   1.00 41.75 ? 24  GLN A CA  1 
ATOM   149  C C   . GLN A 1 24  ? -8.439  -19.451 2.631   1.00 37.57 ? 24  GLN A C   1 
ATOM   150  O O   . GLN A 1 24  ? -7.957  -18.482 2.085   1.00 36.89 ? 24  GLN A O   1 
ATOM   151  C CB  . GLN A 1 24  ? -9.847  -20.851 1.128   1.00 42.05 ? 24  GLN A CB  1 
ATOM   152  C CG  . GLN A 1 24  ? -10.061 -22.167 0.417   1.00 54.80 ? 24  GLN A CG  1 
ATOM   153  C CD  . GLN A 1 24  ? -11.227 -22.115 -0.581  1.00 60.81 ? 24  GLN A CD  1 
ATOM   154  O OE1 . GLN A 1 24  ? -12.407 -22.088 -0.196  1.00 61.91 ? 24  GLN A OE1 1 
ATOM   155  N NE2 . GLN A 1 24  ? -10.891 -22.087 -1.871  1.00 63.12 ? 24  GLN A NE2 1 
ATOM   156  N N   . GLU A 1 25  ? -8.939  -19.404 3.857   1.00 36.96 ? 25  GLU A N   1 
ATOM   157  C CA  . GLU A 1 25  ? -8.896  -18.182 4.655   1.00 35.12 ? 25  GLU A CA  1 
ATOM   158  C C   . GLU A 1 25  ? -7.415  -17.881 4.950   1.00 36.26 ? 25  GLU A C   1 
ATOM   159  O O   . GLU A 1 25  ? -6.968  -16.719 4.838   1.00 33.84 ? 25  GLU A O   1 
ATOM   160  C CB  . GLU A 1 25  ? -9.661  -18.376 5.980   1.00 34.17 ? 25  GLU A CB  1 
ATOM   161  C CG  . GLU A 1 25  ? -9.686  -17.150 6.962   1.00 34.26 ? 25  GLU A CG  1 
ATOM   162  C CD  . GLU A 1 25  ? -10.518 -15.964 6.436   1.00 36.58 ? 25  GLU A CD  1 
ATOM   163  O OE1 . GLU A 1 25  ? -11.514 -16.234 5.747   1.00 37.59 ? 25  GLU A OE1 1 
ATOM   164  O OE2 . GLU A 1 25  ? -10.197 -14.778 6.729   1.00 32.30 ? 25  GLU A OE2 1 
ATOM   165  N N   . GLU A 1 26  ? -6.674  -18.931 5.316   1.00 34.97 ? 26  GLU A N   1 
ATOM   166  C CA  . GLU A 1 26  ? -5.256  -18.819 5.652   1.00 37.08 ? 26  GLU A CA  1 
ATOM   167  C C   . GLU A 1 26  ? -4.389  -18.444 4.429   1.00 37.68 ? 26  GLU A C   1 
ATOM   168  O O   . GLU A 1 26  ? -3.513  -17.580 4.508   1.00 36.06 ? 26  GLU A O   1 
ATOM   169  C CB  . GLU A 1 26  ? -4.779  -20.130 6.279   1.00 37.07 ? 26  GLU A CB  1 
ATOM   170  C CG  . GLU A 1 26  ? -3.348  -20.109 6.856   1.00 42.53 ? 26  GLU A CG  1 
ATOM   171  C CD  . GLU A 1 26  ? -3.215  -19.220 8.082   1.00 48.30 ? 26  GLU A CD  1 
ATOM   172  O OE1 . GLU A 1 26  ? -4.255  -18.702 8.569   1.00 48.19 ? 26  GLU A OE1 1 
ATOM   173  O OE2 . GLU A 1 26  ? -2.067  -19.036 8.565   1.00 52.42 ? 26  GLU A OE2 1 
ATOM   174  N N   . ALA A 1 27  ? -4.643  -19.072 3.287   1.00 38.33 ? 27  ALA A N   1 
ATOM   175  C CA  . ALA A 1 27  ? -3.896  -18.756 2.069   1.00 36.04 ? 27  ALA A CA  1 
ATOM   176  C C   . ALA A 1 27  ? -4.153  -17.304 1.662   1.00 36.08 ? 27  ALA A C   1 
ATOM   177  O O   . ALA A 1 27  ? -3.243  -16.591 1.232   1.00 35.36 ? 27  ALA A O   1 
ATOM   178  C CB  . ALA A 1 27  ? -4.332  -19.677 0.929   1.00 38.70 ? 27  ALA A CB  1 
ATOM   179  N N   . ARG A 1 28  ? -5.405  -16.880 1.770   1.00 35.51 ? 28  ARG A N   1 
ATOM   180  C CA  . ARG A 1 28  ? -5.749  -15.534 1.392   1.00 37.64 ? 28  ARG A CA  1 
ATOM   181  C C   . ARG A 1 28  ? -5.113  -14.515 2.353   1.00 36.30 ? 28  ARG A C   1 
ATOM   182  O O   . ARG A 1 28  ? -4.642  -13.442 1.935   1.00 33.23 ? 28  ARG A O   1 
ATOM   183  C CB  . ARG A 1 28  ? -7.261  -15.390 1.339   1.00 39.43 ? 28  ARG A CB  1 
ATOM   184  C CG  . ARG A 1 28  ? -7.675  -14.204 0.520   1.00 47.38 ? 28  ARG A CG  1 
ATOM   185  C CD  . ARG A 1 28  ? -8.736  -13.439 1.238   1.00 53.01 ? 28  ARG A CD  1 
ATOM   186  N NE  . ARG A 1 28  ? -8.464  -12.008 1.155   1.00 62.64 ? 28  ARG A NE  1 
ATOM   187  C CZ  . ARG A 1 28  ? -7.926  -11.286 2.139   1.00 61.04 ? 28  ARG A CZ  1 
ATOM   188  N NH1 . ARG A 1 28  ? -7.605  -11.844 3.309   1.00 56.64 ? 28  ARG A NH1 1 
ATOM   189  N NH2 . ARG A 1 28  ? -7.675  -10.002 1.932   1.00 64.08 ? 28  ARG A NH2 1 
ATOM   190  N N   . PHE A 1 29  ? -5.077  -14.850 3.636   1.00 34.19 ? 29  PHE A N   1 
ATOM   191  C CA  . PHE A 1 29  ? -4.415  -13.974 4.619   1.00 34.17 ? 29  PHE A CA  1 
ATOM   192  C C   . PHE A 1 29  ? -2.931  -13.830 4.254   1.00 32.90 ? 29  PHE A C   1 
ATOM   193  O O   . PHE A 1 29  ? -2.395  -12.744 4.256   1.00 34.70 ? 29  PHE A O   1 
ATOM   194  C CB  . PHE A 1 29  ? -4.500  -14.557 6.043   1.00 33.82 ? 29  PHE A CB  1 
ATOM   195  C CG  . PHE A 1 29  ? -3.704  -13.785 7.068   1.00 31.98 ? 29  PHE A CG  1 
ATOM   196  C CD1 . PHE A 1 29  ? -4.187  -12.585 7.568   1.00 32.11 ? 29  PHE A CD1 1 
ATOM   197  C CD2 . PHE A 1 29  ? -2.480  -14.258 7.523   1.00 33.34 ? 29  PHE A CD2 1 
ATOM   198  C CE1 . PHE A 1 29  ? -3.463  -11.856 8.523   1.00 37.64 ? 29  PHE A CE1 1 
ATOM   199  C CE2 . PHE A 1 29  ? -1.736  -13.541 8.485   1.00 33.73 ? 29  PHE A CE2 1 
ATOM   200  C CZ  . PHE A 1 29  ? -2.222  -12.344 8.982   1.00 32.70 ? 29  PHE A CZ  1 
ATOM   201  N N   . ASN A 1 30  ? -2.268  -14.930 3.942   1.00 35.32 ? 30  ASN A N   1 
ATOM   202  C CA  . ASN A 1 30  ? -0.846  -14.864 3.591   1.00 40.48 ? 30  ASN A CA  1 
ATOM   203  C C   . ASN A 1 30  ? -0.594  -14.061 2.326   1.00 40.90 ? 30  ASN A C   1 
ATOM   204  O O   . ASN A 1 30  ? 0.440   -13.418 2.187   1.00 41.17 ? 30  ASN A O   1 
ATOM   205  C CB  . ASN A 1 30  ? -0.261  -16.270 3.442   1.00 40.49 ? 30  ASN A CB  1 
ATOM   206  C CG  . ASN A 1 30  ? -0.131  -16.969 4.770   1.00 42.74 ? 30  ASN A CG  1 
ATOM   207  O OD1 . ASN A 1 30  ? -0.004  -18.180 4.824   1.00 47.12 ? 30  ASN A OD1 1 
ATOM   208  N ND2 . ASN A 1 30  ? -0.179  -16.209 5.852   1.00 39.79 ? 30  ASN A ND2 1 
ATOM   209  N N   . GLU A 1 31  ? -1.548  -14.103 1.408   1.00 40.02 ? 31  GLU A N   1 
ATOM   210  C CA  . GLU A 1 31  ? -1.453  -13.358 0.171   1.00 40.99 ? 31  GLU A CA  1 
ATOM   211  C C   . GLU A 1 31  ? -1.543  -11.869 0.516   1.00 40.04 ? 31  GLU A C   1 
ATOM   212  O O   . GLU A 1 31  ? -0.780  -11.051 0.028   1.00 38.18 ? 31  GLU A O   1 
ATOM   213  C CB  . GLU A 1 31  ? -2.629  -13.742 -0.705  1.00 44.83 ? 31  GLU A CB  1 
ATOM   214  C CG  . GLU A 1 31  ? -2.431  -13.590 -2.159  1.00 55.15 ? 31  GLU A CG  1 
ATOM   215  C CD  . GLU A 1 31  ? -3.653  -14.128 -2.907  1.00 64.64 ? 31  GLU A CD  1 
ATOM   216  O OE1 . GLU A 1 31  ? -4.079  -15.282 -2.592  1.00 64.32 ? 31  GLU A OE1 1 
ATOM   217  O OE2 . GLU A 1 31  ? -4.180  -13.396 -3.791  1.00 65.92 ? 31  GLU A OE2 1 
ATOM   218  N N   . GLU A 1 32  ? -2.505  -11.516 1.358   1.00 37.34 ? 32  GLU A N   1 
ATOM   219  C CA  . GLU A 1 32  ? -2.641  -10.135 1.722   1.00 37.70 ? 32  GLU A CA  1 
ATOM   220  C C   . GLU A 1 32  ? -1.395  -9.658  2.522   1.00 38.87 ? 32  GLU A C   1 
ATOM   221  O O   . GLU A 1 32  ? -1.001  -8.482  2.426   1.00 37.47 ? 32  GLU A O   1 
ATOM   222  C CB  . GLU A 1 32  ? -3.912  -9.912  2.544   1.00 36.59 ? 32  GLU A CB  1 
ATOM   223  C CG  . GLU A 1 32  ? -4.092  -8.438  2.858   1.00 37.66 ? 32  GLU A CG  1 
ATOM   224  C CD  . GLU A 1 32  ? -5.347  -8.112  3.624   1.00 43.18 ? 32  GLU A CD  1 
ATOM   225  O OE1 . GLU A 1 32  ? -6.121  -9.050  3.952   1.00 46.61 ? 32  GLU A OE1 1 
ATOM   226  O OE2 . GLU A 1 32  ? -5.556  -6.908  3.916   1.00 40.12 ? 32  GLU A OE2 1 
ATOM   227  N N   . ARG A 1 33  ? -0.800  -10.551 3.315   1.00 35.93 ? 33  ARG A N   1 
ATOM   228  C CA  . ARG A 1 33  ? 0.397   -10.204 4.084   1.00 37.40 ? 33  ARG A CA  1 
ATOM   229  C C   . ARG A 1 33  ? 1.548   -9.894  3.108   1.00 36.42 ? 33  ARG A C   1 
ATOM   230  O O   . ARG A 1 33  ? 2.298   -8.932  3.287   1.00 36.98 ? 33  ARG A O   1 
ATOM   231  C CB  . ARG A 1 33  ? 0.794   -11.362 4.988   1.00 34.44 ? 33  ARG A CB  1 
ATOM   232  C CG  . ARG A 1 33  ? 1.945   -11.015 5.964   1.00 35.25 ? 33  ARG A CG  1 
ATOM   233  C CD  . ARG A 1 33  ? 2.145   -12.163 6.906   1.00 33.35 ? 33  ARG A CD  1 
ATOM   234  N NE  . ARG A 1 33  ? 2.550   -13.360 6.169   1.00 38.09 ? 33  ARG A NE  1 
ATOM   235  C CZ  . ARG A 1 33  ? 2.666   -14.577 6.702   1.00 40.30 ? 33  ARG A CZ  1 
ATOM   236  N NH1 . ARG A 1 33  ? 2.406   -14.781 7.974   1.00 38.23 ? 33  ARG A NH1 1 
ATOM   237  N NH2 . ARG A 1 33  ? 3.055   -15.598 5.952   1.00 42.24 ? 33  ARG A NH2 1 
ATOM   238  N N   . ALA A 1 34  ? 1.664   -10.700 2.065   1.00 36.78 ? 34  ALA A N   1 
ATOM   239  C CA  . ALA A 1 34  ? 2.709   -10.483 1.082   1.00 39.79 ? 34  ALA A CA  1 
ATOM   240  C C   . ALA A 1 34  ? 2.517   -9.131  0.379   1.00 41.28 ? 34  ALA A C   1 
ATOM   241  O O   . ALA A 1 34  ? 3.501   -8.456  0.028   1.00 40.28 ? 34  ALA A O   1 
ATOM   242  C CB  . ALA A 1 34  ? 2.730   -11.634 0.069   1.00 38.75 ? 34  ALA A CB  1 
ATOM   243  N N   . GLN A 1 35  ? 1.267   -8.722  0.174   1.00 39.90 ? 35  GLN A N   1 
ATOM   244  C CA  . GLN A 1 35  ? 1.018   -7.423  -0.448  1.00 40.27 ? 35  GLN A CA  1 
ATOM   245  C C   . GLN A 1 35  ? 1.293   -6.275  0.512   1.00 37.59 ? 35  GLN A C   1 
ATOM   246  O O   . GLN A 1 35  ? 1.703   -5.195  0.105   1.00 37.57 ? 35  GLN A O   1 
ATOM   247  C CB  . GLN A 1 35  ? -0.423  -7.302  -0.927  1.00 40.79 ? 35  GLN A CB  1 
ATOM   248  C CG  . GLN A 1 35  ? -0.814  -8.404  -1.879  1.00 47.33 ? 35  GLN A CG  1 
ATOM   249  C CD  . GLN A 1 35  ? -2.317  -8.419  -2.142  1.00 53.55 ? 35  GLN A CD  1 
ATOM   250  O OE1 . GLN A 1 35  ? -3.115  -7.922  -1.325  1.00 57.32 ? 35  GLN A OE1 1 
ATOM   251  N NE2 . GLN A 1 35  ? -2.714  -9.001  -3.272  1.00 55.69 ? 35  GLN A NE2 1 
ATOM   252  N N   . ALA A 1 36  ? 1.050   -6.485  1.787   1.00 33.45 ? 36  ALA A N   1 
ATOM   253  C CA  . ALA A 1 36  ? 1.304   -5.430  2.750   1.00 33.72 ? 36  ALA A CA  1 
ATOM   254  C C   . ALA A 1 36  ? 2.799   -5.275  2.885   1.00 35.79 ? 36  ALA A C   1 
ATOM   255  O O   . ALA A 1 36  ? 3.276   -4.161  2.981   1.00 36.21 ? 36  ALA A O   1 
ATOM   256  C CB  . ALA A 1 36  ? 0.682   -5.756  4.123   1.00 31.24 ? 36  ALA A CB  1 
ATOM   257  N N   . ASP A 1 37  ? 3.539   -6.386  2.874   1.00 36.53 ? 37  ASP A N   1 
ATOM   258  C CA  . ASP A 1 37  ? 5.003   -6.328  3.020   1.00 38.90 ? 37  ASP A CA  1 
ATOM   259  C C   . ASP A 1 37  ? 5.598   -5.550  1.832   1.00 39.60 ? 37  ASP A C   1 
ATOM   260  O O   . ASP A 1 37  ? 6.502   -4.733  1.993   1.00 37.62 ? 37  ASP A O   1 
ATOM   261  C CB  . ASP A 1 37  ? 5.634   -7.736  3.051   1.00 36.96 ? 37  ASP A CB  1 
ATOM   262  C CG  . ASP A 1 37  ? 5.231   -8.548  4.286   1.00 40.59 ? 37  ASP A CG  1 
ATOM   263  O OD1 . ASP A 1 37  ? 4.780   -7.940  5.274   1.00 41.48 ? 37  ASP A OD1 1 
ATOM   264  O OD2 . ASP A 1 37  ? 5.375   -9.795  4.277   1.00 39.57 ? 37  ASP A OD2 1 
ATOM   265  N N   . ALA A 1 38  ? 5.078   -5.815  0.646   1.00 38.58 ? 38  ALA A N   1 
ATOM   266  C CA  . ALA A 1 38  ? 5.536   -5.144  -0.559  1.00 38.43 ? 38  ALA A CA  1 
ATOM   267  C C   . ALA A 1 38  ? 5.167   -3.668  -0.519  1.00 40.31 ? 38  ALA A C   1 
ATOM   268  O O   . ALA A 1 38  ? 5.944   -2.818  -0.991  1.00 41.06 ? 38  ALA A O   1 
ATOM   269  C CB  . ALA A 1 38  ? 4.927   -5.812  -1.795  1.00 39.33 ? 38  ALA A CB  1 
ATOM   270  N N   . ALA A 1 39  ? 3.996   -3.354  0.045   1.00 36.80 ? 39  ALA A N   1 
ATOM   271  C CA  . ALA A 1 39  ? 3.546   -1.963  0.170   1.00 37.34 ? 39  ALA A CA  1 
ATOM   272  C C   . ALA A 1 39  ? 4.450   -1.232  1.159   1.00 37.05 ? 39  ALA A C   1 
ATOM   273  O O   . ALA A 1 39  ? 4.788   -0.071  0.934   1.00 34.80 ? 39  ALA A O   1 
ATOM   274  C CB  . ALA A 1 39  ? 2.086   -1.888  0.661   1.00 33.68 ? 39  ALA A CB  1 
ATOM   275  N N   . ARG A 1 40  ? 4.814   -1.885  2.268   1.00 33.90 ? 40  ARG A N   1 
ATOM   276  C CA  . ARG A 1 40  ? 5.726   -1.231  3.234   1.00 36.53 ? 40  ARG A CA  1 
ATOM   277  C C   . ARG A 1 40  ? 7.053   -0.811  2.604   1.00 36.26 ? 40  ARG A C   1 
ATOM   278  O O   . ARG A 1 40  ? 7.511   0.297   2.832   1.00 40.53 ? 40  ARG A O   1 
ATOM   279  C CB  . ARG A 1 40  ? 6.060   -2.121  4.415   1.00 35.08 ? 40  ARG A CB  1 
ATOM   280  C CG  . ARG A 1 40  ? 4.882   -2.412  5.337   1.00 39.35 ? 40  ARG A CG  1 
ATOM   281  C CD  . ARG A 1 40  ? 5.402   -3.094  6.632   1.00 37.99 ? 40  ARG A CD  1 
ATOM   282  N NE  . ARG A 1 40  ? 4.298   -3.539  7.468   1.00 35.34 ? 40  ARG A NE  1 
ATOM   283  C CZ  . ARG A 1 40  ? 3.648   -2.752  8.304   1.00 35.90 ? 40  ARG A CZ  1 
ATOM   284  N NH1 . ARG A 1 40  ? 3.995   -1.466  8.423   1.00 34.96 ? 40  ARG A NH1 1 
ATOM   285  N NH2 . ARG A 1 40  ? 2.658   -3.259  9.022   1.00 32.71 ? 40  ARG A NH2 1 
ATOM   286  N N   . GLN A 1 41  ? 7.660   -1.698  1.828   1.00 39.19 ? 41  GLN A N   1 
ATOM   287  C CA  . GLN A 1 41  ? 8.930   -1.403  1.169   1.00 42.99 ? 41  GLN A CA  1 
ATOM   288  C C   . GLN A 1 41  ? 8.772   -0.286  0.138   1.00 41.56 ? 41  GLN A C   1 
ATOM   289  O O   . GLN A 1 41  ? 9.521   0.680   0.165   1.00 40.49 ? 41  GLN A O   1 
ATOM   290  C CB  . GLN A 1 41  ? 9.490   -2.674  0.503   1.00 47.57 ? 41  GLN A CB  1 
ATOM   291  C CG  . GLN A 1 41  ? 10.000  -3.716  1.515   1.00 55.89 ? 41  GLN A CG  1 
ATOM   292  C CD  . GLN A 1 41  ? 10.569  -4.974  0.855   1.00 60.58 ? 41  GLN A CD  1 
ATOM   293  O OE1 . GLN A 1 41  ? 11.537  -4.909  0.088   1.00 64.01 ? 41  GLN A OE1 1 
ATOM   294  N NE2 . GLN A 1 41  ? 9.965   -6.128  1.151   1.00 63.51 ? 41  GLN A NE2 1 
ATOM   295  N N   . ALA A 1 42  ? 7.786   -0.409  -0.751  1.00 39.56 ? 42  ALA A N   1 
ATOM   296  C CA  . ALA A 1 42  ? 7.538   0.599   -1.780  1.00 39.18 ? 42  ALA A CA  1 
ATOM   297  C C   . ALA A 1 42  ? 7.210   1.966   -1.192  1.00 38.63 ? 42  ALA A C   1 
ATOM   298  O O   . ALA A 1 42  ? 7.591   2.993   -1.738  1.00 39.82 ? 42  ALA A O   1 
ATOM   299  C CB  . ALA A 1 42  ? 6.393   0.128   -2.730  1.00 39.00 ? 42  ALA A CB  1 
ATOM   300  N N   . LEU A 1 43  ? 6.503   1.981   -0.068  1.00 39.05 ? 43  LEU A N   1 
ATOM   301  C CA  . LEU A 1 43  ? 6.160   3.223   0.578   1.00 38.40 ? 43  LEU A CA  1 
ATOM   302  C C   . LEU A 1 43  ? 7.405   3.872   1.211   1.00 41.28 ? 43  LEU A C   1 
ATOM   303  O O   . LEU A 1 43  ? 7.567   5.086   1.135   1.00 40.38 ? 43  LEU A O   1 
ATOM   304  C CB  . LEU A 1 43  ? 5.102   2.985   1.670   1.00 34.20 ? 43  LEU A CB  1 
ATOM   305  C CG  . LEU A 1 43  ? 4.887   4.155   2.633   1.00 35.73 ? 43  LEU A CG  1 
ATOM   306  C CD1 . LEU A 1 43  ? 4.284   5.344   1.856   1.00 35.96 ? 43  LEU A CD1 1 
ATOM   307  C CD2 . LEU A 1 43  ? 3.958   3.768   3.783   1.00 35.26 ? 43  LEU A CD2 1 
ATOM   308  N N   . ALA A 1 44  ? 8.256   3.070   1.856   1.00 40.50 ? 44  ALA A N   1 
ATOM   309  C CA  . ALA A 1 44  ? 9.465   3.620   2.482   1.00 44.80 ? 44  ALA A CA  1 
ATOM   310  C C   . ALA A 1 44  ? 10.309  4.253   1.383   1.00 45.49 ? 44  ALA A C   1 
ATOM   311  O O   . ALA A 1 44  ? 10.845  5.339   1.567   1.00 46.32 ? 44  ALA A O   1 
ATOM   312  C CB  . ALA A 1 44  ? 10.269  2.505   3.215   1.00 42.90 ? 44  ALA A CB  1 
ATOM   313  N N   . GLN A 1 45  ? 10.401  3.581   0.236   1.00 45.79 ? 45  GLN A N   1 
ATOM   314  C CA  . GLN A 1 45  ? 11.168  4.092   -0.892  1.00 48.47 ? 45  GLN A CA  1 
ATOM   315  C C   . GLN A 1 45  ? 10.519  5.346   -1.515  1.00 49.80 ? 45  GLN A C   1 
ATOM   316  O O   . GLN A 1 45  ? 11.241  6.270   -1.942  1.00 48.44 ? 45  GLN A O   1 
ATOM   317  C CB  . GLN A 1 45  ? 11.348  2.978   -1.936  1.00 51.32 ? 45  GLN A CB  1 
ATOM   318  C CG  . GLN A 1 45  ? 11.862  3.405   -3.332  1.00 62.76 ? 45  GLN A CG  1 
ATOM   319  C CD  . GLN A 1 45  ? 13.277  4.025   -3.344  1.00 67.87 ? 45  GLN A CD  1 
ATOM   320  O OE1 . GLN A 1 45  ? 14.219  3.511   -2.720  1.00 71.23 ? 45  GLN A OE1 1 
ATOM   321  N NE2 . GLN A 1 45  ? 13.426  5.125   -4.076  1.00 69.96 ? 45  GLN A NE2 1 
ATOM   322  N N   . ASN A 1 46  ? 9.179   5.393   -1.562  1.00 45.22 ? 46  ASN A N   1 
ATOM   323  C CA  . ASN A 1 46  ? 8.467   6.557   -2.112  1.00 43.79 ? 46  ASN A CA  1 
ATOM   324  C C   . ASN A 1 46  ? 8.584   7.736   -1.157  1.00 42.85 ? 46  ASN A C   1 
ATOM   325  O O   . ASN A 1 46  ? 8.611   8.895   -1.572  1.00 40.70 ? 46  ASN A O   1 
ATOM   326  C CB  . ASN A 1 46  ? 6.966   6.263   -2.337  1.00 39.33 ? 46  ASN A CB  1 
ATOM   327  C CG  . ASN A 1 46  ? 6.702   5.392   -3.543  1.00 41.08 ? 46  ASN A CG  1 
ATOM   328  O OD1 . ASN A 1 46  ? 5.639   4.763   -3.647  1.00 44.96 ? 46  ASN A OD1 1 
ATOM   329  N ND2 . ASN A 1 46  ? 7.633   5.358   -4.474  1.00 36.36 ? 46  ASN A ND2 1 
ATOM   330  N N   . GLU A 1 47  ? 8.630   7.459   0.138   1.00 43.34 ? 47  GLU A N   1 
ATOM   331  C CA  . GLU A 1 47  ? 8.753   8.551   1.091   1.00 46.79 ? 47  GLU A CA  1 
ATOM   332  C C   . GLU A 1 47  ? 10.090  9.283   0.955   1.00 46.37 ? 47  GLU A C   1 
ATOM   333  O O   . GLU A 1 47  ? 10.178  10.489  1.200   1.00 46.28 ? 47  GLU A O   1 
ATOM   334  C CB  . GLU A 1 47  ? 8.607   8.033   2.515   1.00 49.56 ? 47  GLU A CB  1 
ATOM   335  C CG  . GLU A 1 47  ? 7.189   7.774   2.912   1.00 56.58 ? 47  GLU A CG  1 
ATOM   336  C CD  . GLU A 1 47  ? 7.128   7.111   4.254   1.00 62.19 ? 47  GLU A CD  1 
ATOM   337  O OE1 . GLU A 1 47  ? 8.079   6.353   4.563   1.00 65.96 ? 47  GLU A OE1 1 
ATOM   338  O OE2 . GLU A 1 47  ? 6.141   7.330   4.993   1.00 66.81 ? 47  GLU A OE2 1 
ATOM   339  N N   . GLN A 1 48  ? 11.128  8.556   0.591   1.00 44.99 ? 48  GLN A N   1 
ATOM   340  C CA  . GLN A 1 48  ? 12.426  9.191   0.439   1.00 49.80 ? 48  GLN A CA  1 
ATOM   341  C C   . GLN A 1 48  ? 12.468  9.961   -0.883  1.00 48.05 ? 48  GLN A C   1 
ATOM   342  O O   . GLN A 1 48  ? 13.004  11.070  -0.938  1.00 47.15 ? 48  GLN A O   1 
ATOM   343  C CB  . GLN A 1 48  ? 13.548  8.166   0.510   1.00 51.01 ? 48  GLN A CB  1 
ATOM   344  C CG  . GLN A 1 48  ? 14.660  8.649   1.437   1.00 62.67 ? 48  GLN A CG  1 
ATOM   345  C CD  . GLN A 1 48  ? 14.115  9.171   2.784   1.00 66.81 ? 48  GLN A CD  1 
ATOM   346  O OE1 . GLN A 1 48  ? 13.682  8.385   3.639   1.00 70.18 ? 48  GLN A OE1 1 
ATOM   347  N NE2 . GLN A 1 48  ? 14.114  10.502  2.961   1.00 66.19 ? 48  GLN A NE2 1 
ATOM   348  N N   . VAL A 1 49  ? 11.886  9.386   -1.935  1.00 46.18 ? 49  VAL A N   1 
ATOM   349  C CA  . VAL A 1 49  ? 11.805  10.064  -3.222  1.00 44.74 ? 49  VAL A CA  1 
ATOM   350  C C   . VAL A 1 49  ? 10.979  11.338  -3.065  1.00 44.89 ? 49  VAL A C   1 
ATOM   351  O O   . VAL A 1 49  ? 11.375  12.409  -3.552  1.00 45.44 ? 49  VAL A O   1 
ATOM   352  C CB  . VAL A 1 49  ? 11.151  9.179   -4.291  1.00 45.45 ? 49  VAL A CB  1 
ATOM   353  C CG1 . VAL A 1 49  ? 10.817  10.008  -5.551  1.00 43.47 ? 49  VAL A CG1 1 
ATOM   354  C CG2 . VAL A 1 49  ? 12.084  8.057   -4.642  1.00 44.37 ? 49  VAL A CG2 1 
ATOM   355  N N   . TYR A 1 50  ? 9.852   11.240  -2.364  1.00 42.09 ? 50  TYR A N   1 
ATOM   356  C CA  . TYR A 1 50  ? 8.990   12.395  -2.156  1.00 42.53 ? 50  TYR A CA  1 
ATOM   357  C C   . TYR A 1 50  ? 9.734   13.523  -1.445  1.00 45.16 ? 50  TYR A C   1 
ATOM   358  O O   . TYR A 1 50  ? 9.634   14.687  -1.818  1.00 42.12 ? 50  TYR A O   1 
ATOM   359  C CB  . TYR A 1 50  ? 7.764   12.006  -1.332  1.00 39.47 ? 50  TYR A CB  1 
ATOM   360  C CG  . TYR A 1 50  ? 6.716   13.098  -1.192  1.00 41.34 ? 50  TYR A CG  1 
ATOM   361  C CD1 . TYR A 1 50  ? 6.752   14.002  -0.140  1.00 42.87 ? 50  TYR A CD1 1 
ATOM   362  C CD2 . TYR A 1 50  ? 5.704   13.253  -2.150  1.00 43.28 ? 50  TYR A CD2 1 
ATOM   363  C CE1 . TYR A 1 50  ? 5.816   15.038  -0.043  1.00 43.85 ? 50  TYR A CE1 1 
ATOM   364  C CE2 . TYR A 1 50  ? 4.769   14.277  -2.063  1.00 41.01 ? 50  TYR A CE2 1 
ATOM   365  C CZ  . TYR A 1 50  ? 4.827   15.167  -1.008  1.00 44.18 ? 50  TYR A CZ  1 
ATOM   366  O OH  . TYR A 1 50  ? 3.873   16.165  -0.882  1.00 46.02 ? 50  TYR A OH  1 
ATOM   367  N N   . ASN A 1 51  ? 10.477  13.174  -0.406  1.00 46.04 ? 51  ASN A N   1 
ATOM   368  C CA  . ASN A 1 51  ? 11.196  14.178  0.347   1.00 47.48 ? 51  ASN A CA  1 
ATOM   369  C C   . ASN A 1 51  ? 12.245  14.859  -0.503  1.00 46.04 ? 51  ASN A C   1 
ATOM   370  O O   . ASN A 1 51  ? 12.335  16.080  -0.518  1.00 44.46 ? 51  ASN A O   1 
ATOM   371  C CB  . ASN A 1 51  ? 11.824  13.549  1.594   1.00 50.71 ? 51  ASN A CB  1 
ATOM   372  C CG  . ASN A 1 51  ? 10.761  13.108  2.608   1.00 57.40 ? 51  ASN A CG  1 
ATOM   373  O OD1 . ASN A 1 51  ? 9.709   13.758  2.748   1.00 58.71 ? 51  ASN A OD1 1 
ATOM   374  N ND2 . ASN A 1 51  ? 11.031  12.007  3.322   1.00 59.08 ? 51  ASN A ND2 1 
ATOM   375  N N   . GLU A 1 52  ? 13.041  14.064  -1.203  1.00 46.23 ? 52  GLU A N   1 
ATOM   376  C CA  . GLU A 1 52  ? 14.062  14.593  -2.070  1.00 46.23 ? 52  GLU A CA  1 
ATOM   377  C C   . GLU A 1 52  ? 13.466  15.444  -3.184  1.00 46.01 ? 52  GLU A C   1 
ATOM   378  O O   . GLU A 1 52  ? 13.936  16.566  -3.424  1.00 44.19 ? 52  GLU A O   1 
ATOM   379  C CB  . GLU A 1 52  ? 14.841  13.458  -2.687  1.00 51.03 ? 52  GLU A CB  1 
ATOM   380  C CG  . GLU A 1 52  ? 15.721  12.722  -1.688  1.00 61.36 ? 52  GLU A CG  1 
ATOM   381  C CD  . GLU A 1 52  ? 16.249  11.434  -2.266  1.00 67.52 ? 52  GLU A CD  1 
ATOM   382  O OE1 . GLU A 1 52  ? 16.584  11.434  -3.474  1.00 72.70 ? 52  GLU A OE1 1 
ATOM   383  O OE2 . GLU A 1 52  ? 16.326  10.427  -1.526  1.00 72.34 ? 52  GLU A OE2 1 
ATOM   384  N N   . LEU A 1 53  ? 12.431  14.929  -3.855  1.00 41.12 ? 53  LEU A N   1 
ATOM   385  C CA  . LEU A 1 53  ? 11.829  15.651  -4.964  1.00 40.98 ? 53  LEU A CA  1 
ATOM   386  C C   . LEU A 1 53  ? 11.094  16.905  -4.552  1.00 41.53 ? 53  LEU A C   1 
ATOM   387  O O   . LEU A 1 53  ? 11.065  17.892  -5.298  1.00 40.80 ? 53  LEU A O   1 
ATOM   388  C CB  . LEU A 1 53  ? 10.920  14.710  -5.766  1.00 43.28 ? 53  LEU A CB  1 
ATOM   389  C CG  . LEU A 1 53  ? 11.643  14.052  -6.949  1.00 46.71 ? 53  LEU A CG  1 
ATOM   390  C CD1 . LEU A 1 53  ? 13.013  13.623  -6.507  1.00 48.45 ? 53  LEU A CD1 1 
ATOM   391  C CD2 . LEU A 1 53  ? 10.840  12.870  -7.532  1.00 45.42 ? 53  LEU A CD2 1 
ATOM   392  N N   . SER A 1 54  ? 10.499  16.879  -3.365  1.00 40.64 ? 54  SER A N   1 
ATOM   393  C CA  . SER A 1 54  ? 9.773   18.025  -2.841  1.00 41.78 ? 54  SER A CA  1 
ATOM   394  C C   . SER A 1 54  ? 10.770  19.183  -2.600  1.00 45.42 ? 54  SER A C   1 
ATOM   395  O O   . SER A 1 54  ? 10.489  20.345  -2.929  1.00 44.36 ? 54  SER A O   1 
ATOM   396  C CB  . SER A 1 54  ? 9.092   17.632  -1.536  1.00 43.52 ? 54  SER A CB  1 
ATOM   397  O OG  . SER A 1 54  ? 8.423   18.733  -0.950  1.00 50.10 ? 54  SER A OG  1 
ATOM   398  N N   . GLN A 1 55  ? 11.921  18.852  -2.015  1.00 44.66 ? 55  GLN A N   1 
ATOM   399  C CA  . GLN A 1 55  ? 12.974  19.818  -1.748  1.00 47.27 ? 55  GLN A CA  1 
ATOM   400  C C   . GLN A 1 55  ? 13.454  20.382  -3.094  1.00 44.99 ? 55  GLN A C   1 
ATOM   401  O O   . GLN A 1 55  ? 13.588  21.586  -3.263  1.00 44.88 ? 55  GLN A O   1 
ATOM   402  C CB  . GLN A 1 55  ? 14.139  19.127  -1.032  1.00 49.57 ? 55  GLN A CB  1 
ATOM   403  C CG  . GLN A 1 55  ? 15.422  19.959  -0.994  1.00 60.89 ? 55  GLN A CG  1 
ATOM   404  C CD  . GLN A 1 55  ? 16.508  19.364  -0.077  1.00 65.64 ? 55  GLN A CD  1 
ATOM   405  O OE1 . GLN A 1 55  ? 16.282  19.153  1.127   1.00 68.08 ? 55  GLN A OE1 1 
ATOM   406  N NE2 . GLN A 1 55  ? 17.689  19.098  -0.647  1.00 66.30 ? 55  GLN A NE2 1 
ATOM   407  N N   . ARG A 1 56  ? 13.695  19.495  -4.048  1.00 43.30 ? 56  ARG A N   1 
ATOM   408  C CA  . ARG A 1 56  ? 14.132  19.917  -5.359  1.00 42.94 ? 56  ARG A CA  1 
ATOM   409  C C   . ARG A 1 56  ? 13.150  20.918  -5.945  1.00 43.61 ? 56  ARG A C   1 
ATOM   410  O O   . ARG A 1 56  ? 13.534  22.009  -6.347  1.00 43.22 ? 56  ARG A O   1 
ATOM   411  C CB  . ARG A 1 56  ? 14.252  18.723  -6.296  1.00 40.34 ? 56  ARG A CB  1 
ATOM   412  C CG  . ARG A 1 56  ? 14.650  19.131  -7.706  1.00 41.58 ? 56  ARG A CG  1 
ATOM   413  C CD  . ARG A 1 56  ? 14.822  17.937  -8.607  1.00 42.62 ? 56  ARG A CD  1 
ATOM   414  N NE  . ARG A 1 56  ? 16.038  17.224  -8.244  1.00 44.69 ? 56  ARG A NE  1 
ATOM   415  C CZ  . ARG A 1 56  ? 16.484  16.148  -8.864  1.00 45.66 ? 56  ARG A CZ  1 
ATOM   416  N NH1 . ARG A 1 56  ? 15.812  15.631  -9.890  1.00 44.73 ? 56  ARG A NH1 1 
ATOM   417  N NH2 . ARG A 1 56  ? 17.625  15.601  -8.470  1.00 48.41 ? 56  ARG A NH2 1 
ATOM   418  N N   . ALA A 1 57  ? 11.878  20.546  -5.975  1.00 40.66 ? 57  ALA A N   1 
ATOM   419  C CA  . ALA A 1 57  ? 10.820  21.386  -6.534  1.00 44.72 ? 57  ALA A CA  1 
ATOM   420  C C   . ALA A 1 57  ? 10.730  22.746  -5.844  1.00 46.48 ? 57  ALA A C   1 
ATOM   421  O O   . ALA A 1 57  ? 10.498  23.786  -6.490  1.00 44.67 ? 57  ALA A O   1 
ATOM   422  C CB  . ALA A 1 57  ? 9.456   20.664  -6.427  1.00 43.68 ? 57  ALA A CB  1 
ATOM   423  N N   . GLN A 1 58  ? 10.884  22.732  -4.525  1.00 47.62 ? 58  GLN A N   1 
ATOM   424  C CA  . GLN A 1 58  ? 10.825  23.953  -3.745  1.00 48.41 ? 58  GLN A CA  1 
ATOM   425  C C   . GLN A 1 58  ? 11.980  24.888  -4.088  1.00 47.62 ? 58  GLN A C   1 
ATOM   426  O O   . GLN A 1 58  ? 11.786  26.099  -4.166  1.00 48.89 ? 58  GLN A O   1 
ATOM   427  C CB  . GLN A 1 58  ? 10.852  23.628  -2.257  1.00 52.34 ? 58  GLN A CB  1 
ATOM   428  C CG  . GLN A 1 58  ? 9.478   23.496  -1.629  1.00 60.20 ? 58  GLN A CG  1 
ATOM   429  C CD  . GLN A 1 58  ? 9.495   22.634  -0.372  1.00 65.53 ? 58  GLN A CD  1 
ATOM   430  O OE1 . GLN A 1 58  ? 10.419  22.726  0.449   1.00 69.06 ? 58  GLN A OE1 1 
ATOM   431  N NE2 . GLN A 1 58  ? 8.470   21.791  -0.211  1.00 66.51 ? 58  GLN A NE2 1 
ATOM   432  N N   . ARG A 1 59  ? 13.174  24.328  -4.268  1.00 47.12 ? 59  ARG A N   1 
ATOM   433  C CA  . ARG A 1 59  ? 14.363  25.114  -4.605  1.00 48.24 ? 59  ARG A CA  1 
ATOM   434  C C   . ARG A 1 59  ? 14.244  25.711  -6.021  1.00 47.65 ? 59  ARG A C   1 
ATOM   435  O O   . ARG A 1 59  ? 14.599  26.871  -6.254  1.00 45.85 ? 59  ARG A O   1 
ATOM   436  C CB  . ARG A 1 59  ? 15.603  24.235  -4.507  1.00 50.30 ? 59  ARG A CB  1 
ATOM   437  C CG  . ARG A 1 59  ? 16.912  24.991  -4.590  1.00 55.58 ? 59  ARG A CG  1 
ATOM   438  C CD  . ARG A 1 59  ? 18.111  24.093  -4.288  1.00 58.82 ? 59  ARG A CD  1 
ATOM   439  N NE  . ARG A 1 59  ? 18.208  22.959  -5.219  1.00 64.53 ? 59  ARG A NE  1 
ATOM   440  C CZ  . ARG A 1 59  ? 18.063  21.673  -4.870  1.00 65.78 ? 59  ARG A CZ  1 
ATOM   441  N NH1 . ARG A 1 59  ? 17.817  21.338  -3.599  1.00 65.54 ? 59  ARG A NH1 1 
ATOM   442  N NH2 . ARG A 1 59  ? 18.137  20.713  -5.795  1.00 63.32 ? 59  ARG A NH2 1 
ATOM   443  N N   . LEU A 1 60  ? 13.735  24.913  -6.954  1.00 45.56 ? 60  LEU A N   1 
ATOM   444  C CA  . LEU A 1 60  ? 13.534  25.349  -8.338  1.00 45.71 ? 60  LEU A CA  1 
ATOM   445  C C   . LEU A 1 60  ? 12.633  26.550  -8.427  1.00 46.19 ? 60  LEU A C   1 
ATOM   446  O O   . LEU A 1 60  ? 12.951  27.506  -9.121  1.00 44.33 ? 60  LEU A O   1 
ATOM   447  C CB  . LEU A 1 60  ? 12.919  24.237  -9.191  1.00 42.46 ? 60  LEU A CB  1 
ATOM   448  C CG  . LEU A 1 60  ? 13.888  23.105  -9.470  1.00 42.13 ? 60  LEU A CG  1 
ATOM   449  C CD1 . LEU A 1 60  ? 13.154  21.931  -10.089 1.00 41.50 ? 60  LEU A CD1 1 
ATOM   450  C CD2 . LEU A 1 60  ? 15.000  23.606  -10.364 1.00 43.83 ? 60  LEU A CD2 1 
ATOM   451  N N   . GLN A 1 61  ? 11.503  26.498  -7.737  1.00 46.48 ? 61  GLN A N   1 
ATOM   452  C CA  . GLN A 1 61  ? 10.559  27.607  -7.772  1.00 50.79 ? 61  GLN A CA  1 
ATOM   453  C C   . GLN A 1 61  ? 11.094  28.857  -7.081  1.00 51.25 ? 61  GLN A C   1 
ATOM   454  O O   . GLN A 1 61  ? 10.852  29.968  -7.539  1.00 51.66 ? 61  GLN A O   1 
ATOM   455  C CB  . GLN A 1 61  ? 9.220   27.205  -7.127  1.00 52.24 ? 61  GLN A CB  1 
ATOM   456  C CG  . GLN A 1 61  ? 8.148   28.263  -7.266  1.00 57.83 ? 61  GLN A CG  1 
ATOM   457  C CD  . GLN A 1 61  ? 7.808   28.573  -8.730  1.00 61.81 ? 61  GLN A CD  1 
ATOM   458  O OE1 . GLN A 1 61  ? 7.199   27.754  -9.423  1.00 66.14 ? 61  GLN A OE1 1 
ATOM   459  N NE2 . GLN A 1 61  ? 8.208   29.758  -9.201  1.00 60.91 ? 61  GLN A NE2 1 
ATOM   460  N N   . ALA A 1 62  ? 11.819  28.664  -5.985  1.00 49.22 ? 62  ALA A N   1 
ATOM   461  C CA  . ALA A 1 62  ? 12.376  29.760  -5.220  1.00 50.59 ? 62  ALA A CA  1 
ATOM   462  C C   . ALA A 1 62  ? 13.457  30.521  -6.000  1.00 52.67 ? 62  ALA A C   1 
ATOM   463  O O   . ALA A 1 62  ? 13.348  31.730  -6.234  1.00 53.55 ? 62  ALA A O   1 
ATOM   464  C CB  . ALA A 1 62  ? 12.974  29.225  -3.901  1.00 48.85 ? 62  ALA A CB  1 
ATOM   465  N N   . GLU A 1 63  ? 14.489  29.786  -6.402  1.00 52.46 ? 63  GLU A N   1 
ATOM   466  C CA  . GLU A 1 63  ? 15.628  30.326  -7.126  1.00 49.94 ? 63  GLU A CA  1 
ATOM   467  C C   . GLU A 1 63  ? 15.365  30.704  -8.580  1.00 51.14 ? 63  GLU A C   1 
ATOM   468  O O   . GLU A 1 63  ? 16.240  31.268  -9.244  1.00 50.81 ? 63  GLU A O   1 
ATOM   469  C CB  . GLU A 1 63  ? 16.750  29.299  -7.075  1.00 49.21 ? 63  GLU A CB  1 
ATOM   470  C CG  . GLU A 1 63  ? 17.119  28.906  -5.659  1.00 52.00 ? 63  GLU A CG  1 
ATOM   471  C CD  . GLU A 1 63  ? 18.361  28.034  -5.604  1.00 52.35 ? 63  GLU A CD  1 
ATOM   472  O OE1 . GLU A 1 63  ? 18.627  27.331  -6.603  1.00 52.97 ? 63  GLU A OE1 1 
ATOM   473  O OE2 . GLU A 1 63  ? 19.060  28.043  -4.560  1.00 53.30 ? 63  GLU A OE2 1 
ATOM   474  N N   . ALA A 1 64  ? 14.172  30.407  -9.076  1.00 48.68 ? 64  ALA A N   1 
ATOM   475  C CA  . ALA A 1 64  ? 13.854  30.688  -10.458 1.00 51.59 ? 64  ALA A CA  1 
ATOM   476  C C   . ALA A 1 64  ? 14.203  32.095  -10.940 1.00 53.77 ? 64  ALA A C   1 
ATOM   477  O O   . ALA A 1 64  ? 14.299  32.327  -12.145 1.00 52.71 ? 64  ALA A O   1 
ATOM   478  C CB  . ALA A 1 64  ? 12.387  30.418  -10.711 1.00 49.78 ? 64  ALA A CB  1 
ATOM   479  N N   . ASN A 1 65  ? 14.384  33.027  -10.008 1.00 57.18 ? 65  ASN A N   1 
ATOM   480  C CA  . ASN A 1 65  ? 14.684  34.421  -10.355 1.00 59.69 ? 65  ASN A CA  1 
ATOM   481  C C   . ASN A 1 65  ? 16.164  34.700  -10.572 1.00 58.77 ? 65  ASN A C   1 
ATOM   482  O O   . ASN A 1 65  ? 16.522  35.648  -11.252 1.00 62.39 ? 65  ASN A O   1 
ATOM   483  C CB  . ASN A 1 65  ? 14.163  35.358  -9.265  1.00 64.90 ? 65  ASN A CB  1 
ATOM   484  C CG  . ASN A 1 65  ? 14.824  35.107  -7.920  1.00 69.23 ? 65  ASN A CG  1 
ATOM   485  O OD1 . ASN A 1 65  ? 14.299  34.362  -7.088  1.00 71.98 ? 65  ASN A OD1 1 
ATOM   486  N ND2 . ASN A 1 65  ? 15.995  35.718  -7.704  1.00 70.40 ? 65  ASN A ND2 1 
ATOM   487  N N   . THR A 1 66  ? 17.027  33.893  -9.976  1.00 56.54 ? 66  THR A N   1 
ATOM   488  C CA  . THR A 1 66  ? 18.453  34.069  -10.142 1.00 53.15 ? 66  THR A CA  1 
ATOM   489  C C   . THR A 1 66  ? 18.901  33.352  -11.415 1.00 50.76 ? 66  THR A C   1 
ATOM   490  O O   . THR A 1 66  ? 20.112  33.247  -11.692 1.00 48.21 ? 66  THR A O   1 
ATOM   491  C CB  . THR A 1 66  ? 19.231  33.445  -8.958  1.00 53.98 ? 66  THR A CB  1 
ATOM   492  O OG1 . THR A 1 66  ? 19.223  32.016  -9.074  1.00 51.62 ? 66  THR A OG1 1 
ATOM   493  C CG2 . THR A 1 66  ? 18.596  33.833  -7.643  1.00 54.14 ? 66  THR A CG2 1 
ATOM   494  N N   . ARG A 1 67  ? 17.925  32.835  -12.170 1.00 46.69 ? 67  ARG A N   1 
ATOM   495  C CA  . ARG A 1 67  ? 18.209  32.073  -13.386 1.00 41.28 ? 67  ARG A CA  1 
ATOM   496  C C   . ARG A 1 67  ? 17.915  32.790  -14.697 1.00 41.23 ? 67  ARG A C   1 
ATOM   497  O O   . ARG A 1 67  ? 16.898  33.481  -14.826 1.00 40.77 ? 67  ARG A O   1 
ATOM   498  C CB  . ARG A 1 67  ? 17.409  30.749  -13.419 1.00 37.04 ? 67  ARG A CB  1 
ATOM   499  C CG  . ARG A 1 67  ? 17.554  29.899  -12.183 1.00 35.22 ? 67  ARG A CG  1 
ATOM   500  C CD  . ARG A 1 67  ? 19.000  29.612  -11.902 1.00 38.22 ? 67  ARG A CD  1 
ATOM   501  N NE  . ARG A 1 67  ? 19.193  28.758  -10.736 1.00 38.03 ? 67  ARG A NE  1 
ATOM   502  C CZ  . ARG A 1 67  ? 20.381  28.507  -10.186 1.00 42.93 ? 67  ARG A CZ  1 
ATOM   503  N NH1 . ARG A 1 67  ? 21.504  29.042  -10.685 1.00 40.17 ? 67  ARG A NH1 1 
ATOM   504  N NH2 . ARG A 1 67  ? 20.452  27.713  -9.130  1.00 43.46 ? 67  ARG A NH2 1 
ATOM   505  N N   . PHE A 1 68  ? 18.786  32.556  -15.677 1.00 39.49 ? 68  PHE A N   1 
ATOM   506  C CA  . PHE A 1 68  ? 18.598  33.144  -16.981 1.00 40.84 ? 68  PHE A CA  1 
ATOM   507  C C   . PHE A 1 68  ? 17.368  32.451  -17.554 1.00 38.56 ? 68  PHE A C   1 
ATOM   508  O O   . PHE A 1 68  ? 16.459  33.092  -18.068 1.00 36.99 ? 68  PHE A O   1 
ATOM   509  C CB  . PHE A 1 68  ? 19.796  32.888  -17.899 1.00 41.95 ? 68  PHE A CB  1 
ATOM   510  C CG  . PHE A 1 68  ? 19.628  33.515  -19.256 1.00 47.18 ? 68  PHE A CG  1 
ATOM   511  C CD1 . PHE A 1 68  ? 19.916  34.864  -19.451 1.00 46.72 ? 68  PHE A CD1 1 
ATOM   512  C CD2 . PHE A 1 68  ? 19.102  32.784  -20.316 1.00 47.10 ? 68  PHE A CD2 1 
ATOM   513  C CE1 . PHE A 1 68  ? 19.671  35.472  -20.694 1.00 49.12 ? 68  PHE A CE1 1 
ATOM   514  C CE2 . PHE A 1 68  ? 18.855  33.385  -21.556 1.00 50.15 ? 68  PHE A CE2 1 
ATOM   515  C CZ  . PHE A 1 68  ? 19.143  34.737  -21.741 1.00 47.65 ? 68  PHE A CZ  1 
ATOM   516  N N   . TYR A 1 69  ? 17.352  31.126  -17.441 1.00 38.70 ? 69  TYR A N   1 
ATOM   517  C CA  . TYR A 1 69  ? 16.237  30.312  -17.925 1.00 37.14 ? 69  TYR A CA  1 
ATOM   518  C C   . TYR A 1 69  ? 15.080  30.229  -16.943 1.00 38.00 ? 69  TYR A C   1 
ATOM   519  O O   . TYR A 1 69  ? 14.606  29.146  -16.617 1.00 37.73 ? 69  TYR A O   1 
ATOM   520  C CB  . TYR A 1 69  ? 16.758  28.938  -18.245 1.00 36.77 ? 69  TYR A CB  1 
ATOM   521  C CG  . TYR A 1 69  ? 17.761  29.012  -19.354 1.00 41.90 ? 69  TYR A CG  1 
ATOM   522  C CD1 . TYR A 1 69  ? 17.382  29.468  -20.630 1.00 41.41 ? 69  TYR A CD1 1 
ATOM   523  C CD2 . TYR A 1 69  ? 19.099  28.679  -19.132 1.00 39.66 ? 69  TYR A CD2 1 
ATOM   524  C CE1 . TYR A 1 69  ? 18.321  29.587  -21.659 1.00 41.84 ? 69  TYR A CE1 1 
ATOM   525  C CE2 . TYR A 1 69  ? 20.037  28.793  -20.141 1.00 41.68 ? 69  TYR A CE2 1 
ATOM   526  C CZ  . TYR A 1 69  ? 19.646  29.246  -21.397 1.00 43.74 ? 69  TYR A CZ  1 
ATOM   527  O OH  . TYR A 1 69  ? 20.592  29.356  -22.367 1.00 43.87 ? 69  TYR A OH  1 
ATOM   528  N N   . LYS A 1 70  ? 14.627  31.392  -16.486 1.00 38.84 ? 70  LYS A N   1 
ATOM   529  C CA  . LYS A 1 70  ? 13.547  31.506  -15.528 1.00 39.68 ? 70  LYS A CA  1 
ATOM   530  C C   . LYS A 1 70  ? 12.260  30.736  -15.888 1.00 39.69 ? 70  LYS A C   1 
ATOM   531  O O   . LYS A 1 70  ? 11.743  29.957  -15.068 1.00 38.42 ? 70  LYS A O   1 
ATOM   532  C CB  . LYS A 1 70  ? 13.226  32.987  -15.323 1.00 42.51 ? 70  LYS A CB  1 
ATOM   533  C CG  . LYS A 1 70  ? 12.013  33.233  -14.439 1.00 49.26 ? 70  LYS A CG  1 
ATOM   534  C CD  . LYS A 1 70  ? 11.894  34.703  -14.083 1.00 57.32 ? 70  LYS A CD  1 
ATOM   535  C CE  . LYS A 1 70  ? 10.576  34.988  -13.339 1.00 64.23 ? 70  LYS A CE  1 
ATOM   536  N NZ  . LYS A 1 70  ? 10.493  34.335  -11.979 1.00 67.81 ? 70  LYS A NZ  1 
ATOM   537  N N   . SER A 1 71  ? 11.744  30.962  -17.096 1.00 35.41 ? 71  SER A N   1 
ATOM   538  C CA  . SER A 1 71  ? 10.536  30.280  -17.543 1.00 34.59 ? 71  SER A CA  1 
ATOM   539  C C   . SER A 1 71  ? 10.643  28.754  -17.419 1.00 32.38 ? 71  SER A C   1 
ATOM   540  O O   . SER A 1 71  ? 9.720   28.080  -16.947 1.00 34.25 ? 71  SER A O   1 
ATOM   541  C CB  . SER A 1 71  ? 10.221  30.704  -18.995 1.00 35.48 ? 71  SER A CB  1 
ATOM   542  O OG  . SER A 1 71  ? 9.369   29.750  -19.601 1.00 41.16 ? 71  SER A OG  1 
ATOM   543  N N   . GLN A 1 72  ? 11.762  28.195  -17.853 1.00 32.82 ? 72  GLN A N   1 
ATOM   544  C CA  . GLN A 1 72  ? 11.973  26.764  -17.751 1.00 31.61 ? 72  GLN A CA  1 
ATOM   545  C C   . GLN A 1 72  ? 12.137  26.261  -16.328 1.00 33.39 ? 72  GLN A C   1 
ATOM   546  O O   . GLN A 1 72  ? 11.770  25.110  -16.044 1.00 32.71 ? 72  GLN A O   1 
ATOM   547  C CB  . GLN A 1 72  ? 13.175  26.365  -18.580 1.00 31.75 ? 72  GLN A CB  1 
ATOM   548  C CG  . GLN A 1 72  ? 12.860  26.497  -20.094 1.00 36.37 ? 72  GLN A CG  1 
ATOM   549  C CD  . GLN A 1 72  ? 14.077  26.331  -20.946 1.00 35.89 ? 72  GLN A CD  1 
ATOM   550  O OE1 . GLN A 1 72  ? 14.466  25.216  -21.255 1.00 36.87 ? 72  GLN A OE1 1 
ATOM   551  N NE2 . GLN A 1 72  ? 14.698  27.453  -21.332 1.00 32.85 ? 72  GLN A NE2 1 
ATOM   552  N N   . TYR A 1 73  ? 12.699  27.089  -15.433 1.00 33.08 ? 73  TYR A N   1 
ATOM   553  C CA  . TYR A 1 73  ? 12.835  26.636  -14.041 1.00 35.41 ? 73  TYR A CA  1 
ATOM   554  C C   . TYR A 1 73  ? 11.466  26.666  -13.399 1.00 33.64 ? 73  TYR A C   1 
ATOM   555  O O   . TYR A 1 73  ? 11.137  25.808  -12.605 1.00 38.21 ? 73  TYR A O   1 
ATOM   556  C CB  . TYR A 1 73  ? 13.784  27.525  -13.236 1.00 33.25 ? 73  TYR A CB  1 
ATOM   557  C CG  . TYR A 1 73  ? 15.234  27.121  -13.299 1.00 35.76 ? 73  TYR A CG  1 
ATOM   558  C CD1 . TYR A 1 73  ? 15.989  27.340  -14.446 1.00 34.87 ? 73  TYR A CD1 1 
ATOM   559  C CD2 . TYR A 1 73  ? 15.864  26.536  -12.199 1.00 41.04 ? 73  TYR A CD2 1 
ATOM   560  C CE1 . TYR A 1 73  ? 17.308  27.002  -14.508 1.00 37.85 ? 73  TYR A CE1 1 
ATOM   561  C CE2 . TYR A 1 73  ? 17.224  26.179  -12.263 1.00 40.76 ? 73  TYR A CE2 1 
ATOM   562  C CZ  . TYR A 1 73  ? 17.928  26.413  -13.430 1.00 40.34 ? 73  TYR A CZ  1 
ATOM   563  O OH  . TYR A 1 73  ? 19.236  25.989  -13.581 1.00 41.76 ? 73  TYR A OH  1 
ATOM   564  N N   . GLN A 1 74  ? 10.660  27.668  -13.723 1.00 39.35 ? 74  GLN A N   1 
ATOM   565  C CA  . GLN A 1 74  ? 9.304   27.734  -13.163 1.00 39.49 ? 74  GLN A CA  1 
ATOM   566  C C   . GLN A 1 74  ? 8.475   26.559  -13.683 1.00 39.86 ? 74  GLN A C   1 
ATOM   567  O O   . GLN A 1 74  ? 7.654   25.984  -12.963 1.00 37.57 ? 74  GLN A O   1 
ATOM   568  C CB  . GLN A 1 74  ? 8.616   29.055  -13.532 1.00 42.01 ? 74  GLN A CB  1 
ATOM   569  C CG  . GLN A 1 74  ? 9.214   30.277  -12.859 1.00 50.36 ? 74  GLN A CG  1 
ATOM   570  C CD  . GLN A 1 74  ? 8.463   31.573  -13.196 1.00 56.89 ? 74  GLN A CD  1 
ATOM   571  O OE1 . GLN A 1 74  ? 8.582   32.575  -12.468 1.00 58.88 ? 74  GLN A OE1 1 
ATOM   572  N NE2 . GLN A 1 74  ? 7.676   31.558  -14.297 1.00 54.46 ? 74  GLN A NE2 1 
ATOM   573  N N   . GLU A 1 75  ? 8.698   26.200  -14.944 1.00 38.77 ? 75  GLU A N   1 
ATOM   574  C CA  . GLU A 1 75  ? 7.962   25.104  -15.560 1.00 39.06 ? 75  GLU A CA  1 
ATOM   575  C C   . GLU A 1 75  ? 8.329   23.750  -14.933 1.00 38.63 ? 75  GLU A C   1 
ATOM   576  O O   . GLU A 1 75  ? 7.459   22.942  -14.608 1.00 37.66 ? 75  GLU A O   1 
ATOM   577  C CB  . GLU A 1 75  ? 8.241   25.062  -17.067 1.00 35.51 ? 75  GLU A CB  1 
ATOM   578  C CG  . GLU A 1 75  ? 7.627   23.863  -17.748 1.00 35.25 ? 75  GLU A CG  1 
ATOM   579  C CD  . GLU A 1 75  ? 7.901   23.829  -19.251 1.00 32.36 ? 75  GLU A CD  1 
ATOM   580  O OE1 . GLU A 1 75  ? 8.355   24.853  -19.826 1.00 37.68 ? 75  GLU A OE1 1 
ATOM   581  O OE2 . GLU A 1 75  ? 7.660   22.770  -19.850 1.00 35.38 ? 75  GLU A OE2 1 
ATOM   582  N N   . LEU A 1 76  ? 9.620   23.514  -14.775 1.00 38.89 ? 76  LEU A N   1 
ATOM   583  C CA  . LEU A 1 76  ? 10.081  22.264  -14.193 1.00 39.83 ? 76  LEU A CA  1 
ATOM   584  C C   . LEU A 1 76  ? 9.530   22.134  -12.760 1.00 38.48 ? 76  LEU A C   1 
ATOM   585  O O   . LEU A 1 76  ? 9.020   21.071  -12.396 1.00 38.16 ? 76  LEU A O   1 
ATOM   586  C CB  . LEU A 1 76  ? 11.615  22.201  -14.223 1.00 36.57 ? 76  LEU A CB  1 
ATOM   587  C CG  . LEU A 1 76  ? 12.244  20.856  -13.872 1.00 38.95 ? 76  LEU A CG  1 
ATOM   588  C CD1 . LEU A 1 76  ? 11.630  19.746  -14.751 1.00 39.84 ? 76  LEU A CD1 1 
ATOM   589  C CD2 . LEU A 1 76  ? 13.741  20.935  -14.038 1.00 37.07 ? 76  LEU A CD2 1 
ATOM   590  N N   . ALA A 1 77  ? 9.602   23.201  -11.962 1.00 37.64 ? 77  ALA A N   1 
ATOM   591  C CA  . ALA A 1 77  ? 9.065   23.153  -10.598 1.00 39.05 ? 77  ALA A CA  1 
ATOM   592  C C   . ALA A 1 77  ? 7.579   22.778  -10.619 1.00 39.80 ? 77  ALA A C   1 
ATOM   593  O O   . ALA A 1 77  ? 7.119   21.955  -9.821  1.00 39.83 ? 77  ALA A O   1 
ATOM   594  C CB  . ALA A 1 77  ? 9.241   24.509  -9.896  1.00 37.50 ? 77  ALA A CB  1 
ATOM   595  N N   . SER A 1 78  ? 6.824   23.384  -11.535 1.00 38.68 ? 78  SER A N   1 
ATOM   596  C CA  . SER A 1 78  ? 5.401   23.107  -11.644 1.00 37.62 ? 78  SER A CA  1 
ATOM   597  C C   . SER A 1 78  ? 5.117   21.666  -12.041 1.00 36.53 ? 78  SER A C   1 
ATOM   598  O O   . SER A 1 78  ? 4.178   21.046  -11.551 1.00 36.83 ? 78  SER A O   1 
ATOM   599  C CB  . SER A 1 78  ? 4.765   24.084  -12.621 1.00 41.94 ? 78  SER A CB  1 
ATOM   600  O OG  . SER A 1 78  ? 3.358   23.987  -12.563 1.00 50.18 ? 78  SER A OG  1 
ATOM   601  N N   . LYS A 1 79  ? 5.934   21.117  -12.921 1.00 37.53 ? 79  LYS A N   1 
ATOM   602  C CA  . LYS A 1 79  ? 5.774   19.741  -13.346 1.00 37.47 ? 79  LYS A CA  1 
ATOM   603  C C   . LYS A 1 79  ? 6.086   18.808  -12.174 1.00 41.03 ? 79  LYS A C   1 
ATOM   604  O O   . LYS A 1 79  ? 5.447   17.757  -12.029 1.00 37.96 ? 79  LYS A O   1 
ATOM   605  C CB  . LYS A 1 79  ? 6.699   19.438  -14.512 1.00 36.86 ? 79  LYS A CB  1 
ATOM   606  C CG  . LYS A 1 79  ? 6.158   19.914  -15.882 1.00 40.02 ? 79  LYS A CG  1 
ATOM   607  C CD  . LYS A 1 79  ? 7.259   19.852  -16.965 1.00 38.88 ? 79  LYS A CD  1 
ATOM   608  C CE  . LYS A 1 79  ? 6.714   20.113  -18.363 1.00 39.92 ? 79  LYS A CE  1 
ATOM   609  N NZ  . LYS A 1 79  ? 7.790   20.080  -19.395 1.00 39.67 ? 79  LYS A NZ  1 
ATOM   610  N N   . TYR A 1 80  ? 7.087   19.169  -11.355 1.00 40.55 ? 80  TYR A N   1 
ATOM   611  C CA  . TYR A 1 80  ? 7.413   18.348  -10.186 1.00 42.33 ? 80  TYR A CA  1 
ATOM   612  C C   . TYR A 1 80  ? 6.238   18.348  -9.215  1.00 43.01 ? 80  TYR A C   1 
ATOM   613  O O   . TYR A 1 80  ? 5.866   17.291  -8.709  1.00 44.44 ? 80  TYR A O   1 
ATOM   614  C CB  . TYR A 1 80  ? 8.693   18.841  -9.477  1.00 37.18 ? 80  TYR A CB  1 
ATOM   615  C CG  . TYR A 1 80  ? 9.905   18.108  -9.947  1.00 35.58 ? 80  TYR A CG  1 
ATOM   616  C CD1 . TYR A 1 80  ? 10.003  16.733  -9.786  1.00 38.09 ? 80  TYR A CD1 1 
ATOM   617  C CD2 . TYR A 1 80  ? 10.960  18.773  -10.578 1.00 37.12 ? 80  TYR A CD2 1 
ATOM   618  C CE1 . TYR A 1 80  ? 11.115  16.025  -10.225 1.00 38.77 ? 80  TYR A CE1 1 
ATOM   619  C CE2 . TYR A 1 80  ? 12.063  18.083  -11.028 1.00 37.31 ? 80  TYR A CE2 1 
ATOM   620  C CZ  . TYR A 1 80  ? 12.143  16.707  -10.842 1.00 40.47 ? 80  TYR A CZ  1 
ATOM   621  O OH  . TYR A 1 80  ? 13.275  16.027  -11.211 1.00 40.28 ? 80  TYR A OH  1 
ATOM   622  N N   . GLU A 1 81  ? 5.638   19.514  -8.972  1.00 42.66 ? 81  GLU A N   1 
ATOM   623  C CA  . GLU A 1 81  ? 4.498   19.582  -8.070  1.00 45.79 ? 81  GLU A CA  1 
ATOM   624  C C   . GLU A 1 81  ? 3.384   18.643  -8.521  1.00 47.44 ? 81  GLU A C   1 
ATOM   625  O O   . GLU A 1 81  ? 2.809   17.924  -7.684  1.00 48.63 ? 81  GLU A O   1 
ATOM   626  C CB  . GLU A 1 81  ? 3.958   21.013  -7.949  1.00 47.23 ? 81  GLU A CB  1 
ATOM   627  C CG  . GLU A 1 81  ? 4.874   21.976  -7.216  1.00 54.85 ? 81  GLU A CG  1 
ATOM   628  C CD  . GLU A 1 81  ? 5.134   21.579  -5.760  1.00 60.90 ? 81  GLU A CD  1 
ATOM   629  O OE1 . GLU A 1 81  ? 4.151   21.268  -5.040  1.00 63.82 ? 81  GLU A OE1 1 
ATOM   630  O OE2 . GLU A 1 81  ? 6.314   21.595  -5.332  1.00 59.93 ? 81  GLU A OE2 1 
ATOM   631  N N   . ASP A 1 82  ? 3.082   18.629  -9.826  1.00 45.40 ? 82  ASP A N   1 
ATOM   632  C CA  . ASP A 1 82  ? 2.051   17.744  -10.355 1.00 47.46 ? 82  ASP A CA  1 
ATOM   633  C C   . ASP A 1 82  ? 2.419   16.287  -10.078 1.00 46.44 ? 82  ASP A C   1 
ATOM   634  O O   . ASP A 1 82  ? 1.581   15.495  -9.652  1.00 45.94 ? 82  ASP A O   1 
ATOM   635  C CB  . ASP A 1 82  ? 1.880   17.894  -11.878 1.00 48.44 ? 82  ASP A CB  1 
ATOM   636  C CG  . ASP A 1 82  ? 1.253   19.209  -12.276 1.00 53.42 ? 82  ASP A CG  1 
ATOM   637  O OD1 . ASP A 1 82  ? 0.582   19.832  -11.423 1.00 55.29 ? 82  ASP A OD1 1 
ATOM   638  O OD2 . ASP A 1 82  ? 1.416   19.611  -13.455 1.00 57.39 ? 82  ASP A OD2 1 
ATOM   639  N N   . ALA A 1 83  ? 3.658   15.924  -10.370 1.00 45.19 ? 83  ALA A N   1 
ATOM   640  C CA  . ALA A 1 83  ? 4.100   14.562  -10.149 1.00 44.85 ? 83  ALA A CA  1 
ATOM   641  C C   . ALA A 1 83  ? 4.156   14.206  -8.655  1.00 45.08 ? 83  ALA A C   1 
ATOM   642  O O   . ALA A 1 83  ? 3.966   13.037  -8.294  1.00 45.52 ? 83  ALA A O   1 
ATOM   643  C CB  . ALA A 1 83  ? 5.455   14.335  -10.773 1.00 42.90 ? 83  ALA A CB  1 
ATOM   644  N N   . LEU A 1 84  ? 4.412   15.187  -7.793  1.00 43.85 ? 84  LEU A N   1 
ATOM   645  C CA  . LEU A 1 84  ? 4.465   14.891  -6.364  1.00 45.52 ? 84  LEU A CA  1 
ATOM   646  C C   . LEU A 1 84  ? 3.045   14.619  -5.829  1.00 47.21 ? 84  LEU A C   1 
ATOM   647  O O   . LEU A 1 84  ? 2.872   13.925  -4.812  1.00 43.96 ? 84  LEU A O   1 
ATOM   648  C CB  . LEU A 1 84  ? 5.124   16.033  -5.607  1.00 42.35 ? 84  LEU A CB  1 
ATOM   649  C CG  . LEU A 1 84  ? 6.636   16.144  -5.890  1.00 46.98 ? 84  LEU A CG  1 
ATOM   650  C CD1 . LEU A 1 84  ? 7.160   17.483  -5.387  1.00 44.46 ? 84  LEU A CD1 1 
ATOM   651  C CD2 . LEU A 1 84  ? 7.386   14.991  -5.210  1.00 48.90 ? 84  LEU A CD2 1 
ATOM   652  N N   . LYS A 1 85  ? 2.035   15.161  -6.521  1.00 47.11 ? 85  LYS A N   1 
ATOM   653  C CA  . LYS A 1 85  ? 0.643   14.954  -6.128  1.00 48.46 ? 85  LYS A CA  1 
ATOM   654  C C   . LYS A 1 85  ? 0.256   13.525  -6.427  1.00 45.13 ? 85  LYS A C   1 
ATOM   655  O O   . LYS A 1 85  ? -0.474  12.905  -5.655  1.00 47.36 ? 85  LYS A O   1 
ATOM   656  C CB  . LYS A 1 85  ? -0.307  15.928  -6.855  1.00 53.91 ? 85  LYS A CB  1 
ATOM   657  C CG  . LYS A 1 85  ? -0.349  17.306  -6.205  1.00 59.00 ? 85  LYS A CG  1 
ATOM   658  C CD  . LYS A 1 85  ? -1.157  18.306  -7.011  1.00 63.66 ? 85  LYS A CD  1 
ATOM   659  C CE  . LYS A 1 85  ? -2.614  17.860  -7.151  1.00 68.76 ? 85  LYS A CE  1 
ATOM   660  N NZ  . LYS A 1 85  ? -2.782  16.781  -8.176  1.00 70.50 ? 85  LYS A NZ  1 
ATOM   661  N N   . LYS A 1 86  ? 0.741   13.015  -7.548  1.00 44.90 ? 86  LYS A N   1 
ATOM   662  C CA  . LYS A 1 86  ? 0.505   11.636  -7.927  1.00 44.69 ? 86  LYS A CA  1 
ATOM   663  C C   . LYS A 1 86  ? 1.297   10.706  -6.966  1.00 45.18 ? 86  LYS A C   1 
ATOM   664  O O   . LYS A 1 86  ? 0.793   9.669   -6.517  1.00 42.48 ? 86  LYS A O   1 
ATOM   665  C CB  . LYS A 1 86  ? 0.982   11.388  -9.349  1.00 47.24 ? 86  LYS A CB  1 
ATOM   666  C CG  . LYS A 1 86  ? 0.179   12.079  -10.463 1.00 52.12 ? 86  LYS A CG  1 
ATOM   667  C CD  . LYS A 1 86  ? 0.775   11.687  -11.810 1.00 54.80 ? 86  LYS A CD  1 
ATOM   668  C CE  . LYS A 1 86  ? 0.294   12.565  -12.971 1.00 58.54 ? 86  LYS A CE  1 
ATOM   669  N NZ  . LYS A 1 86  ? -1.159  12.385  -13.261 1.00 59.95 ? 86  LYS A NZ  1 
ATOM   670  N N   . LEU A 1 87  ? 2.530   11.078  -6.641  1.00 41.72 ? 87  LEU A N   1 
ATOM   671  C CA  . LEU A 1 87  ? 3.336   10.245  -5.757  1.00 42.14 ? 87  LEU A CA  1 
ATOM   672  C C   . LEU A 1 87  ? 2.595   10.119  -4.445  1.00 41.79 ? 87  LEU A C   1 
ATOM   673  O O   . LEU A 1 87  ? 2.469   9.028   -3.907  1.00 39.17 ? 87  LEU A O   1 
ATOM   674  C CB  . LEU A 1 87  ? 4.720   10.857  -5.537  1.00 40.23 ? 87  LEU A CB  1 
ATOM   675  C CG  . LEU A 1 87  ? 5.763   10.038  -4.771  1.00 43.24 ? 87  LEU A CG  1 
ATOM   676  C CD1 . LEU A 1 87  ? 5.833   8.608   -5.317  1.00 41.41 ? 87  LEU A CD1 1 
ATOM   677  C CD2 . LEU A 1 87  ? 7.147   10.731  -4.932  1.00 46.37 ? 87  LEU A CD2 1 
ATOM   678  N N   . GLU A 1 88  ? 2.082   11.242  -3.955  1.00 43.34 ? 88  GLU A N   1 
ATOM   679  C CA  . GLU A 1 88  ? 1.330   11.272  -2.726  1.00 47.94 ? 88  GLU A CA  1 
ATOM   680  C C   . GLU A 1 88  ? 0.082   10.386  -2.792  1.00 49.14 ? 88  GLU A C   1 
ATOM   681  O O   . GLU A 1 88  ? -0.254  9.733   -1.805  1.00 47.42 ? 88  GLU A O   1 
ATOM   682  C CB  . GLU A 1 88  ? 0.911   12.694  -2.385  1.00 52.74 ? 88  GLU A CB  1 
ATOM   683  C CG  . GLU A 1 88  ? 0.225   12.783  -1.044  1.00 62.00 ? 88  GLU A CG  1 
ATOM   684  C CD  . GLU A 1 88  ? 0.227   14.189  -0.493  1.00 68.06 ? 88  GLU A CD  1 
ATOM   685  O OE1 . GLU A 1 88  ? -0.322  15.078  -1.177  1.00 71.23 ? 88  GLU A OE1 1 
ATOM   686  O OE2 . GLU A 1 88  ? 0.779   14.407  0.619   1.00 72.28 ? 88  GLU A OE2 1 
ATOM   687  N N   . ALA A 1 89  ? -0.584  10.361  -3.948  1.00 45.53 ? 89  ALA A N   1 
ATOM   688  C CA  . ALA A 1 89  ? -1.779  9.546   -4.131  1.00 44.76 ? 89  ALA A CA  1 
ATOM   689  C C   . ALA A 1 89  ? -1.390  8.074   -4.040  1.00 44.97 ? 89  ALA A C   1 
ATOM   690  O O   . ALA A 1 89  ? -2.111  7.269   -3.453  1.00 43.33 ? 89  ALA A O   1 
ATOM   691  C CB  . ALA A 1 89  ? -2.441  9.833   -5.520  1.00 43.26 ? 89  ALA A CB  1 
ATOM   692  N N   . GLU A 1 90  ? -0.266  7.724   -4.659  1.00 43.69 ? 90  GLU A N   1 
ATOM   693  C CA  . GLU A 1 90  ? 0.222   6.363   -4.649  1.00 44.00 ? 90  GLU A CA  1 
ATOM   694  C C   . GLU A 1 90  ? 0.600   5.933   -3.216  1.00 45.67 ? 90  GLU A C   1 
ATOM   695  O O   . GLU A 1 90  ? 0.340   4.787   -2.813  1.00 44.76 ? 90  GLU A O   1 
ATOM   696  C CB  . GLU A 1 90  ? 1.423   6.238   -5.584  1.00 46.73 ? 90  GLU A CB  1 
ATOM   697  C CG  . GLU A 1 90  ? 2.123   4.915   -5.520  1.00 52.47 ? 90  GLU A CG  1 
ATOM   698  C CD  . GLU A 1 90  ? 3.328   4.831   -6.450  1.00 60.97 ? 90  GLU A CD  1 
ATOM   699  O OE1 . GLU A 1 90  ? 4.402   4.362   -5.985  1.00 63.58 ? 90  GLU A OE1 1 
ATOM   700  O OE2 . GLU A 1 90  ? 3.200   5.213   -7.641  1.00 63.40 ? 90  GLU A OE2 1 
ATOM   701  N N   . MET A 1 91  ? 1.171   6.850   -2.438  1.00 42.32 ? 91  MET A N   1 
ATOM   702  C CA  . MET A 1 91  ? 1.560   6.521   -1.073  1.00 44.60 ? 91  MET A CA  1 
ATOM   703  C C   . MET A 1 91  ? 0.328   6.311   -0.204  1.00 45.91 ? 91  MET A C   1 
ATOM   704  O O   . MET A 1 91  ? 0.331   5.464   0.678   1.00 44.31 ? 91  MET A O   1 
ATOM   705  C CB  . MET A 1 91  ? 2.459   7.603   -0.475  1.00 39.30 ? 91  MET A CB  1 
ATOM   706  C CG  . MET A 1 91  ? 3.816   7.728   -1.207  1.00 44.26 ? 91  MET A CG  1 
ATOM   707  S SD  . MET A 1 91  ? 5.026   8.726   -0.270  1.00 48.23 ? 91  MET A SD  1 
ATOM   708  C CE  . MET A 1 91  ? 4.458   10.337  -0.634  1.00 44.00 ? 91  MET A CE  1 
ATOM   709  N N   . GLU A 1 92  ? -0.727  7.076   -0.457  1.00 47.78 ? 92  GLU A N   1 
ATOM   710  C CA  . GLU A 1 92  ? -1.958  6.921   0.297   1.00 49.22 ? 92  GLU A CA  1 
ATOM   711  C C   . GLU A 1 92  ? -2.534  5.520   0.063   1.00 49.18 ? 92  GLU A C   1 
ATOM   712  O O   . GLU A 1 92  ? -3.007  4.876   1.000   1.00 50.13 ? 92  GLU A O   1 
ATOM   713  C CB  . GLU A 1 92  ? -2.971  7.988   -0.116  1.00 51.45 ? 92  GLU A CB  1 
ATOM   714  C CG  . GLU A 1 92  ? -2.648  9.343   0.491   1.00 58.42 ? 92  GLU A CG  1 
ATOM   715  C CD  . GLU A 1 92  ? -2.277  9.227   1.965   1.00 64.36 ? 92  GLU A CD  1 
ATOM   716  O OE1 . GLU A 1 92  ? -3.129  8.750   2.756   1.00 66.89 ? 92  GLU A OE1 1 
ATOM   717  O OE2 . GLU A 1 92  ? -1.133  9.605   2.334   1.00 68.68 ? 92  GLU A OE2 1 
ATOM   718  N N   . GLN A 1 93  ? -2.505  5.054   -1.179  1.00 44.70 ? 93  GLN A N   1 
ATOM   719  C CA  . GLN A 1 93  ? -3.011  3.737   -1.473  1.00 46.12 ? 93  GLN A CA  1 
ATOM   720  C C   . GLN A 1 93  ? -2.147  2.667   -0.774  1.00 45.77 ? 93  GLN A C   1 
ATOM   721  O O   . GLN A 1 93  ? -2.670  1.694   -0.258  1.00 39.41 ? 93  GLN A O   1 
ATOM   722  C CB  . GLN A 1 93  ? -3.033  3.509   -2.986  1.00 47.17 ? 93  GLN A CB  1 
ATOM   723  C CG  . GLN A 1 93  ? -2.858  2.061   -3.437  1.00 54.60 ? 93  GLN A CG  1 
ATOM   724  C CD  . GLN A 1 93  ? -3.998  1.113   -3.004  1.00 60.73 ? 93  GLN A CD  1 
ATOM   725  O OE1 . GLN A 1 93  ? -4.881  1.478   -2.208  1.00 62.08 ? 93  GLN A OE1 1 
ATOM   726  N NE2 . GLN A 1 93  ? -3.965  -0.125  -3.526  1.00 58.98 ? 93  GLN A NE2 1 
ATOM   727  N N   . GLN A 1 94  ? -0.826  2.845   -0.776  1.00 43.31 ? 94  GLN A N   1 
ATOM   728  C CA  . GLN A 1 94  ? 0.049   1.885   -0.126  1.00 40.76 ? 94  GLN A CA  1 
ATOM   729  C C   . GLN A 1 94  ? -0.308  1.836   1.355   1.00 38.98 ? 94  GLN A C   1 
ATOM   730  O O   . GLN A 1 94  ? -0.432  0.770   1.920   1.00 37.32 ? 94  GLN A O   1 
ATOM   731  C CB  . GLN A 1 94  ? 1.514   2.279   -0.350  1.00 41.01 ? 94  GLN A CB  1 
ATOM   732  C CG  . GLN A 1 94  ? 1.907   2.142   -1.801  1.00 40.50 ? 94  GLN A CG  1 
ATOM   733  C CD  . GLN A 1 94  ? 3.242   2.799   -2.112  1.00 39.82 ? 94  GLN A CD  1 
ATOM   734  O OE1 . GLN A 1 94  ? 3.555   3.854   -1.581  1.00 38.79 ? 94  GLN A OE1 1 
ATOM   735  N NE2 . GLN A 1 94  ? 4.014   2.181   -2.983  1.00 40.76 ? 94  GLN A NE2 1 
ATOM   736  N N   . LYS A 1 95  ? -0.512  2.997   1.955   1.00 36.95 ? 95  LYS A N   1 
ATOM   737  C CA  . LYS A 1 95  ? -0.878  3.113   3.344   1.00 40.12 ? 95  LYS A CA  1 
ATOM   738  C C   . LYS A 1 95  ? -2.201  2.415   3.711   1.00 43.41 ? 95  LYS A C   1 
ATOM   739  O O   . LYS A 1 95  ? -2.345  1.910   4.838   1.00 38.16 ? 95  LYS A O   1 
ATOM   740  C CB  . LYS A 1 95  ? -0.994  4.578   3.737   1.00 41.91 ? 95  LYS A CB  1 
ATOM   741  C CG  . LYS A 1 95  ? 0.342   5.271   3.951   1.00 46.63 ? 95  LYS A CG  1 
ATOM   742  C CD  . LYS A 1 95  ? 0.145   6.707   4.435   1.00 48.30 ? 95  LYS A CD  1 
ATOM   743  C CE  . LYS A 1 95  ? 1.486   7.389   4.664   1.00 53.55 ? 95  LYS A CE  1 
ATOM   744  N NZ  . LYS A 1 95  ? 1.354   8.822   5.091   1.00 55.22 ? 95  LYS A NZ  1 
ATOM   745  N N   . ALA A 1 96  ? -3.162  2.421   2.780   1.00 41.69 ? 96  ALA A N   1 
ATOM   746  C CA  . ALA A 1 96  ? -4.451  1.784   3.012   1.00 40.82 ? 96  ALA A CA  1 
ATOM   747  C C   . ALA A 1 96  ? -4.282  0.263   2.875   1.00 39.53 ? 96  ALA A C   1 
ATOM   748  O O   . ALA A 1 96  ? -4.972  -0.510  3.552   1.00 41.73 ? 96  ALA A O   1 
ATOM   749  C CB  . ALA A 1 96  ? -5.515  2.330   2.012   1.00 40.58 ? 96  ALA A CB  1 
ATOM   750  N N   . VAL A 1 97  ? -3.390  -0.182  1.999   1.00 35.33 ? 97  VAL A N   1 
ATOM   751  C CA  . VAL A 1 97  ? -3.144  -1.604  1.873   1.00 36.76 ? 97  VAL A CA  1 
ATOM   752  C C   . VAL A 1 97  ? -2.547  -2.094  3.215   1.00 39.86 ? 97  VAL A C   1 
ATOM   753  O O   . VAL A 1 97  ? -2.942  -3.140  3.754   1.00 39.99 ? 97  VAL A O   1 
ATOM   754  C CB  . VAL A 1 97  ? -2.152  -1.888  0.743   1.00 38.52 ? 97  VAL A CB  1 
ATOM   755  C CG1 . VAL A 1 97  ? -1.516  -3.240  0.923   1.00 36.12 ? 97  VAL A CG1 1 
ATOM   756  C CG2 . VAL A 1 97  ? -2.865  -1.866  -0.615  1.00 39.54 ? 97  VAL A CG2 1 
ATOM   757  N N   . ILE A 1 98  ? -1.608  -1.321  3.762   1.00 37.61 ? 98  ILE A N   1 
ATOM   758  C CA  . ILE A 1 98  ? -0.951  -1.682  5.010   1.00 36.96 ? 98  ILE A CA  1 
ATOM   759  C C   . ILE A 1 98  ? -1.951  -1.632  6.154   1.00 38.45 ? 98  ILE A C   1 
ATOM   760  O O   . ILE A 1 98  ? -2.005  -2.533  6.991   1.00 38.68 ? 98  ILE A O   1 
ATOM   761  C CB  . ILE A 1 98  ? 0.228   -0.716  5.295   1.00 32.72 ? 98  ILE A CB  1 
ATOM   762  C CG1 . ILE A 1 98  ? 1.367   -1.004  4.315   1.00 29.19 ? 98  ILE A CG1 1 
ATOM   763  C CG2 . ILE A 1 98  ? 0.689   -0.825  6.773   1.00 30.42 ? 98  ILE A CG2 1 
ATOM   764  C CD1 . ILE A 1 98  ? 2.286   0.213   4.164   1.00 31.20 ? 98  ILE A CD1 1 
ATOM   765  N N   . SER A 1 99  ? -2.754  -0.582  6.177   1.00 38.36 ? 99  SER A N   1 
ATOM   766  C CA  . SER A 1 99  ? -3.754  -0.405  7.223   1.00 41.79 ? 99  SER A CA  1 
ATOM   767  C C   . SER A 1 99  ? -4.785  -1.535  7.229   1.00 42.02 ? 99  SER A C   1 
ATOM   768  O O   . SER A 1 99  ? -5.149  -2.049  8.283   1.00 43.03 ? 99  SER A O   1 
ATOM   769  C CB  . SER A 1 99  ? -4.440  0.958   7.050   1.00 42.27 ? 99  SER A CB  1 
ATOM   770  O OG  . SER A 1 99  ? -5.261  1.218   8.164   1.00 51.44 ? 99  SER A OG  1 
ATOM   771  N N   . ASP A 1 100 ? -5.271  -1.920  6.055   1.00 42.46 ? 100 ASP A N   1 
ATOM   772  C CA  . ASP A 1 100 ? -6.222  -3.010  5.982   1.00 41.11 ? 100 ASP A CA  1 
ATOM   773  C C   . ASP A 1 100 ? -5.592  -4.299  6.541   1.00 39.23 ? 100 ASP A C   1 
ATOM   774  O O   . ASP A 1 100 ? -6.241  -5.058  7.257   1.00 37.50 ? 100 ASP A O   1 
ATOM   775  C CB  . ASP A 1 100 ? -6.641  -3.270  4.535   1.00 39.52 ? 100 ASP A CB  1 
ATOM   776  C CG  . ASP A 1 100 ? -7.627  -2.242  4.007   1.00 44.94 ? 100 ASP A CG  1 
ATOM   777  O OD1 . ASP A 1 100 ? -8.067  -1.367  4.783   1.00 44.45 ? 100 ASP A OD1 1 
ATOM   778  O OD2 . ASP A 1 100 ? -7.962  -2.327  2.800   1.00 44.49 ? 100 ASP A OD2 1 
ATOM   779  N N   . PHE A 1 101 ? -4.340  -4.566  6.190   1.00 34.21 ? 101 PHE A N   1 
ATOM   780  C CA  . PHE A 1 101 ? -3.703  -5.786  6.674   1.00 36.19 ? 101 PHE A CA  1 
ATOM   781  C C   . PHE A 1 101 ? -3.542  -5.758  8.195   1.00 36.21 ? 101 PHE A C   1 
ATOM   782  O O   . PHE A 1 101 ? -3.819  -6.757  8.852   1.00 36.36 ? 101 PHE A O   1 
ATOM   783  C CB  . PHE A 1 101 ? -2.345  -6.024  6.009   1.00 36.34 ? 101 PHE A CB  1 
ATOM   784  C CG  . PHE A 1 101 ? -1.565  -7.148  6.624   1.00 38.11 ? 101 PHE A CG  1 
ATOM   785  C CD1 . PHE A 1 101 ? -1.989  -8.455  6.482   1.00 36.17 ? 101 PHE A CD1 1 
ATOM   786  C CD2 . PHE A 1 101 ? -0.470  -6.878  7.454   1.00 38.47 ? 101 PHE A CD2 1 
ATOM   787  C CE1 . PHE A 1 101 ? -1.347  -9.484  7.160   1.00 35.36 ? 101 PHE A CE1 1 
ATOM   788  C CE2 . PHE A 1 101 ? 0.178   -7.891  8.137   1.00 37.50 ? 101 PHE A CE2 1 
ATOM   789  C CZ  . PHE A 1 101 ? -0.261  -9.203  7.996   1.00 36.86 ? 101 PHE A CZ  1 
ATOM   790  N N   . GLU A 1 102 ? -3.152  -4.616  8.756   1.00 35.71 ? 102 GLU A N   1 
ATOM   791  C CA  . GLU A 1 102 ? -2.989  -4.516  10.217  1.00 37.93 ? 102 GLU A CA  1 
ATOM   792  C C   . GLU A 1 102 ? -4.319  -4.723  10.922  1.00 37.81 ? 102 GLU A C   1 
ATOM   793  O O   . GLU A 1 102 ? -4.361  -5.273  12.021  1.00 33.96 ? 102 GLU A O   1 
ATOM   794  C CB  . GLU A 1 102 ? -2.367  -3.168  10.611  1.00 36.38 ? 102 GLU A CB  1 
ATOM   795  C CG  . GLU A 1 102 ? -0.928  -3.032  10.055  1.00 38.87 ? 102 GLU A CG  1 
ATOM   796  C CD  . GLU A 1 102 ? -0.198  -1.758  10.515  1.00 41.94 ? 102 GLU A CD  1 
ATOM   797  O OE1 . GLU A 1 102 ? -0.849  -0.835  11.038  1.00 44.85 ? 102 GLU A OE1 1 
ATOM   798  O OE2 . GLU A 1 102 ? 1.039   -1.686  10.351  1.00 41.39 ? 102 GLU A OE2 1 
ATOM   799  N N   . LYS A 1 103 ? -5.412  -4.333  10.273  1.00 38.70 ? 103 LYS A N   1 
ATOM   800  C CA  . LYS A 1 103 ? -6.743  -4.496  10.873  1.00 40.78 ? 103 LYS A CA  1 
ATOM   801  C C   . LYS A 1 103 ? -7.140  -5.972  10.917  1.00 38.95 ? 103 LYS A C   1 
ATOM   802  O O   . LYS A 1 103 ? -7.640  -6.441  11.954  1.00 37.69 ? 103 LYS A O   1 
ATOM   803  C CB  . LYS A 1 103 ? -7.815  -3.717  10.099  1.00 46.56 ? 103 LYS A CB  1 
ATOM   804  C CG  . LYS A 1 103 ? -7.885  -2.211  10.413  1.00 53.82 ? 103 LYS A CG  1 
ATOM   805  C CD  . LYS A 1 103 ? -8.799  -1.466  9.419   1.00 57.45 ? 103 LYS A CD  1 
ATOM   806  C CE  . LYS A 1 103 ? -10.216 -2.053  9.400   1.00 62.82 ? 103 LYS A CE  1 
ATOM   807  N NZ  . LYS A 1 103 ? -11.159 -1.382  8.423   1.00 66.40 ? 103 LYS A NZ  1 
ATOM   808  N N   . ILE A 1 104 ? -6.942  -6.705  9.818   1.00 35.18 ? 104 ILE A N   1 
ATOM   809  C CA  . ILE A 1 104 ? -7.308  -8.109  9.863   1.00 37.37 ? 104 ILE A CA  1 
ATOM   810  C C   . ILE A 1 104 ? -6.314  -8.853  10.753  1.00 35.74 ? 104 ILE A C   1 
ATOM   811  O O   . ILE A 1 104 ? -6.676  -9.807  11.433  1.00 32.59 ? 104 ILE A O   1 
ATOM   812  C CB  . ILE A 1 104 ? -7.418  -8.780  8.450   1.00 39.49 ? 104 ILE A CB  1 
ATOM   813  C CG1 . ILE A 1 104 ? -7.894  -10.241 8.619   1.00 42.12 ? 104 ILE A CG1 1 
ATOM   814  C CG2 . ILE A 1 104 ? -6.104  -8.755  7.716   1.00 38.87 ? 104 ILE A CG2 1 
ATOM   815  C CD1 . ILE A 1 104 ? -8.324  -10.960 7.320   1.00 41.42 ? 104 ILE A CD1 1 
ATOM   816  N N   . GLN A 1 105 ? -5.055  -8.443  10.725  1.00 34.99 ? 105 GLN A N   1 
ATOM   817  C CA  . GLN A 1 105 ? -4.069  -9.061  11.601  1.00 37.54 ? 105 GLN A CA  1 
ATOM   818  C C   . GLN A 1 105 ? -4.544  -8.935  13.079  1.00 37.70 ? 105 GLN A C   1 
ATOM   819  O O   . GLN A 1 105 ? -4.574  -9.916  13.815  1.00 37.93 ? 105 GLN A O   1 
ATOM   820  C CB  . GLN A 1 105 ? -2.690  -8.406  11.400  1.00 39.01 ? 105 GLN A CB  1 
ATOM   821  C CG  . GLN A 1 105 ? -1.581  -9.156  12.136  1.00 43.91 ? 105 GLN A CG  1 
ATOM   822  C CD  . GLN A 1 105 ? -0.284  -8.365  12.234  1.00 45.51 ? 105 GLN A CD  1 
ATOM   823  O OE1 . GLN A 1 105 ? 0.808   -8.929  12.144  1.00 41.51 ? 105 GLN A OE1 1 
ATOM   824  N NE2 . GLN A 1 105 ? -0.404  -7.052  12.422  1.00 47.27 ? 105 GLN A NE2 1 
ATOM   825  N N   . ALA A 1 106 ? -4.973  -7.753  13.496  1.00 38.94 ? 106 ALA A N   1 
ATOM   826  C CA  . ALA A 1 106 ? -5.451  -7.547  14.866  1.00 39.75 ? 106 ALA A CA  1 
ATOM   827  C C   . ALA A 1 106 ? -6.718  -8.351  15.190  1.00 41.70 ? 106 ALA A C   1 
ATOM   828  O O   . ALA A 1 106 ? -6.844  -8.888  16.284  1.00 42.19 ? 106 ALA A O   1 
ATOM   829  C CB  . ALA A 1 106 ? -5.700  -6.061  15.134  1.00 37.07 ? 106 ALA A CB  1 
ATOM   830  N N   . LEU A 1 107 ? -7.670  -8.406  14.264  1.00 41.02 ? 107 LEU A N   1 
ATOM   831  C CA  . LEU A 1 107 ? -8.878  -9.197  14.464  1.00 40.91 ? 107 LEU A CA  1 
ATOM   832  C C   . LEU A 1 107 ? -8.502  -10.689 14.668  1.00 40.53 ? 107 LEU A C   1 
ATOM   833  O O   . LEU A 1 107 ? -9.049  -11.355 15.547  1.00 41.01 ? 107 LEU A O   1 
ATOM   834  C CB  . LEU A 1 107 ? -9.825  -9.057  13.253  1.00 40.89 ? 107 LEU A CB  1 
ATOM   835  C CG  . LEU A 1 107 ? -10.569 -7.732  13.076  1.00 41.95 ? 107 LEU A CG  1 
ATOM   836  C CD1 . LEU A 1 107 ? -11.309 -7.680  11.705  1.00 39.34 ? 107 LEU A CD1 1 
ATOM   837  C CD2 . LEU A 1 107 ? -11.556 -7.596  14.241  1.00 40.28 ? 107 LEU A CD2 1 
ATOM   838  N N   . ARG A 1 108 ? -7.570  -11.204 13.869  1.00 39.73 ? 108 ARG A N   1 
ATOM   839  C CA  . ARG A 1 108 ? -7.136  -12.592 14.005  1.00 41.91 ? 108 ARG A CA  1 
ATOM   840  C C   . ARG A 1 108 ? -6.466  -12.863 15.358  1.00 46.95 ? 108 ARG A C   1 
ATOM   841  O O   . ARG A 1 108 ? -6.674  -13.933 15.949  1.00 45.96 ? 108 ARG A O   1 
ATOM   842  C CB  . ARG A 1 108 ? -6.139  -12.987 12.910  1.00 37.69 ? 108 ARG A CB  1 
ATOM   843  C CG  . ARG A 1 108 ? -6.732  -13.197 11.538  1.00 40.17 ? 108 ARG A CG  1 
ATOM   844  C CD  . ARG A 1 108 ? -5.633  -13.710 10.594  1.00 44.12 ? 108 ARG A CD  1 
ATOM   845  N NE  . ARG A 1 108 ? -6.169  -14.853 9.869   1.00 49.56 ? 108 ARG A NE  1 
ATOM   846  C CZ  . ARG A 1 108 ? -5.548  -15.997 9.689   1.00 48.91 ? 108 ARG A CZ  1 
ATOM   847  N NH1 . ARG A 1 108 ? -4.328  -16.178 10.173  1.00 47.76 ? 108 ARG A NH1 1 
ATOM   848  N NH2 . ARG A 1 108 ? -6.181  -16.980 9.052   1.00 54.19 ? 108 ARG A NH2 1 
ATOM   849  N N   . ALA A 1 109 ? -5.643  -11.921 15.819  1.00 49.79 ? 109 ALA A N   1 
ATOM   850  C CA  . ALA A 1 109 ? -4.936  -12.075 17.095  1.00 54.94 ? 109 ALA A CA  1 
ATOM   851  C C   . ALA A 1 109 ? -5.922  -12.124 18.260  1.00 57.83 ? 109 ALA A C   1 
ATOM   852  O O   . ALA A 1 109 ? -5.657  -12.738 19.294  1.00 60.01 ? 109 ALA A O   1 
ATOM   853  C CB  . ALA A 1 109 ? -3.938  -10.936 17.292  1.00 52.51 ? 109 ALA A CB  1 
ATOM   854  N N   . GLY A 1 110 ? -7.069  -11.489 18.086  1.00 59.42 ? 110 GLY A N   1 
ATOM   855  C CA  . GLY A 1 110 ? -8.057  -11.500 19.147  1.00 63.11 ? 110 GLY A CA  1 
ATOM   856  C C   . GLY A 1 110 ? -8.911  -12.764 19.197  1.00 65.43 ? 110 GLY A C   1 
ATOM   857  O O   . GLY A 1 110 ? -9.750  -12.890 20.081  1.00 66.55 ? 110 GLY A O   1 
ATOM   858  N N   . ASN A 1 111 ? -8.711  -13.694 18.263  1.00 67.47 ? 111 ASN A N   1 
ATOM   859  C CA  . ASN A 1 111 ? -9.493  -14.934 18.236  1.00 69.22 ? 111 ASN A CA  1 
ATOM   860  C C   . ASN A 1 111 ? -9.052  -15.955 19.275  1.00 73.06 ? 111 ASN A C   1 
ATOM   861  O O   . ASN A 1 111 ? -9.793  -16.901 19.571  1.00 75.43 ? 111 ASN A O   1 
ATOM   862  C CB  . ASN A 1 111 ? -9.420  -15.614 16.866  1.00 65.70 ? 111 ASN A CB  1 
ATOM   863  C CG  . ASN A 1 111 ? -10.303 -14.952 15.832  1.00 61.72 ? 111 ASN A CG  1 
ATOM   864  O OD1 . ASN A 1 111 ? -11.312 -14.341 16.160  1.00 60.83 ? 111 ASN A OD1 1 
ATOM   865  N ND2 . ASN A 1 111 ? -9.933  -15.094 14.568  1.00 59.45 ? 111 ASN A ND2 1 
ATOM   866  N N   . LEU A 1 112 ? -7.848  -15.794 19.810  1.00 75.52 ? 112 LEU A N   1 
ATOM   867  C CA  . LEU A 1 112 ? -7.363  -16.734 20.815  1.00 79.03 ? 112 LEU A CA  1 
ATOM   868  C C   . LEU A 1 112 ? -6.426  -16.061 21.825  1.00 80.77 ? 112 LEU A C   1 
ATOM   869  O O   . LEU A 1 112 ? -6.442  -14.806 21.899  1.00 81.39 ? 112 LEU A O   1 
ATOM   870  C CB  . LEU A 1 112 ? -6.641  -17.905 20.144  1.00 79.30 ? 112 LEU A CB  1 
ATOM   871  C CG  . LEU A 1 112 ? -6.966  -19.274 20.752  1.00 79.08 ? 112 LEU A CG  1 
ATOM   872  C CD1 . LEU A 1 112 ? -8.422  -19.623 20.420  1.00 78.16 ? 112 LEU A CD1 1 
ATOM   873  C CD2 . LEU A 1 112 ? -6.017  -20.344 20.203  1.00 79.75 ? 112 LEU A CD2 1 
HETATM 874  S S   . SCN B 2 .   ? 0.339   -11.985 11.318  1.00 58.41 ? 130 SCN A S   1 
HETATM 875  C C   . SCN B 2 .   ? 1.520   -12.747 10.234  1.00 62.91 ? 130 SCN A C   1 
HETATM 876  N N   . SCN B 2 .   ? 2.282   -13.257 9.551   1.00 64.66 ? 130 SCN A N   1 
HETATM 877  O O   . HOH C 3 .   ? 13.692  29.728  -20.106 1.00 37.32 ? 131 HOH A O   1 
HETATM 878  O O   . HOH C 3 .   ? -8.914  -14.418 9.126   1.00 31.89 ? 132 HOH A O   1 
HETATM 879  O O   . HOH C 3 .   ? -0.308  -16.935 8.662   1.00 44.05 ? 133 HOH A O   1 
HETATM 880  O O   . HOH C 3 .   ? -7.822  -20.064 9.143   1.00 55.51 ? 134 HOH A O   1 
HETATM 881  O O   . HOH C 3 .   ? -8.235  -14.202 5.148   1.00 38.05 ? 135 HOH A O   1 
HETATM 882  O O   . HOH C 3 .   ? 5.956   -9.466  -0.502  1.00 49.57 ? 136 HOH A O   1 
HETATM 883  O O   . HOH C 3 .   ? -15.590 -24.754 2.120   1.00 39.86 ? 137 HOH A O   1 
HETATM 884  O O   . HOH C 3 .   ? -7.167  -7.609  1.090   1.00 54.49 ? 138 HOH A O   1 
HETATM 885  O O   . HOH C 3 .   ? 6.859   1.548   5.149   1.00 39.30 ? 139 HOH A O   1 
HETATM 886  O O   . HOH C 3 .   ? -3.473  -22.845 3.215   1.00 51.39 ? 140 HOH A O   1 
HETATM 887  O O   . HOH C 3 .   ? -0.772  -17.733 -0.103  1.00 49.34 ? 141 HOH A O   1 
HETATM 888  O O   . HOH C 3 .   ? -2.307  -5.317  13.774  1.00 36.17 ? 142 HOH A O   1 
HETATM 889  O O   . HOH C 3 .   ? -18.189 -32.396 10.980  1.00 43.69 ? 143 HOH A O   1 
HETATM 890  O O   . HOH C 3 .   ? 23.958  28.778  -8.603  1.00 44.09 ? 144 HOH A O   1 
HETATM 891  O O   . HOH C 3 .   ? 3.421   -6.066  6.392   1.00 42.72 ? 145 HOH A O   1 
HETATM 892  O O   . HOH C 3 .   ? -4.145  -5.299  2.726   1.00 47.22 ? 146 HOH A O   1 
HETATM 893  O O   . HOH C 3 .   ? 18.685  23.644  -8.884  1.00 54.30 ? 147 HOH A O   1 
HETATM 894  O O   . HOH C 3 .   ? -8.852  -5.585  6.664   1.00 44.19 ? 148 HOH A O   1 
HETATM 895  O O   . HOH C 3 .   ? 8.267   -5.129  4.420   1.00 52.36 ? 149 HOH A O   1 
HETATM 896  O O   . HOH C 3 .   ? -4.993  -10.016 -1.037  1.00 50.59 ? 150 HOH A O   1 
HETATM 897  O O   . HOH C 3 .   ? -2.266  13.899  -3.889  1.00 50.47 ? 151 HOH A O   1 
HETATM 898  O O   . HOH C 3 .   ? 2.755   -13.884 3.299   1.00 48.63 ? 152 HOH A O   1 
HETATM 899  O O   . HOH C 3 .   ? 8.299   -7.559  -0.256  1.00 51.31 ? 153 HOH A O   1 
HETATM 900  O O   . HOH C 3 .   ? -0.793  2.596   7.086   1.00 46.37 ? 154 HOH A O   1 
HETATM 901  O O   . HOH C 3 .   ? -8.810  -4.789  13.641  1.00 41.43 ? 155 HOH A O   1 
HETATM 902  O O   . HOH C 3 .   ? 7.805   -3.674  -2.817  1.00 51.13 ? 156 HOH A O   1 
HETATM 903  O O   . HOH C 3 .   ? -4.410  5.675   2.729   1.00 50.55 ? 157 HOH A O   1 
HETATM 904  O O   . HOH C 3 .   ? -8.536  -7.903  4.814   1.00 49.29 ? 158 HOH A O   1 
HETATM 905  O O   . HOH C 3 .   ? 8.959   27.314  -20.330 1.00 49.21 ? 159 HOH A O   1 
HETATM 906  O O   . HOH C 3 .   ? 17.686  16.841  -5.533  1.00 68.07 ? 160 HOH A O   1 
HETATM 907  O O   . HOH C 3 .   ? -30.928 -43.064 8.609   1.00 85.54 ? 161 HOH A O   1 
HETATM 908  O O   . HOH C 3 .   ? 13.028  32.957  -19.257 1.00 64.60 ? 162 HOH A O   1 
HETATM 909  O O   . HOH C 3 .   ? -4.918  7.907   -2.938  1.00 56.62 ? 163 HOH A O   1 
HETATM 910  O O   . HOH C 3 .   ? 7.057   -11.138 1.609   1.00 81.09 ? 164 HOH A O   1 
HETATM 911  O O   . HOH C 3 .   ? 16.268  27.263  -23.801 1.00 45.50 ? 165 HOH A O   1 
HETATM 912  O O   . HOH C 3 .   ? 17.072  12.631  -5.818  1.00 66.64 ? 166 HOH A O   1 
HETATM 913  O O   . HOH C 3 .   ? -5.745  -7.514  18.745  1.00 55.17 ? 167 HOH A O   1 
HETATM 914  O O   . HOH C 3 .   ? -32.432 -40.966 8.699   1.00 75.82 ? 168 HOH A O   1 
HETATM 915  O O   . HOH C 3 .   ? 17.604  26.615  -8.756  1.00 57.85 ? 169 HOH A O   1 
HETATM 916  O O   . HOH C 3 .   ? -13.848 -33.756 13.157  1.00 62.11 ? 170 HOH A O   1 
HETATM 917  O O   . HOH C 3 .   ? -22.975 -28.799 2.013   1.00 63.10 ? 171 HOH A O   1 
HETATM 918  O O   . HOH C 3 .   ? 12.822  -8.128  -0.085  1.00 84.36 ? 172 HOH A O   1 
HETATM 919  O O   . HOH C 3 .   ? 1.397   -4.283  -2.327  1.00 50.57 ? 173 HOH A O   1 
HETATM 920  O O   . HOH C 3 .   ? 5.083   0.794   6.990   1.00 43.43 ? 174 HOH A O   1 
HETATM 921  O O   . HOH C 3 .   ? 16.241  35.599  -18.969 1.00 56.07 ? 175 HOH A O   1 
HETATM 922  O O   . HOH C 3 .   ? -25.023 -30.619 5.618   1.00 68.24 ? 176 HOH A O   1 
HETATM 923  O O   . HOH C 3 .   ? -4.591  -5.497  0.130   1.00 64.66 ? 177 HOH A O   1 
HETATM 924  O O   . HOH C 3 .   ? -0.678  -15.261 10.880  1.00 64.41 ? 178 HOH A O   1 
HETATM 925  O O   . HOH C 3 .   ? 7.659   24.387  -6.396  1.00 57.71 ? 179 HOH A O   1 
HETATM 926  O O   . HOH C 3 .   ? -7.615  -26.942 7.799   1.00 60.86 ? 180 HOH A O   1 
HETATM 927  O O   . HOH C 3 .   ? 2.715   18.712  -5.000  1.00 52.49 ? 181 HOH A O   1 
HETATM 928  O O   . HOH C 3 .   ? -4.721  -0.028  11.125  1.00 69.81 ? 182 HOH A O   1 
HETATM 929  O O   . HOH C 3 .   ? 2.231   14.178  3.226   1.00 76.72 ? 183 HOH A O   1 
HETATM 930  O O   . HOH C 3 .   ? 11.508  32.566  -8.064  1.00 49.15 ? 184 HOH A O   1 
HETATM 931  O O   . HOH C 3 .   ? 6.827   21.052  -2.536  1.00 65.33 ? 185 HOH A O   1 
HETATM 932  O O   . HOH C 3 .   ? 4.355   16.421  -14.221 1.00 59.29 ? 186 HOH A O   1 
HETATM 933  O O   . HOH C 3 .   ? -15.958 -26.908 0.633   1.00 56.89 ? 187 HOH A O   1 
HETATM 934  O O   . HOH C 3 .   ? 5.574   5.045   -8.635  1.00 68.00 ? 188 HOH A O   1 
HETATM 935  O O   . HOH C 3 .   ? -7.843  -27.271 1.368   1.00 68.40 ? 189 HOH A O   1 
HETATM 936  O O   . HOH C 3 .   ? 7.567   4.132   5.632   1.00 51.79 ? 190 HOH A O   1 
HETATM 937  O O   . HOH C 3 .   ? -29.236 -45.146 8.515   1.00 77.63 ? 191 HOH A O   1 
HETATM 938  O O   . HOH C 3 .   ? -0.788  8.140   -8.353  1.00 61.19 ? 192 HOH A O   1 
HETATM 939  O O   . HOH C 3 .   ? 2.567   23.065  -3.042  1.00 83.09 ? 193 HOH A O   1 
HETATM 940  O O   . HOH C 3 .   ? -28.913 -30.775 8.700   1.00 59.69 ? 194 HOH A O   1 
HETATM 941  O O   . HOH C 3 .   ? 3.808   -2.559  -3.154  1.00 60.24 ? 195 HOH A O   1 
HETATM 942  O O   . HOH C 3 .   ? -0.338  -19.744 1.582   1.00 64.50 ? 196 HOH A O   1 
HETATM 943  O O   . HOH C 3 .   ? 0.305   -11.650 -2.692  1.00 62.86 ? 197 HOH A O   1 
HETATM 944  O O   . HOH C 3 .   ? 0.460   -19.739 7.412   1.00 53.28 ? 198 HOH A O   1 
HETATM 945  O O   . HOH C 3 .   ? 1.745   10.769  2.473   1.00 84.91 ? 199 HOH A O   1 
HETATM 946  O O   . HOH C 3 .   ? 1.559   23.041  -10.075 1.00 67.77 ? 200 HOH A O   1 
HETATM 947  O O   . HOH C 3 .   ? -3.717  -23.955 6.606   1.00 71.17 ? 201 HOH A O   1 
HETATM 948  O O   . HOH C 3 .   ? 3.043   -19.353 3.675   1.00 70.48 ? 202 HOH A O   1 
HETATM 949  O O   . HOH C 3 .   ? 9.208   -8.696  2.721   1.00 68.99 ? 203 HOH A O   1 
HETATM 950  O O   . HOH C 3 .   ? -14.682 -35.373 5.569   1.00 58.29 ? 204 HOH A O   1 
HETATM 951  O O   . HOH C 3 .   ? 15.110  21.477  1.654   1.00 78.99 ? 205 HOH A O   1 
HETATM 952  O O   . HOH C 3 .   ? -7.108  -30.526 2.991   1.00 70.43 ? 206 HOH A O   1 
HETATM 953  O O   . HOH C 3 .   ? -11.113 -10.477 17.280  1.00 65.13 ? 207 HOH A O   1 
HETATM 954  O O   . HOH C 3 .   ? 4.722   -12.039 3.490   1.00 54.19 ? 208 HOH A O   1 
HETATM 955  O O   . HOH C 3 .   ? 15.029  10.968  -5.662  1.00 79.78 ? 209 HOH A O   1 
HETATM 956  O O   . HOH C 3 .   ? 7.045   -6.261  6.175   1.00 58.85 ? 210 HOH A O   1 
HETATM 957  O O   . HOH C 3 .   ? -5.858  0.686   -6.210  1.00 79.52 ? 211 HOH A O   1 
HETATM 958  O O   . HOH C 3 .   ? -8.840  1.777   3.369   1.00 79.44 ? 212 HOH A O   1 
HETATM 959  O O   . HOH C 3 .   ? -31.006 -42.543 3.745   1.00 70.60 ? 213 HOH A O   1 
HETATM 960  O O   . HOH C 3 .   ? -13.464 -12.842 17.475  1.00 70.56 ? 214 HOH A O   1 
HETATM 961  O O   . HOH C 3 .   ? -1.674  11.277  4.917   1.00 75.46 ? 215 HOH A O   1 
HETATM 962  O O   . HOH C 3 .   ? 15.665  34.570  -4.877  1.00 75.17 ? 216 HOH A O   1 
HETATM 963  O O   . HOH C 3 .   ? 2.525   -0.505  -4.241  1.00 59.75 ? 217 HOH A O   1 
HETATM 964  O O   . HOH C 3 .   ? 1.259   9.289   7.832   1.00 80.77 ? 218 HOH A O   1 
HETATM 965  O O   . HOH C 3 .   ? 15.543  36.075  -14.292 1.00 68.53 ? 219 HOH A O   1 
HETATM 966  O O   . HOH C 3 .   ? -10.507 -3.732  5.843   1.00 69.81 ? 220 HOH A O   1 
HETATM 967  O O   . HOH C 3 .   ? 11.505  6.386   4.058   1.00 62.23 ? 221 HOH A O   1 
HETATM 968  O O   . HOH C 3 .   ? -8.827  0.124   0.362   1.00 86.97 ? 222 HOH A O   1 
HETATM 969  O O   . HOH C 3 .   ? -5.923  -29.438 5.334   1.00 75.41 ? 223 HOH A O   1 
HETATM 970  O O   . HOH C 3 .   ? -11.828 -4.579  9.811   1.00 61.44 ? 224 HOH A O   1 
HETATM 971  O O   . HOH C 3 .   ? -31.712 -40.290 4.767   1.00 73.61 ? 225 HOH A O   1 
HETATM 972  O O   . HOH C 3 .   ? -7.114  -1.345  -1.770  1.00 82.48 ? 226 HOH A O   1 
HETATM 973  O O   . HOH C 3 .   ? -19.701 -37.036 2.992   1.00 55.41 ? 227 HOH A O   1 
HETATM 974  O O   . HOH C 3 .   ? 2.074   21.982  -13.955 1.00 46.41 ? 228 HOH A O   1 
HETATM 975  O O   . HOH C 3 .   ? -16.355 -34.224 12.071  1.00 51.85 ? 229 HOH A O   1 
HETATM 976  O O   . HOH C 3 .   ? -9.958  -20.675 10.357  1.00 51.42 ? 230 HOH A O   1 
HETATM 977  O O   . HOH C 3 .   ? -11.521 -8.942  6.043   1.00 50.68 ? 231 HOH A O   1 
HETATM 978  O O   . HOH C 3 .   ? -10.868 -3.966  12.396  1.00 54.20 ? 232 HOH A O   1 
HETATM 979  O O   . HOH C 3 .   ? -10.422 -6.586  8.642   1.00 50.55 ? 233 HOH A O   1 
HETATM 980  O O   . HOH C 3 .   ? 1.989   2.967   7.121   1.00 56.98 ? 234 HOH A O   1 
HETATM 981  O O   . HOH C 3 .   ? 14.666  32.535  -21.475 1.00 68.35 ? 235 HOH A O   1 
HETATM 982  O O   . HOH C 3 .   ? 9.647   -2.651  5.423   1.00 57.63 ? 236 HOH A O   1 
HETATM 983  O O   . HOH C 3 .   ? 8.894   3.907   8.204   1.00 75.08 ? 237 HOH A O   1 
HETATM 984  O O   . HOH C 3 .   ? 0.182   -0.797  -2.830  1.00 52.93 ? 238 HOH A O   1 
HETATM 985  O O   . HOH C 3 .   ? -6.801  -17.347 -2.131  1.00 66.99 ? 239 HOH A O   1 
HETATM 986  O O   . HOH C 3 .   ? 2.595   -9.595  -3.797  1.00 63.24 ? 240 HOH A O   1 
HETATM 987  O O   . HOH C 3 .   ? 7.735   5.834   -7.521  1.00 65.55 ? 241 HOH A O   1 
HETATM 988  O O   . HOH C 3 .   ? 3.147   24.464  -8.101  1.00 62.72 ? 242 HOH A O   1 
HETATM 989  O O   . HOH C 3 .   ? -0.886  15.542  -10.881 1.00 63.88 ? 243 HOH A O   1 
HETATM 990  O O   . HOH C 3 .   ? 5.461   -3.220  -4.898  1.00 70.56 ? 244 HOH A O   1 
HETATM 991  O O   . HOH C 3 .   ? 4.182   12.741  2.716   1.00 79.15 ? 245 HOH A O   1 
HETATM 992  O O   . HOH C 3 .   ? -3.222  -2.838  14.679  1.00 60.28 ? 246 HOH A O   1 
HETATM 993  O O   . HOH C 3 .   ? -28.736 -46.016 5.394   1.00 78.78 ? 247 HOH A O   1 
HETATM 994  O O   . HOH C 3 .   ? 11.729  33.673  -4.876  1.00 71.79 ? 248 HOH A O   1 
HETATM 995  O O   . HOH C 3 .   ? -1.101  -3.233  -3.130  1.00 59.31 ? 249 HOH A O   1 
HETATM 996  O O   . HOH C 3 .   ? -1.108  24.030  -11.709 1.00 77.74 ? 250 HOH A O   1 
HETATM 997  O O   . HOH C 3 .   ? -17.902 -31.004 1.385   1.00 61.94 ? 251 HOH A O   1 
HETATM 998  O O   . HOH C 3 .   ? -9.199  -5.533  16.189  1.00 51.18 ? 252 HOH A O   1 
HETATM 999  O O   . HOH C 3 .   ? 1.682   0.860   -6.503  1.00 73.96 ? 253 HOH A O   1 
HETATM 1000 O O   . HOH C 3 .   ? -4.794  4.573   5.485   1.00 66.32 ? 254 HOH A O   1 
HETATM 1001 O O   . HOH C 3 .   ? -6.676  -2.713  0.726   1.00 76.06 ? 255 HOH A O   1 
HETATM 1002 O O   . HOH C 3 .   ? -6.301  5.979   -1.191  1.00 61.62 ? 256 HOH A O   1 
HETATM 1003 O O   . HOH C 3 .   ? 5.989   25.180  -8.146  1.00 69.13 ? 257 HOH A O   1 
HETATM 1004 O O   . HOH C 3 .   ? 4.046   10.744  6.460   1.00 76.19 ? 258 HOH A O   1 
HETATM 1005 O O   . HOH C 3 .   ? -29.557 -38.221 8.736   1.00 73.75 ? 259 HOH A O   1 
HETATM 1006 O O   . HOH C 3 .   ? 11.655  -4.121  3.776   1.00 79.87 ? 260 HOH A O   1 
HETATM 1007 O O   . HOH C 3 .   ? 2.016   16.964  -2.990  1.00 58.56 ? 261 HOH A O   1 
HETATM 1008 O O   . HOH C 3 .   ? 16.798  18.935  4.219   1.00 77.29 ? 262 HOH A O   1 
HETATM 1009 O O   . HOH C 3 .   ? -10.876 -31.461 2.954   1.00 75.06 ? 263 HOH A O   1 
HETATM 1010 O O   . HOH C 3 .   ? 6.010   2.039   -6.174  1.00 64.57 ? 264 HOH A O   1 
HETATM 1011 O O   . HOH C 3 .   ? 2.735   17.063  3.258   1.00 70.38 ? 265 HOH A O   1 
HETATM 1012 O O   . HOH C 3 .   ? 7.271   26.463  -5.050  1.00 75.19 ? 266 HOH A O   1 
HETATM 1013 O O   . HOH C 3 .   ? 13.668  25.871  -1.373  1.00 71.15 ? 267 HOH A O   1 
HETATM 1014 O O   . HOH C 3 .   ? -11.384 -31.490 11.525  1.00 60.64 ? 268 HOH A O   1 
HETATM 1015 O O   . HOH C 3 .   ? 1.234   13.056  6.216   1.00 75.39 ? 269 HOH A O   1 
HETATM 1016 O O   . HOH C 3 .   ? -0.539  -22.724 7.306   1.00 80.44 ? 270 HOH A O   1 
HETATM 1017 O O   . HOH C 3 .   ? -4.331  -29.721 7.305   1.00 77.97 ? 271 HOH A O   1 
HETATM 1018 O O   . HOH C 3 .   ? -9.105  -6.552  1.772   1.00 72.22 ? 272 HOH A O   1 
HETATM 1019 O O   . HOH C 3 .   ? -4.378  -3.854  -3.517  1.00 77.07 ? 273 HOH A O   1 
HETATM 1020 O O   . HOH C 3 .   ? 17.640  37.615  -17.742 1.00 61.77 ? 274 HOH A O   1 
HETATM 1021 O O   . HOH C 3 .   ? -0.592  1.816   9.707   1.00 61.35 ? 275 HOH A O   1 
HETATM 1022 O O   . HOH C 3 .   ? -9.258  -8.055  18.252  1.00 76.57 ? 276 HOH A O   1 
HETATM 1023 O O   . HOH C 3 .   ? -29.366 -31.845 4.843   1.00 82.35 ? 277 HOH A O   1 
HETATM 1024 O O   . HOH C 3 .   ? 20.957  26.735  -5.705  1.00 64.52 ? 278 HOH A O   1 
HETATM 1025 O O   . HOH C 3 .   ? -10.694 -34.359 11.110  1.00 84.10 ? 279 HOH A O   1 
HETATM 1026 O O   . HOH C 3 .   ? 18.769  18.955  1.973   1.00 67.45 ? 280 HOH A O   1 
HETATM 1027 O O   . HOH C 3 .   ? -1.372  -22.256 0.799   1.00 76.63 ? 281 HOH A O   1 
HETATM 1028 O O   . HOH C 3 .   ? 6.774   33.488  -15.489 1.00 57.31 ? 282 HOH A O   1 
HETATM 1029 O O   . HOH C 3 .   ? -6.339  -10.160 -3.112  1.00 63.79 ? 283 HOH A O   1 
HETATM 1030 O O   . HOH C 3 .   ? 5.531   30.471  -13.831 1.00 67.85 ? 284 HOH A O   1 
HETATM 1031 O O   . HOH C 3 .   ? -3.828  5.515   -5.475  1.00 73.05 ? 285 HOH A O   1 
HETATM 1032 O O   . HOH C 3 .   ? 1.512   19.338  -0.934  1.00 79.38 ? 286 HOH A O   1 
HETATM 1033 O O   . HOH C 3 .   ? -3.409  -6.529  18.527  1.00 69.32 ? 287 HOH A O   1 
HETATM 1034 O O   . HOH C 3 .   ? -5.188  -1.931  13.003  1.00 59.83 ? 288 HOH A O   1 
HETATM 1035 O O   . HOH C 3 .   ? -27.665 -31.726 2.415   1.00 88.12 ? 289 HOH A O   1 
HETATM 1036 O O   . HOH C 3 .   ? 20.770  20.735  -2.254  1.00 67.43 ? 290 HOH A O   1 
HETATM 1037 O O   . HOH C 3 .   ? -8.197  3.914   0.051   1.00 61.01 ? 291 HOH A O   1 
HETATM 1038 O O   . HOH C 3 .   ? -8.032  0.189   6.542   1.00 58.79 ? 292 HOH A O   1 
# 
